data_8R3K
#
_entry.id   8R3K
#
_cell.length_a   1.00
_cell.length_b   1.00
_cell.length_c   1.00
_cell.angle_alpha   90.00
_cell.angle_beta   90.00
_cell.angle_gamma   90.00
#
_symmetry.space_group_name_H-M   'P 1'
#
loop_
_entity.id
_entity.type
_entity.pdbx_description
1 polymer 'Polymerase acidic protein'
2 polymer 'RNA-directed RNA polymerase catalytic subunit'
3 polymer 'Polymerase basic protein 2'
4 polymer '51-mer vRNA loop (v51_mut_S)'
5 polymer 'RNA product'
6 polymer 'RNA Pol II CTD 6 repeats (site 1A/2A)'
7 non-polymer 'PYROPHOSPHATE 2-'
8 non-polymer 'MAGNESIUM ION'
#
loop_
_entity_poly.entity_id
_entity_poly.type
_entity_poly.pdbx_seq_one_letter_code
_entity_poly.pdbx_strand_id
1 'polypeptide(L)'
;MEDFVRQCFNPMIVELAEKAMKEYGEDPKIETNKFASICTHLEVCFMYSDFHFIDERGESTIIESGDPNVLLKHRFEIIE
GRDRTMAWTVVNSICNTTGVEKPKFLPDLYDYKENRFIEIGVTRREVHIYYLEKANKIKSEKTHIHIFSFTGEEMATKAD
YTLDEESRARIKTRLFTIRQEMASRGLWDSFRQSERGEETIEERFEITGTMRRLADQSLPPNFSSLENFRAYVDGFEPNG
CIEGKLSQMSKEVNARIEPFLRTTPRPLRLPDGPPCSQRSKFLLMDALKLSIEDPSHEGEGIPLYDAIKCMKTFFGWKEP
NIIKPHEKGINPNYLLTWKQVLAELQDIKNEEKIPRTKNMKKTSQLKWALGENMAPEKVDFEDCKDVNDLKQYDSDEPEP
RSLACWIQSEFNKACELTDSSWVELDEIGEDVAPIEHIASMRRNYFTAEVSHCRATEYIMKGVYINTALLNASCAAMDDF
QLIPMISKCITKEGRRKTNLYGFIIKGRSHLRNDTDVVNFVSMEFSLTDPRLEPHKWEKYCVLEIGDMLLRTAVGQVSRP
MFLYVRTNGTSKIKMKWGMEMRRCLLQSLQQIESMIEAESSVKEKDLTKEFFENKSETWPIGESPKGVEEGSIGKVCRTL
LAKSVFNSLYASPQLEGFSAESRKLLLIVQALRDNLEPGTFDLEGLYEAIEECLINDPWVLLNASWFNSFLTHALR
;
A
2 'polypeptide(L)'
;MDVNPTLLFLKVPVQNAISTTFPYTGDPPYSHGTGTGYTMDTVNRTHKYSEKGKWTTNTETGAPQLNPIDGPLPEDNEPS
GYAQTDCVLEAMAFLEESHPGIFENSCLETMEIVQQTRVDKLTQGRQTYDWTLNRNQPAATALANTIEVFRSNGLTANES
GRLIDFLKDVMDSMDKEEMEITTHFQRKRRVRDNMTKKMVTQRTIGKKKQRLNKRSYLIRALTLNTMTKDAERGKLKRRA
IATPGMQIRGFVYFVEALARSICEKLEQSGLPVGGNEKKAKLANVVRKMMTNSQDTELSFTITGDNTKWNENQNPRMFLA
MITYITRNQPEWFRNVLSIAPIMFSNKMARLGKGYMFESKSMKLRTQVPAEMLANIDLKYFNKSTREKIEKIRPLLIDGT
ASLSPGMMMGMFNMLSTVLGVSILNLGQKKYTKTTYWWDGLQSSDDFALIVNAPNHEGIQAGVDRFYRTCKLVGINMSKK
KSYINRTGTFEFTSFFYRYGFVANFSMELPSFGVSGINESADMSVGVTVIKNNMINNDLGPATAQMALQLFIKDYRYTYR
CHRGDTQIQTRRAFELGKLWEQTRSKAGLLVSDGGPNLYNIRNLHIPEVCLKWELMDEDYQGRLCNPMNPFVSHKEIDSV
NNAVVMPAHGPAKSMEYDAVATTHSWIPKRNRSILNTSQRGILEDEQMYQKCCNLFEKFFPSSSYRRPVGISSMVEAMVS
RARIDARIDFESGRIKKEEFAEIMKICSTIEELRRQK
;
B
3 'polypeptide(L)'
;MERIKELRDLMSQSRTREILTKTTVDHMAIIKKYTSGRQEKNPALRMKWMMAMKYPITADKRIMEMIPERNEQRQTLWSK
TNDAGSDRVMVSPLAVTWWNRNGPTTSTVHYPKVYKTYFEKVERLKHGTFGPVHFRNQVKIRRRVDINPGHADLSAKEAQ
DVIMEVVFPNEVGARILTSESQLTITKEKKKELQDCKIAPLMVAYMLERELVRKTRFLPVAGGTSSVYIEVLHLTQGTCW
EQMYTPGGEVRNDDVDQSLIIAARNIVRRATVSADPLASLLEMCHSTQIGGVRMVDILRQNPTEEQAVDICKAAMGLRIS
SSFSFGGFTFKRTSGSSVKREEEVLTGNLQTLKIRVHEGYEEFTMVGRRATAILRKATRRLIQLIVSGKDEQSIAEAIIV
AMVFSQEDCMIKAVRGDLNFVNRANQRLNPMHQLLRHFQKDAKVLFQNWGIEPIDNVMGMIGILPDMTPSTEMSLRGVRV
SKMGVDEYSSTERVVVSIDRFLRVRDQRGNVLLSPEEVSETQGTEKLTITYSSSMMWEINGPESVLVNTYQWIIRNWENV
KIQWSQDPTMLYNKMEFEPFQSLVPKAARGQYSGFVRVLFQQMRDVLGTFDTVQIIKLLPFAAAPPEQSRMQFSSLTVNV
RGSGMRIVVRGNSPVFNYNKATKRLTVLGKDAGALMEDPDEGTAGVESAVLRGFLILGKENKRYGPALSINELSNLAKGE
KANVLIGQGDVVLVMKRKRDSSILTDSQTATKRIRMAINGWSHPQFEKGGGSGGGSGGSAWSHPQFEK
;
C
4 'polyribonucleotide' AGUAGAAACAAGGGUGUAUUUUCCCCUCUUUUUGUUUCCCCUGCUUUUGCU V
5 'polyribonucleotide' GCAAAAGCAGGGGAAACAAAAAGAGGGGAAAAUA M
6 'polypeptide(L)' YSPT(SEP)PSYSPT(SEP)PSYSPT(SEP)PSYSPT(SEP)PSYSPT(SEP)PSYSPT(SEP)PS G
#
# COMPACT_ATOMS: atom_id res chain seq x y z
N MET A 1 -5.45 52.65 2.76
CA MET A 1 -4.62 52.90 1.53
C MET A 1 -5.01 51.93 0.42
N GLU A 2 -5.55 50.77 0.81
CA GLU A 2 -6.05 49.83 -0.19
C GLU A 2 -7.20 50.45 -0.99
N ASP A 3 -8.07 51.20 -0.32
CA ASP A 3 -9.17 51.85 -1.02
C ASP A 3 -8.67 52.81 -2.09
N PHE A 4 -7.63 53.58 -1.78
CA PHE A 4 -7.09 54.53 -2.75
C PHE A 4 -6.55 53.80 -3.98
N VAL A 5 -5.80 52.72 -3.77
CA VAL A 5 -5.24 51.98 -4.90
C VAL A 5 -6.36 51.37 -5.73
N ARG A 6 -7.38 50.83 -5.07
CA ARG A 6 -8.51 50.27 -5.81
C ARG A 6 -9.22 51.34 -6.63
N GLN A 7 -9.39 52.53 -6.07
CA GLN A 7 -10.14 53.60 -6.74
C GLN A 7 -9.32 54.36 -7.77
N CYS A 8 -8.00 54.20 -7.77
CA CYS A 8 -7.14 54.95 -8.68
C CYS A 8 -6.63 54.11 -9.85
N PHE A 9 -6.02 52.96 -9.56
CA PHE A 9 -5.41 52.16 -10.62
C PHE A 9 -6.48 51.39 -11.38
N ASN A 10 -6.11 50.94 -12.58
CA ASN A 10 -7.05 50.23 -13.43
C ASN A 10 -7.45 48.91 -12.80
N PRO A 11 -8.68 48.43 -13.04
CA PRO A 11 -9.08 47.14 -12.46
C PRO A 11 -8.18 45.99 -12.91
N MET A 12 -7.74 46.00 -14.17
CA MET A 12 -6.82 44.97 -14.61
C MET A 12 -5.51 45.04 -13.82
N ILE A 13 -4.96 46.25 -13.67
CA ILE A 13 -3.71 46.40 -12.97
C ILE A 13 -3.84 46.00 -11.51
N VAL A 14 -4.92 46.43 -10.85
CA VAL A 14 -5.10 46.10 -9.44
C VAL A 14 -5.27 44.59 -9.26
N GLU A 15 -6.06 43.96 -10.15
CA GLU A 15 -6.24 42.51 -10.04
C GLU A 15 -4.92 41.78 -10.26
N LEU A 16 -4.13 42.19 -11.26
CA LEU A 16 -2.86 41.53 -11.52
C LEU A 16 -1.91 41.72 -10.35
N ALA A 17 -1.88 42.92 -9.77
CA ALA A 17 -1.01 43.16 -8.62
C ALA A 17 -1.44 42.30 -7.42
N GLU A 18 -2.74 42.19 -7.19
CA GLU A 18 -3.23 41.35 -6.11
C GLU A 18 -2.82 39.89 -6.35
N LYS A 19 -2.95 39.42 -7.59
CA LYS A 19 -2.56 38.04 -7.89
C LYS A 19 -1.07 37.83 -7.66
N ALA A 20 -0.25 38.78 -8.09
CA ALA A 20 1.19 38.64 -7.91
C ALA A 20 1.57 38.67 -6.43
N MET A 21 0.92 39.53 -5.65
CA MET A 21 1.28 39.69 -4.24
C MET A 21 0.75 38.53 -3.40
N LYS A 22 -0.36 37.92 -3.80
CA LYS A 22 -0.93 36.79 -3.07
C LYS A 22 -0.17 35.50 -3.32
N GLU A 23 0.63 35.43 -4.39
CA GLU A 23 1.36 34.20 -4.70
C GLU A 23 2.34 33.82 -3.60
N TYR A 24 2.71 34.78 -2.74
CA TYR A 24 3.65 34.54 -1.65
C TYR A 24 2.97 34.62 -0.28
N GLY A 25 1.66 34.34 -0.23
CA GLY A 25 0.95 34.31 1.02
C GLY A 25 0.91 35.64 1.73
N GLU A 26 0.58 36.71 1.00
CA GLU A 26 0.52 38.06 1.53
C GLU A 26 -0.92 38.55 1.53
N ASP A 27 -1.33 39.16 2.63
CA ASP A 27 -2.68 39.71 2.74
C ASP A 27 -2.73 41.11 2.14
N PRO A 28 -3.77 41.45 1.38
CA PRO A 28 -3.84 42.76 0.77
C PRO A 28 -4.51 43.86 1.59
N LYS A 29 -5.01 43.55 2.79
CA LYS A 29 -5.66 44.58 3.61
C LYS A 29 -4.69 45.16 4.63
N ILE A 30 -3.75 44.35 5.12
CA ILE A 30 -2.78 44.82 6.11
C ILE A 30 -1.49 45.26 5.44
N GLU A 31 -0.95 44.45 4.55
CA GLU A 31 0.25 44.80 3.79
C GLU A 31 -0.20 45.62 2.59
N THR A 32 -0.40 46.92 2.81
CA THR A 32 -0.92 47.82 1.78
C THR A 32 0.17 48.58 1.04
N ASN A 33 1.26 48.94 1.71
CA ASN A 33 2.32 49.67 1.04
C ASN A 33 2.96 48.84 -0.06
N LYS A 34 3.21 47.55 0.21
CA LYS A 34 3.72 46.67 -0.83
C LYS A 34 2.71 46.53 -1.96
N PHE A 35 1.42 46.47 -1.62
CA PHE A 35 0.39 46.39 -2.66
C PHE A 35 0.46 47.60 -3.58
N ALA A 36 0.55 48.79 -3.01
CA ALA A 36 0.62 50.00 -3.82
C ALA A 36 1.91 50.03 -4.64
N SER A 37 3.03 49.60 -4.07
CA SER A 37 4.28 49.58 -4.82
C SER A 37 4.19 48.63 -6.01
N ILE A 38 3.60 47.46 -5.81
CA ILE A 38 3.45 46.49 -6.89
C ILE A 38 2.51 47.05 -7.95
N CYS A 39 1.43 47.70 -7.53
CA CYS A 39 0.51 48.31 -8.50
C CYS A 39 1.22 49.36 -9.35
N THR A 40 2.00 50.22 -8.71
CA THR A 40 2.72 51.26 -9.44
C THR A 40 3.73 50.64 -10.41
N HIS A 41 4.45 49.61 -9.95
CA HIS A 41 5.43 48.96 -10.82
C HIS A 41 4.75 48.33 -12.03
N LEU A 42 3.63 47.66 -11.81
CA LEU A 42 2.92 47.03 -12.92
C LEU A 42 2.37 48.08 -13.88
N GLU A 43 1.83 49.18 -13.35
CA GLU A 43 1.34 50.24 -14.23
C GLU A 43 2.47 50.82 -15.07
N VAL A 44 3.63 51.07 -14.46
CA VAL A 44 4.75 51.62 -15.20
C VAL A 44 5.21 50.64 -16.26
N CYS A 45 5.27 49.36 -15.92
CA CYS A 45 5.69 48.35 -16.90
C CYS A 45 4.72 48.29 -18.06
N PHE A 46 3.41 48.32 -17.78
CA PHE A 46 2.42 48.27 -18.85
C PHE A 46 2.54 49.48 -19.77
N MET A 47 2.67 50.67 -19.19
CA MET A 47 2.79 51.88 -20.00
C MET A 47 4.08 51.85 -20.81
N TYR A 48 5.16 51.31 -20.24
CA TYR A 48 6.41 51.16 -20.98
C TYR A 48 6.23 50.22 -22.17
N SER A 49 5.55 49.09 -21.95
CA SER A 49 5.39 48.10 -23.01
C SER A 49 4.33 48.51 -24.03
N ASP A 50 3.26 49.15 -23.57
CA ASP A 50 2.13 49.44 -24.44
C ASP A 50 2.46 50.54 -25.44
N PHE A 51 1.62 50.66 -26.46
CA PHE A 51 1.73 51.72 -27.47
C PHE A 51 3.10 51.68 -28.16
N HIS A 52 3.52 50.48 -28.54
CA HIS A 52 4.80 50.31 -29.22
C HIS A 52 4.77 48.98 -29.96
N PHE A 53 4.85 49.03 -31.29
CA PHE A 53 4.75 47.85 -32.13
C PHE A 53 5.91 47.83 -33.12
N ILE A 54 6.10 46.67 -33.75
CA ILE A 54 7.15 46.46 -34.75
C ILE A 54 6.48 46.20 -36.08
N ASP A 55 6.84 47.00 -37.09
CA ASP A 55 6.31 46.80 -38.44
C ASP A 55 6.96 45.58 -39.08
N GLU A 56 6.38 45.15 -40.20
CA GLU A 56 6.92 44.01 -40.92
C GLU A 56 8.36 44.25 -41.38
N ARG A 57 8.71 45.52 -41.64
CA ARG A 57 10.08 45.84 -42.00
C ARG A 57 11.05 45.51 -40.87
N GLY A 58 10.60 45.68 -39.63
CA GLY A 58 11.42 45.43 -38.47
C GLY A 58 11.81 46.65 -37.66
N GLU A 59 11.10 47.76 -37.82
CA GLU A 59 11.43 49.02 -37.15
C GLU A 59 10.30 49.41 -36.20
N SER A 60 10.67 50.09 -35.12
CA SER A 60 9.70 50.47 -34.11
C SER A 60 8.66 51.42 -34.69
N THR A 61 7.40 51.22 -34.27
CA THR A 61 6.29 52.07 -34.69
C THR A 61 5.39 52.33 -33.50
N ILE A 62 4.73 53.49 -33.52
CA ILE A 62 3.86 53.92 -32.43
C ILE A 62 2.48 54.19 -33.02
N ILE A 63 1.45 53.64 -32.38
CA ILE A 63 0.07 53.87 -32.80
C ILE A 63 -0.77 54.26 -31.60
N LEU A 72 -0.02 43.10 -35.03
CA LEU A 72 1.33 43.58 -35.28
C LEU A 72 2.26 43.16 -34.15
N LYS A 73 3.52 42.90 -34.50
CA LYS A 73 4.50 42.42 -33.52
C LYS A 73 4.75 43.50 -32.47
N HIS A 74 4.44 43.18 -31.21
CA HIS A 74 4.68 44.12 -30.13
C HIS A 74 6.18 44.32 -29.91
N ARG A 75 6.58 45.58 -29.70
CA ARG A 75 7.97 45.88 -29.43
C ARG A 75 8.43 45.22 -28.14
N PHE A 76 7.64 45.34 -27.08
CA PHE A 76 8.02 44.89 -25.75
C PHE A 76 7.11 43.75 -25.31
N GLU A 77 7.72 42.63 -24.93
CA GLU A 77 6.99 41.50 -24.36
C GLU A 77 7.05 41.60 -22.84
N ILE A 78 5.89 41.58 -22.20
CA ILE A 78 5.80 41.80 -20.77
C ILE A 78 6.10 40.50 -20.04
N ILE A 79 6.97 40.57 -19.04
CA ILE A 79 7.27 39.43 -18.20
C ILE A 79 6.83 39.64 -16.75
N GLU A 80 6.69 40.88 -16.31
CA GLU A 80 6.21 41.15 -14.96
C GLU A 80 4.70 40.97 -14.88
N GLY A 81 4.25 40.54 -13.69
CA GLY A 81 2.85 40.30 -13.45
C GLY A 81 2.39 38.87 -13.69
N ARG A 82 3.16 38.11 -14.46
CA ARG A 82 2.86 36.70 -14.66
C ARG A 82 3.37 35.88 -13.48
N ASP A 83 2.79 34.70 -13.30
CA ASP A 83 3.23 33.82 -12.25
C ASP A 83 4.70 33.46 -12.44
N ARG A 84 5.30 32.90 -11.38
CA ARG A 84 6.69 32.52 -11.44
C ARG A 84 6.93 31.50 -12.55
N THR A 85 6.07 30.49 -12.63
CA THR A 85 6.23 29.47 -13.66
C THR A 85 6.01 30.03 -15.06
N MET A 86 4.93 30.79 -15.23
CA MET A 86 4.64 31.37 -16.55
C MET A 86 5.74 32.33 -16.97
N ALA A 87 6.17 33.20 -16.05
CA ALA A 87 7.23 34.15 -16.37
C ALA A 87 8.51 33.42 -16.73
N TRP A 88 8.86 32.38 -15.97
CA TRP A 88 10.11 31.69 -16.22
C TRP A 88 10.05 30.90 -17.53
N THR A 89 8.89 30.34 -17.87
CA THR A 89 8.81 29.61 -19.14
C THR A 89 8.88 30.56 -20.33
N VAL A 90 8.24 31.74 -20.24
CA VAL A 90 8.36 32.69 -21.33
C VAL A 90 9.82 33.16 -21.45
N VAL A 91 10.47 33.43 -20.32
CA VAL A 91 11.87 33.84 -20.36
C VAL A 91 12.73 32.75 -20.98
N ASN A 92 12.50 31.50 -20.59
CA ASN A 92 13.27 30.40 -21.15
C ASN A 92 13.05 30.27 -22.63
N SER A 93 11.82 30.43 -23.09
CA SER A 93 11.54 30.33 -24.52
C SER A 93 12.26 31.42 -25.29
N ILE A 94 12.17 32.67 -24.81
CA ILE A 94 12.85 33.77 -25.49
C ILE A 94 14.36 33.52 -25.50
N CYS A 95 14.91 33.08 -24.37
CA CYS A 95 16.34 32.80 -24.30
C CYS A 95 16.75 31.72 -25.30
N ASN A 96 15.96 30.65 -25.40
CA ASN A 96 16.29 29.57 -26.32
C ASN A 96 16.23 30.04 -27.77
N THR A 97 15.23 30.85 -28.11
CA THR A 97 15.06 31.26 -29.49
C THR A 97 16.08 32.33 -29.90
N THR A 98 16.05 33.48 -29.24
CA THR A 98 16.92 34.58 -29.63
C THR A 98 18.38 34.32 -29.29
N GLY A 99 18.67 33.33 -28.45
CA GLY A 99 20.05 33.00 -28.13
C GLY A 99 20.74 33.92 -27.16
N VAL A 100 20.00 34.85 -26.54
CA VAL A 100 20.59 35.77 -25.57
C VAL A 100 20.96 34.99 -24.31
N GLU A 101 21.72 35.61 -23.42
CA GLU A 101 22.06 34.97 -22.16
C GLU A 101 20.85 34.93 -21.24
N LYS A 102 20.70 33.84 -20.51
CA LYS A 102 19.55 33.66 -19.62
C LYS A 102 19.73 34.53 -18.38
N PRO A 103 18.80 35.43 -18.07
CA PRO A 103 18.96 36.26 -16.86
C PRO A 103 18.95 35.40 -15.60
N LYS A 104 19.74 35.82 -14.62
CA LYS A 104 19.79 35.11 -13.35
C LYS A 104 18.54 35.36 -12.52
N PHE A 105 18.00 36.58 -12.60
CA PHE A 105 16.78 36.95 -11.89
C PHE A 105 15.69 37.29 -12.89
N LEU A 106 14.47 37.32 -12.41
CA LEU A 106 13.32 37.48 -13.28
C LEU A 106 13.24 38.93 -13.79
N PRO A 107 13.35 39.17 -15.10
CA PRO A 107 13.23 40.54 -15.60
C PRO A 107 11.78 40.99 -15.70
N ASP A 108 11.55 42.18 -16.24
CA ASP A 108 10.20 42.71 -16.42
C ASP A 108 9.77 42.76 -17.87
N LEU A 109 10.58 43.36 -18.75
CA LEU A 109 10.24 43.49 -20.16
C LEU A 109 11.31 42.82 -21.02
N TYR A 110 10.94 42.49 -22.24
CA TYR A 110 11.89 42.02 -23.24
C TYR A 110 11.71 42.83 -24.52
N ASP A 111 12.83 43.37 -25.03
CA ASP A 111 12.83 44.16 -26.25
C ASP A 111 13.34 43.28 -27.39
N TYR A 112 12.49 43.08 -28.40
CA TYR A 112 12.85 42.30 -29.57
C TYR A 112 13.73 43.09 -30.53
N LYS A 113 13.50 44.40 -30.64
CA LYS A 113 14.24 45.20 -31.62
C LYS A 113 15.74 45.12 -31.36
N GLU A 114 16.15 45.23 -30.10
CA GLU A 114 17.55 45.09 -29.72
C GLU A 114 17.83 43.76 -29.04
N ASN A 115 16.80 42.94 -28.80
CA ASN A 115 16.96 41.58 -28.28
C ASN A 115 17.68 41.59 -26.93
N ARG A 116 17.00 42.17 -25.94
CA ARG A 116 17.56 42.19 -24.60
C ARG A 116 16.46 42.36 -23.57
N PHE A 117 16.74 41.88 -22.36
CA PHE A 117 15.83 42.01 -21.24
C PHE A 117 16.03 43.35 -20.55
N ILE A 118 14.92 43.95 -20.10
CA ILE A 118 14.92 45.27 -19.48
C ILE A 118 14.24 45.15 -18.12
N GLU A 119 14.88 45.69 -17.10
CA GLU A 119 14.32 45.71 -15.75
C GLU A 119 13.81 47.12 -15.44
N ILE A 120 12.54 47.20 -15.03
CA ILE A 120 11.88 48.46 -14.74
C ILE A 120 11.80 48.62 -13.23
N GLY A 121 12.31 49.73 -12.72
CA GLY A 121 12.28 49.98 -11.29
C GLY A 121 11.64 51.31 -10.95
N VAL A 122 10.73 51.29 -9.97
CA VAL A 122 10.08 52.50 -9.47
C VAL A 122 10.52 52.69 -8.04
N THR A 123 11.12 53.84 -7.74
CA THR A 123 11.74 54.08 -6.45
C THR A 123 11.28 55.43 -5.92
N ARG A 124 11.44 55.61 -4.60
CA ARG A 124 11.02 56.83 -3.93
C ARG A 124 12.20 57.70 -3.50
N ARG A 125 13.36 57.10 -3.26
CA ARG A 125 14.55 57.85 -2.87
C ARG A 125 15.36 58.21 -4.11
N GLU A 126 16.58 58.69 -3.90
CA GLU A 126 17.39 59.16 -5.02
C GLU A 126 17.73 58.00 -5.96
N VAL A 127 17.81 58.32 -7.25
CA VAL A 127 17.89 57.29 -8.29
C VAL A 127 19.21 56.53 -8.21
N HIS A 128 20.31 57.22 -7.89
CA HIS A 128 21.62 56.59 -8.00
C HIS A 128 21.76 55.43 -7.02
N ILE A 129 21.22 55.57 -5.80
CA ILE A 129 21.31 54.50 -4.83
C ILE A 129 20.58 53.25 -5.35
N TYR A 130 19.37 53.44 -5.86
CA TYR A 130 18.60 52.31 -6.38
C TYR A 130 19.29 51.68 -7.57
N TYR A 131 19.83 52.50 -8.48
CA TYR A 131 20.50 51.94 -9.65
C TYR A 131 21.73 51.14 -9.24
N LEU A 132 22.53 51.65 -8.31
CA LEU A 132 23.70 50.92 -7.85
C LEU A 132 23.29 49.61 -7.18
N GLU A 133 22.26 49.66 -6.34
CA GLU A 133 21.80 48.44 -5.67
C GLU A 133 21.36 47.40 -6.70
N LYS A 134 20.57 47.81 -7.69
CA LYS A 134 20.08 46.87 -8.68
C LYS A 134 21.22 46.31 -9.52
N ALA A 135 22.16 47.16 -9.93
CA ALA A 135 23.28 46.69 -10.73
C ALA A 135 24.12 45.69 -9.96
N ASN A 136 24.38 45.96 -8.67
CA ASN A 136 25.12 45.01 -7.87
C ASN A 136 24.36 43.71 -7.69
N LYS A 137 23.03 43.79 -7.50
CA LYS A 137 22.24 42.59 -7.27
C LYS A 137 22.22 41.70 -8.51
N ILE A 138 21.89 42.26 -9.66
CA ILE A 138 21.81 41.45 -10.88
C ILE A 138 23.20 41.03 -11.35
N LYS A 139 24.18 41.92 -11.23
CA LYS A 139 25.58 41.63 -11.56
C LYS A 139 25.70 40.93 -12.92
N SER A 140 25.29 41.66 -13.96
CA SER A 140 25.35 41.13 -15.32
C SER A 140 25.23 42.29 -16.30
N GLU A 141 26.25 42.52 -17.09
CA GLU A 141 26.23 43.58 -18.10
C GLU A 141 25.58 43.10 -19.39
N LYS A 142 24.37 42.56 -19.27
CA LYS A 142 23.60 42.10 -20.41
C LYS A 142 22.13 42.52 -20.37
N THR A 143 21.58 42.83 -19.21
CA THR A 143 20.19 43.25 -19.07
C THR A 143 20.14 44.72 -18.70
N HIS A 144 19.34 45.49 -19.42
CA HIS A 144 19.23 46.93 -19.18
C HIS A 144 18.37 47.18 -17.96
N ILE A 145 18.74 48.19 -17.18
CA ILE A 145 18.03 48.56 -15.96
C ILE A 145 17.58 50.00 -16.10
N HIS A 146 16.30 50.26 -15.86
CA HIS A 146 15.73 51.60 -16.00
C HIS A 146 15.04 51.95 -14.69
N ILE A 147 15.58 52.93 -13.98
CA ILE A 147 15.04 53.38 -12.69
C ILE A 147 14.18 54.61 -12.92
N PHE A 148 12.96 54.59 -12.42
CA PHE A 148 12.06 55.73 -12.46
C PHE A 148 11.81 56.22 -11.04
N SER A 149 11.66 57.53 -10.90
CA SER A 149 11.47 58.16 -9.60
C SER A 149 10.24 59.06 -9.64
N PHE A 150 9.54 59.12 -8.51
CA PHE A 150 8.39 60.01 -8.39
C PHE A 150 8.78 61.48 -8.40
N THR A 151 10.06 61.80 -8.22
CA THR A 151 10.55 63.17 -8.25
C THR A 151 10.89 63.64 -9.65
N GLY A 152 10.72 62.79 -10.66
CA GLY A 152 11.01 63.17 -12.03
C GLY A 152 12.40 62.84 -12.52
N GLU A 153 13.17 62.09 -11.74
CA GLU A 153 14.53 61.72 -12.12
C GLU A 153 14.55 60.28 -12.59
N GLU A 154 15.11 60.06 -13.79
CA GLU A 154 15.21 58.73 -14.38
C GLU A 154 16.64 58.50 -14.85
N MET A 155 17.13 57.29 -14.63
CA MET A 155 18.48 56.91 -15.05
C MET A 155 18.40 55.54 -15.72
N ALA A 156 19.27 55.35 -16.72
CA ALA A 156 19.31 54.12 -17.50
C ALA A 156 20.75 53.62 -17.55
N THR A 157 20.95 52.49 -18.25
CA THR A 157 22.26 51.92 -18.45
C THR A 157 22.92 52.59 -19.65
N LYS A 158 24.10 53.17 -19.44
CA LYS A 158 24.80 53.95 -20.45
C LYS A 158 23.97 55.11 -20.95
N ALA A 159 23.03 55.59 -20.14
CA ALA A 159 22.15 56.70 -20.53
C ALA A 159 21.42 56.39 -21.83
N ASP A 160 21.08 55.12 -22.03
CA ASP A 160 20.41 54.66 -23.25
C ASP A 160 18.92 54.52 -22.95
N TYR A 161 18.19 55.62 -23.11
CA TYR A 161 16.74 55.62 -22.91
C TYR A 161 16.09 55.26 -24.24
N THR A 162 15.83 53.97 -24.42
CA THR A 162 15.28 53.49 -25.69
C THR A 162 13.91 54.09 -25.96
N LEU A 163 13.07 54.19 -24.93
CA LEU A 163 11.73 54.73 -25.12
C LEU A 163 11.81 56.17 -25.60
N ASP A 164 10.89 56.54 -26.49
CA ASP A 164 10.88 57.89 -27.04
C ASP A 164 10.62 58.91 -25.94
N GLU A 165 11.11 60.13 -26.17
CA GLU A 165 10.98 61.18 -25.17
C GLU A 165 9.52 61.38 -24.75
N GLU A 166 8.60 61.22 -25.69
CA GLU A 166 7.18 61.40 -25.36
C GLU A 166 6.73 60.36 -24.33
N SER A 167 7.11 59.10 -24.53
CA SER A 167 6.70 58.05 -23.60
C SER A 167 7.29 58.29 -22.21
N ARG A 168 8.57 58.67 -22.15
CA ARG A 168 9.20 58.95 -20.86
C ARG A 168 8.52 60.11 -20.18
N ALA A 169 8.17 61.16 -20.93
CA ALA A 169 7.46 62.29 -20.35
C ALA A 169 6.10 61.88 -19.84
N ARG A 170 5.39 61.02 -20.58
CA ARG A 170 4.08 60.56 -20.13
C ARG A 170 4.20 59.77 -18.84
N ILE A 171 5.19 58.88 -18.75
CA ILE A 171 5.38 58.12 -17.52
C ILE A 171 5.74 59.06 -16.38
N LYS A 172 6.56 60.07 -16.66
CA LYS A 172 6.96 61.03 -15.63
C LYS A 172 5.75 61.78 -15.10
N THR A 173 4.86 62.24 -15.98
CA THR A 173 3.69 62.98 -15.51
C THR A 173 2.73 62.06 -14.77
N ARG A 174 2.61 60.81 -15.19
CA ARG A 174 1.79 59.86 -14.44
C ARG A 174 2.35 59.67 -13.03
N LEU A 175 3.67 59.51 -12.91
CA LEU A 175 4.28 59.35 -11.60
C LEU A 175 4.13 60.60 -10.76
N PHE A 176 4.23 61.78 -11.39
CA PHE A 176 4.06 63.03 -10.67
C PHE A 176 2.64 63.16 -10.14
N THR A 177 1.65 62.78 -10.95
CA THR A 177 0.26 62.79 -10.48
C THR A 177 0.07 61.82 -9.32
N ILE A 178 0.66 60.64 -9.42
CA ILE A 178 0.56 59.68 -8.32
C ILE A 178 1.17 60.24 -7.05
N ARG A 179 2.35 60.85 -7.17
CA ARG A 179 3.02 61.43 -6.00
C ARG A 179 2.21 62.57 -5.40
N GLN A 180 1.62 63.40 -6.26
CA GLN A 180 0.77 64.48 -5.75
C GLN A 180 -0.44 63.94 -5.00
N GLU A 181 -1.05 62.87 -5.54
CA GLU A 181 -2.16 62.24 -4.83
C GLU A 181 -1.70 61.67 -3.49
N MET A 182 -0.53 61.04 -3.46
CA MET A 182 0.01 60.52 -2.21
C MET A 182 0.19 61.63 -1.19
N ALA A 183 0.81 62.74 -1.60
CA ALA A 183 1.06 63.84 -0.68
C ALA A 183 -0.24 64.47 -0.20
N SER A 184 -1.23 64.60 -1.09
CA SER A 184 -2.48 65.27 -0.72
C SER A 184 -3.18 64.56 0.42
N ARG A 185 -3.11 63.22 0.45
CA ARG A 185 -3.77 62.43 1.48
C ARG A 185 -2.89 62.22 2.71
N GLY A 186 -1.70 62.82 2.74
CA GLY A 186 -0.85 62.72 3.91
C GLY A 186 -0.41 61.32 4.25
N LEU A 187 -0.04 60.53 3.23
CA LEU A 187 0.45 59.18 3.44
C LEU A 187 1.75 58.92 2.68
N TRP A 188 2.31 59.93 2.02
CA TRP A 188 3.57 59.75 1.31
C TRP A 188 4.74 59.52 2.25
N ASP A 189 4.63 59.95 3.51
CA ASP A 189 5.74 59.76 4.45
C ASP A 189 5.94 58.27 4.75
N SER A 190 4.86 57.57 5.10
CA SER A 190 4.98 56.13 5.35
C SER A 190 5.36 55.40 4.07
N PHE A 191 4.78 55.81 2.94
CA PHE A 191 5.12 55.19 1.67
C PHE A 191 6.61 55.32 1.37
N ARG A 192 7.20 56.46 1.72
CA ARG A 192 8.62 56.68 1.49
C ARG A 192 9.48 55.94 2.50
N GLN A 193 9.01 55.81 3.75
CA GLN A 193 9.82 55.20 4.80
C GLN A 193 9.71 53.69 4.86
N SER A 194 8.72 53.10 4.20
CA SER A 194 8.54 51.65 4.26
C SER A 194 9.27 50.90 3.15
N GLU A 195 9.88 51.61 2.20
CA GLU A 195 10.52 50.95 1.07
C GLU A 195 11.70 50.08 1.49
N ARG A 196 12.27 50.31 2.67
CA ARG A 196 13.48 49.57 3.07
C ARG A 196 13.19 48.09 3.24
N GLY A 197 12.08 47.75 3.89
CA GLY A 197 11.73 46.36 4.16
C GLY A 197 10.72 45.75 3.24
N GLU A 198 10.38 46.38 2.12
CA GLU A 198 9.37 45.83 1.23
C GLU A 198 9.84 44.51 0.60
N GLU A 199 11.14 44.36 0.40
CA GLU A 199 11.68 43.16 -0.26
C GLU A 199 11.72 41.95 0.65
N THR A 200 11.47 42.11 1.95
CA THR A 200 11.53 41.02 2.91
C THR A 200 10.16 40.40 3.08
N ILE A 201 10.12 39.06 3.15
CA ILE A 201 8.89 38.31 3.31
C ILE A 201 8.84 37.81 4.75
N GLU A 202 7.85 38.28 5.50
CA GLU A 202 7.65 37.86 6.89
C GLU A 202 6.40 37.00 6.98
N GLU A 203 6.57 35.77 7.44
CA GLU A 203 5.44 34.86 7.60
C GLU A 203 4.58 35.28 8.79
N ARG A 204 3.28 35.10 8.65
CA ARG A 204 2.32 35.37 9.72
C ARG A 204 1.46 34.14 9.93
N PHE A 205 1.39 33.66 11.18
CA PHE A 205 0.50 32.58 11.53
C PHE A 205 0.08 32.81 12.98
N GLU A 206 -1.07 33.44 13.17
CA GLU A 206 -1.55 33.83 14.49
C GLU A 206 -2.78 33.00 14.85
N ILE A 207 -2.77 32.41 16.04
CA ILE A 207 -3.89 31.62 16.53
C ILE A 207 -4.86 32.58 17.21
N THR A 208 -6.06 32.72 16.64
CA THR A 208 -7.06 33.63 17.17
C THR A 208 -8.43 33.00 17.05
N GLY A 209 -9.38 33.53 17.83
CA GLY A 209 -10.74 33.08 17.78
C GLY A 209 -10.95 31.72 18.41
N THR A 210 -11.68 30.84 17.71
CA THR A 210 -12.01 29.54 18.27
C THR A 210 -10.75 28.74 18.59
N MET A 211 -9.76 28.77 17.68
CA MET A 211 -8.56 27.98 17.89
C MET A 211 -7.77 28.46 19.09
N ARG A 212 -7.79 29.77 19.38
CA ARG A 212 -7.11 30.27 20.57
C ARG A 212 -7.71 29.65 21.82
N ARG A 213 -9.03 29.63 21.92
CA ARG A 213 -9.66 29.06 23.10
C ARG A 213 -9.45 27.54 23.16
N LEU A 214 -9.43 26.89 22.00
CA LEU A 214 -9.12 25.47 21.98
C LEU A 214 -7.72 25.21 22.52
N ALA A 215 -6.75 26.06 22.14
CA ALA A 215 -5.40 25.94 22.69
C ALA A 215 -5.40 26.17 24.19
N ASP A 216 -6.16 27.16 24.65
CA ASP A 216 -6.26 27.41 26.08
C ASP A 216 -6.79 26.20 26.85
N GLN A 217 -7.54 25.32 26.18
CA GLN A 217 -8.15 24.17 26.81
C GLN A 217 -7.33 22.90 26.66
N SER A 218 -6.12 22.98 26.11
CA SER A 218 -5.32 21.79 25.85
C SER A 218 -4.01 21.84 26.62
N LEU A 219 -4.09 22.19 27.90
CA LEU A 219 -2.93 22.38 28.76
C LEU A 219 -3.07 21.54 30.02
N PRO A 220 -1.97 21.21 30.68
CA PRO A 220 -2.04 20.48 31.94
C PRO A 220 -2.97 21.18 32.93
N PRO A 221 -3.34 20.51 34.02
CA PRO A 221 -4.40 21.06 34.88
C PRO A 221 -4.11 22.45 35.43
N ASN A 222 -2.86 22.75 35.76
CA ASN A 222 -2.51 23.99 36.46
C ASN A 222 -2.19 25.14 35.53
N PHE A 223 -2.72 25.13 34.31
CA PHE A 223 -2.51 26.20 33.36
C PHE A 223 -3.86 26.71 32.85
N SER A 224 -3.92 28.02 32.58
CA SER A 224 -5.14 28.69 32.17
C SER A 224 -5.11 29.21 30.75
N SER A 225 -3.93 29.44 30.18
CA SER A 225 -3.82 29.97 28.83
C SER A 225 -2.54 29.44 28.18
N LEU A 226 -2.54 29.42 26.85
CA LEU A 226 -1.41 28.86 26.13
C LEU A 226 -0.15 29.69 26.33
N GLU A 227 -0.29 31.02 26.38
CA GLU A 227 0.90 31.86 26.55
C GLU A 227 1.56 31.61 27.90
N ASN A 228 0.75 31.37 28.94
CA ASN A 228 1.33 31.04 30.24
C ASN A 228 2.13 29.75 30.18
N PHE A 229 1.59 28.72 29.52
CA PHE A 229 2.31 27.46 29.39
C PHE A 229 3.59 27.64 28.58
N ARG A 230 3.53 28.43 27.51
CA ARG A 230 4.71 28.67 26.71
C ARG A 230 5.78 29.39 27.52
N ALA A 231 5.38 30.37 28.32
CA ALA A 231 6.34 31.07 29.17
C ALA A 231 6.95 30.12 30.19
N TYR A 232 6.13 29.25 30.78
CA TYR A 232 6.65 28.31 31.77
C TYR A 232 7.67 27.36 31.14
N VAL A 233 7.33 26.77 30.00
CA VAL A 233 8.23 25.81 29.38
C VAL A 233 9.48 26.50 28.87
N ASP A 234 9.35 27.74 28.38
CA ASP A 234 10.52 28.46 27.88
C ASP A 234 11.55 28.67 28.98
N GLY A 235 11.09 29.04 30.17
CA GLY A 235 11.97 29.19 31.32
C GLY A 235 12.23 27.91 32.08
N PHE A 236 11.70 26.79 31.62
CA PHE A 236 11.87 25.52 32.33
C PHE A 236 13.33 25.07 32.27
N GLU A 237 13.82 24.59 33.41
CA GLU A 237 15.14 23.99 33.50
C GLU A 237 15.05 22.70 34.28
N PRO A 238 15.91 21.72 33.99
CA PRO A 238 15.83 20.43 34.69
C PRO A 238 16.58 20.44 36.02
N ASN A 239 15.89 20.12 37.11
CA ASN A 239 16.56 20.01 38.42
C ASN A 239 15.82 18.93 39.22
N GLY A 240 16.30 17.69 39.11
CA GLY A 240 15.86 16.62 39.97
C GLY A 240 14.37 16.35 39.96
N CYS A 241 13.66 16.71 38.89
CA CYS A 241 12.23 16.45 38.85
C CYS A 241 11.96 14.95 38.71
N ILE A 242 12.66 14.29 37.78
CA ILE A 242 12.45 12.85 37.59
C ILE A 242 12.80 12.10 38.86
N GLU A 243 13.93 12.44 39.49
CA GLU A 243 14.36 11.74 40.70
C GLU A 243 13.37 11.96 41.83
N GLY A 244 12.90 13.18 42.00
CA GLY A 244 11.93 13.45 43.06
C GLY A 244 10.63 12.70 42.83
N LYS A 245 10.13 12.70 41.61
CA LYS A 245 8.89 11.99 41.31
C LYS A 245 9.07 10.48 41.52
N LEU A 246 10.21 9.94 41.12
CA LEU A 246 10.48 8.52 41.35
C LEU A 246 10.51 8.20 42.84
N SER A 247 11.14 9.07 43.63
CA SER A 247 11.16 8.85 45.08
C SER A 247 9.75 8.89 45.65
N GLN A 248 8.93 9.84 45.19
CA GLN A 248 7.54 9.90 45.65
C GLN A 248 6.75 8.69 45.18
N MET A 249 7.14 8.08 44.07
CA MET A 249 6.40 6.95 43.53
C MET A 249 6.49 5.75 44.46
N SER A 250 5.38 5.02 44.58
CA SER A 250 5.35 3.85 45.44
C SER A 250 6.23 2.75 44.89
N LYS A 251 6.87 2.01 45.81
CA LYS A 251 7.78 0.95 45.38
C LYS A 251 7.06 -0.22 44.74
N GLU A 252 5.74 -0.31 44.89
CA GLU A 252 4.97 -1.39 44.28
C GLU A 252 4.90 -1.27 42.77
N VAL A 253 5.24 -0.11 42.21
CA VAL A 253 5.32 0.07 40.76
C VAL A 253 6.72 -0.33 40.34
N ASN A 254 6.88 -1.59 39.94
CA ASN A 254 8.18 -2.14 39.62
C ASN A 254 8.01 -3.27 38.61
N ALA A 255 9.14 -3.74 38.09
CA ALA A 255 9.18 -4.86 37.15
C ALA A 255 10.09 -5.92 37.74
N ARG A 256 9.52 -6.79 38.58
CA ARG A 256 10.29 -7.85 39.20
C ARG A 256 10.55 -8.96 38.20
N ILE A 257 11.81 -9.40 38.12
CA ILE A 257 12.21 -10.42 37.17
C ILE A 257 12.11 -11.78 37.87
N GLU A 258 11.10 -12.55 37.52
CA GLU A 258 10.95 -13.90 38.07
C GLU A 258 11.75 -14.87 37.22
N PRO A 259 12.74 -15.56 37.78
CA PRO A 259 13.57 -16.45 36.95
C PRO A 259 12.75 -17.51 36.26
N PHE A 260 13.11 -17.81 35.01
CA PHE A 260 12.46 -18.86 34.23
C PHE A 260 13.33 -20.11 34.31
N LEU A 261 13.18 -20.84 35.40
CA LEU A 261 13.94 -22.06 35.62
C LEU A 261 13.29 -23.23 34.88
N ARG A 262 13.96 -24.38 34.91
CA ARG A 262 13.47 -25.55 34.20
C ARG A 262 12.18 -26.10 34.81
N THR A 263 11.86 -25.73 36.04
CA THR A 263 10.65 -26.17 36.70
C THR A 263 9.52 -25.15 36.63
N THR A 264 9.75 -24.00 36.02
CA THR A 264 8.76 -22.94 35.95
C THR A 264 7.66 -23.23 34.93
N PRO A 265 7.99 -23.57 33.68
CA PRO A 265 6.94 -23.74 32.67
C PRO A 265 5.98 -24.87 33.04
N ARG A 266 4.72 -24.70 32.65
CA ARG A 266 3.67 -25.67 32.89
C ARG A 266 2.92 -25.94 31.59
N PRO A 267 2.31 -27.12 31.46
CA PRO A 267 1.57 -27.42 30.24
C PRO A 267 0.38 -26.49 30.06
N LEU A 268 0.08 -26.19 28.80
CA LEU A 268 -1.09 -25.37 28.48
C LEU A 268 -2.36 -26.10 28.88
N ARG A 269 -3.37 -25.33 29.26
CA ARG A 269 -4.65 -25.87 29.72
C ARG A 269 -5.63 -25.84 28.55
N LEU A 270 -5.80 -26.99 27.89
CA LEU A 270 -6.71 -27.08 26.78
C LEU A 270 -8.16 -27.00 27.25
N PRO A 271 -9.07 -26.57 26.39
CA PRO A 271 -10.47 -26.43 26.82
C PRO A 271 -11.14 -27.78 27.00
N ASP A 272 -12.36 -27.71 27.57
CA ASP A 272 -13.17 -28.90 27.82
C ASP A 272 -14.49 -28.77 27.08
N GLY A 273 -15.00 -29.90 26.60
CA GLY A 273 -16.25 -29.93 25.88
C GLY A 273 -16.33 -31.12 24.94
N PRO A 274 -17.34 -31.13 24.07
CA PRO A 274 -17.43 -32.22 23.09
C PRO A 274 -16.25 -32.18 22.15
N PRO A 275 -15.82 -33.33 21.64
CA PRO A 275 -14.66 -33.34 20.74
C PRO A 275 -14.89 -32.48 19.51
N CYS A 276 -13.82 -31.83 19.05
CA CYS A 276 -13.89 -31.02 17.85
C CYS A 276 -14.07 -31.91 16.61
N SER A 277 -14.86 -31.43 15.67
CA SER A 277 -15.20 -32.18 14.47
C SER A 277 -14.49 -31.60 13.25
N GLN A 278 -14.41 -32.43 12.21
CA GLN A 278 -13.81 -31.99 10.95
C GLN A 278 -14.54 -30.77 10.42
N ARG A 279 -13.76 -29.80 9.93
CA ARG A 279 -14.32 -28.58 9.36
C ARG A 279 -13.68 -28.22 8.02
N SER A 280 -12.86 -29.10 7.45
CA SER A 280 -12.23 -28.82 6.18
C SER A 280 -13.26 -28.75 5.06
N LYS A 281 -12.91 -28.03 3.99
CA LYS A 281 -13.81 -27.90 2.85
C LYS A 281 -13.98 -29.22 2.11
N PHE A 282 -13.14 -30.22 2.39
CA PHE A 282 -13.26 -31.51 1.74
C PHE A 282 -12.58 -32.55 2.63
N LEU A 283 -12.93 -33.82 2.39
CA LEU A 283 -12.28 -34.90 3.09
C LEU A 283 -10.80 -34.96 2.74
N LEU A 284 -9.98 -35.34 3.71
CA LEU A 284 -8.54 -35.40 3.53
C LEU A 284 -8.02 -36.84 3.51
N MET A 285 -8.29 -37.61 4.58
CA MET A 285 -7.86 -38.99 4.64
C MET A 285 -8.97 -39.98 4.30
N ASP A 286 -10.23 -39.58 4.42
CA ASP A 286 -11.36 -40.44 4.14
C ASP A 286 -11.86 -40.30 2.70
N ALA A 287 -11.25 -39.42 1.91
CA ALA A 287 -11.70 -39.23 0.54
C ALA A 287 -11.41 -40.46 -0.30
N LEU A 288 -12.37 -40.82 -1.16
CA LEU A 288 -12.20 -41.86 -2.15
C LEU A 288 -12.32 -41.24 -3.53
N LYS A 289 -11.47 -41.64 -4.45
CA LYS A 289 -11.42 -41.08 -5.79
C LYS A 289 -11.64 -42.18 -6.81
N LEU A 290 -12.58 -41.95 -7.74
CA LEU A 290 -12.78 -42.83 -8.87
C LEU A 290 -11.89 -42.34 -10.02
N SER A 291 -11.05 -43.20 -10.55
CA SER A 291 -10.00 -42.80 -11.46
C SER A 291 -10.18 -43.44 -12.84
N ILE A 292 -9.79 -42.69 -13.87
CA ILE A 292 -9.71 -43.20 -15.23
C ILE A 292 -8.27 -43.05 -15.71
N GLU A 293 -7.79 -44.06 -16.42
CA GLU A 293 -6.39 -44.17 -16.80
C GLU A 293 -6.16 -43.60 -18.19
N ASP A 294 -5.14 -42.75 -18.31
CA ASP A 294 -4.75 -42.16 -19.59
C ASP A 294 -5.96 -41.62 -20.33
N PRO A 295 -6.69 -40.65 -19.76
CA PRO A 295 -7.85 -40.10 -20.46
C PRO A 295 -7.54 -39.73 -21.90
N SER A 296 -8.17 -40.44 -22.84
CA SER A 296 -8.03 -40.16 -24.27
C SER A 296 -9.38 -40.22 -24.95
N HIS A 297 -10.44 -39.93 -24.19
CA HIS A 297 -11.80 -40.00 -24.69
C HIS A 297 -12.23 -38.64 -25.25
N GLU A 298 -13.49 -38.55 -25.64
CA GLU A 298 -14.06 -37.25 -26.03
C GLU A 298 -14.02 -36.30 -24.85
N GLY A 299 -13.70 -35.05 -25.11
CA GLY A 299 -13.53 -34.08 -24.04
C GLY A 299 -12.08 -33.92 -23.65
N GLU A 300 -11.66 -34.61 -22.59
CA GLU A 300 -10.27 -34.58 -22.14
C GLU A 300 -9.85 -33.15 -21.78
N GLY A 301 -10.45 -32.65 -20.71
CA GLY A 301 -10.13 -31.33 -20.20
C GLY A 301 -11.34 -30.60 -19.65
N ILE A 302 -12.52 -30.94 -20.12
CA ILE A 302 -13.75 -30.40 -19.55
C ILE A 302 -14.11 -31.18 -18.29
N PRO A 303 -14.31 -30.52 -17.14
CA PRO A 303 -14.57 -31.29 -15.92
C PRO A 303 -15.76 -32.23 -16.02
N LEU A 304 -16.82 -31.81 -16.72
CA LEU A 304 -18.02 -32.64 -16.76
C LEU A 304 -17.77 -33.97 -17.46
N TYR A 305 -17.04 -33.95 -18.58
CA TYR A 305 -16.77 -35.20 -19.30
C TYR A 305 -15.87 -36.12 -18.48
N ASP A 306 -14.87 -35.55 -17.80
CA ASP A 306 -14.01 -36.36 -16.95
C ASP A 306 -14.81 -36.98 -15.81
N ALA A 307 -15.72 -36.22 -15.22
CA ALA A 307 -16.58 -36.78 -14.17
C ALA A 307 -17.46 -37.89 -14.72
N ILE A 308 -18.01 -37.70 -15.92
CA ILE A 308 -18.83 -38.72 -16.54
C ILE A 308 -18.04 -40.01 -16.70
N LYS A 309 -16.82 -39.89 -17.25
CA LYS A 309 -16.01 -41.09 -17.47
C LYS A 309 -15.60 -41.74 -16.15
N CYS A 310 -15.29 -40.93 -15.14
CA CYS A 310 -14.93 -41.48 -13.84
C CYS A 310 -16.10 -42.26 -13.23
N MET A 311 -17.30 -41.70 -13.32
CA MET A 311 -18.46 -42.40 -12.77
C MET A 311 -18.82 -43.64 -13.59
N LYS A 312 -18.56 -43.61 -14.90
CA LYS A 312 -18.92 -44.74 -15.75
C LYS A 312 -18.11 -45.98 -15.41
N THR A 313 -16.82 -45.82 -15.12
CA THR A 313 -15.94 -46.96 -14.93
C THR A 313 -16.26 -47.79 -13.70
N PHE A 314 -17.10 -47.29 -12.80
CA PHE A 314 -17.46 -47.99 -11.58
C PHE A 314 -18.88 -48.54 -11.70
N PHE A 315 -19.03 -49.85 -11.52
CA PHE A 315 -20.32 -50.51 -11.51
C PHE A 315 -20.60 -51.04 -10.11
N GLY A 316 -21.82 -50.84 -9.63
CA GLY A 316 -22.17 -51.26 -8.29
C GLY A 316 -23.01 -50.25 -7.54
N TRP A 317 -23.42 -49.17 -8.21
CA TRP A 317 -24.30 -48.19 -7.58
C TRP A 317 -25.57 -48.88 -7.09
N LYS A 318 -25.96 -48.59 -5.87
CA LYS A 318 -27.19 -49.10 -5.27
C LYS A 318 -28.04 -47.92 -4.78
N GLU A 319 -29.19 -48.24 -4.21
CA GLU A 319 -30.10 -47.21 -3.74
C GLU A 319 -29.48 -46.51 -2.53
N PRO A 320 -29.32 -45.18 -2.54
CA PRO A 320 -28.77 -44.51 -1.37
C PRO A 320 -29.73 -44.53 -0.19
N ASN A 321 -29.17 -44.44 1.01
CA ASN A 321 -29.97 -44.43 2.22
C ASN A 321 -29.20 -43.69 3.30
N ILE A 322 -29.93 -43.19 4.29
CA ILE A 322 -29.34 -42.46 5.41
C ILE A 322 -28.78 -43.47 6.40
N ILE A 323 -27.48 -43.36 6.70
CA ILE A 323 -26.83 -44.19 7.70
C ILE A 323 -26.32 -43.37 8.88
N LYS A 324 -25.81 -42.17 8.61
CA LYS A 324 -25.34 -41.25 9.65
C LYS A 324 -26.01 -39.91 9.41
N PRO A 325 -27.24 -39.74 9.90
CA PRO A 325 -27.96 -38.50 9.63
C PRO A 325 -27.29 -37.29 10.27
N HIS A 326 -27.44 -36.14 9.61
CA HIS A 326 -27.00 -34.88 10.20
C HIS A 326 -27.98 -34.49 11.28
N GLU A 327 -27.49 -34.33 12.51
CA GLU A 327 -28.39 -34.16 13.66
C GLU A 327 -29.28 -32.93 13.49
N LYS A 328 -28.70 -31.82 13.04
CA LYS A 328 -29.45 -30.59 12.86
C LYS A 328 -30.00 -30.41 11.44
N GLY A 329 -29.63 -31.28 10.51
CA GLY A 329 -30.00 -31.12 9.13
C GLY A 329 -31.13 -32.03 8.69
N ILE A 330 -31.86 -31.59 7.66
CA ILE A 330 -32.96 -32.36 7.09
C ILE A 330 -32.32 -33.37 6.14
N ASN A 331 -32.06 -34.56 6.65
CA ASN A 331 -31.36 -35.58 5.85
C ASN A 331 -32.07 -35.90 4.54
N PRO A 332 -33.41 -36.01 4.49
CA PRO A 332 -34.06 -36.27 3.20
C PRO A 332 -33.68 -35.26 2.13
N ASN A 333 -33.44 -34.01 2.50
CA ASN A 333 -32.99 -33.03 1.52
C ASN A 333 -31.65 -33.42 0.92
N TYR A 334 -30.71 -33.89 1.75
CA TYR A 334 -29.43 -34.36 1.24
C TYR A 334 -29.61 -35.56 0.31
N LEU A 335 -30.47 -36.49 0.72
CA LEU A 335 -30.70 -37.67 -0.12
C LEU A 335 -31.27 -37.25 -1.47
N LEU A 336 -32.26 -36.36 -1.47
CA LEU A 336 -32.85 -35.89 -2.71
C LEU A 336 -31.84 -35.10 -3.55
N THR A 337 -30.92 -34.38 -2.90
CA THR A 337 -29.88 -33.68 -3.65
C THR A 337 -28.98 -34.66 -4.38
N TRP A 338 -28.58 -35.74 -3.70
CA TRP A 338 -27.76 -36.75 -4.37
C TRP A 338 -28.52 -37.40 -5.52
N LYS A 339 -29.79 -37.73 -5.29
CA LYS A 339 -30.60 -38.31 -6.36
C LYS A 339 -30.74 -37.36 -7.53
N GLN A 340 -30.94 -36.07 -7.26
CA GLN A 340 -31.05 -35.08 -8.32
C GLN A 340 -29.75 -34.96 -9.09
N VAL A 341 -28.62 -35.03 -8.40
CA VAL A 341 -27.33 -34.99 -9.09
C VAL A 341 -27.21 -36.18 -10.03
N LEU A 342 -27.57 -37.37 -9.55
CA LEU A 342 -27.48 -38.56 -10.41
C LEU A 342 -28.41 -38.42 -11.62
N ALA A 343 -29.62 -37.92 -11.39
CA ALA A 343 -30.57 -37.75 -12.49
C ALA A 343 -30.07 -36.74 -13.50
N GLU A 344 -29.51 -35.63 -13.03
CA GLU A 344 -28.98 -34.62 -13.94
C GLU A 344 -27.81 -35.17 -14.75
N LEU A 345 -26.93 -35.93 -14.10
CA LEU A 345 -25.81 -36.52 -14.80
C LEU A 345 -26.29 -37.48 -15.88
N GLN A 346 -27.29 -38.31 -15.55
CA GLN A 346 -27.83 -39.22 -16.55
C GLN A 346 -28.47 -38.46 -17.72
N ASP A 347 -29.23 -37.40 -17.41
CA ASP A 347 -29.87 -36.61 -18.46
C ASP A 347 -28.83 -35.99 -19.38
N ILE A 348 -27.75 -35.46 -18.80
CA ILE A 348 -26.68 -34.91 -19.63
C ILE A 348 -26.04 -35.99 -20.48
N LYS A 349 -25.77 -37.16 -19.88
CA LYS A 349 -25.19 -38.26 -20.64
C LYS A 349 -26.09 -38.65 -21.80
N ASN A 350 -27.40 -38.49 -21.65
CA ASN A 350 -28.31 -38.81 -22.74
C ASN A 350 -28.05 -37.93 -23.96
N GLU A 351 -27.85 -36.63 -23.75
CA GLU A 351 -27.66 -35.72 -24.86
C GLU A 351 -26.28 -35.90 -25.49
N GLU A 352 -26.17 -35.45 -26.75
CA GLU A 352 -24.93 -35.61 -27.51
C GLU A 352 -23.94 -34.50 -27.17
N LYS A 353 -24.31 -33.25 -27.44
CA LYS A 353 -23.42 -32.10 -27.20
C LYS A 353 -23.60 -31.63 -25.76
N ILE A 354 -22.90 -32.30 -24.87
CA ILE A 354 -22.95 -31.92 -23.44
C ILE A 354 -22.27 -30.56 -23.28
N PRO A 355 -22.80 -29.67 -22.44
CA PRO A 355 -22.18 -28.34 -22.30
C PRO A 355 -20.93 -28.40 -21.43
N ARG A 356 -20.16 -27.31 -21.49
CA ARG A 356 -18.97 -27.21 -20.65
C ARG A 356 -19.33 -27.17 -19.17
N THR A 357 -20.39 -26.45 -18.82
CA THR A 357 -20.83 -26.32 -17.44
C THR A 357 -22.32 -26.59 -17.36
N LYS A 358 -22.77 -26.94 -16.15
CA LYS A 358 -24.15 -27.33 -15.91
C LYS A 358 -24.75 -26.48 -14.79
N ASN A 359 -26.02 -26.13 -14.95
CA ASN A 359 -26.79 -25.46 -13.91
C ASN A 359 -27.84 -26.43 -13.38
N MET A 360 -27.84 -26.61 -12.06
CA MET A 360 -28.78 -27.52 -11.43
C MET A 360 -30.13 -26.84 -11.22
N LYS A 361 -31.21 -27.59 -11.45
CA LYS A 361 -32.54 -27.03 -11.26
C LYS A 361 -32.74 -26.64 -9.80
N LYS A 362 -33.30 -25.46 -9.58
CA LYS A 362 -33.47 -24.92 -8.23
C LYS A 362 -34.64 -25.64 -7.55
N THR A 363 -34.38 -26.89 -7.18
CA THR A 363 -35.37 -27.71 -6.51
C THR A 363 -35.45 -27.34 -5.02
N SER A 364 -36.46 -27.89 -4.35
CA SER A 364 -36.65 -27.58 -2.94
C SER A 364 -35.47 -28.06 -2.10
N GLN A 365 -34.94 -29.24 -2.40
CA GLN A 365 -33.80 -29.76 -1.64
C GLN A 365 -32.59 -28.84 -1.79
N LEU A 366 -32.32 -28.38 -3.00
CA LEU A 366 -31.22 -27.43 -3.19
C LEU A 366 -31.56 -26.07 -2.61
N LYS A 367 -32.83 -25.70 -2.62
CA LYS A 367 -33.23 -24.43 -2.02
C LYS A 367 -32.91 -24.41 -0.54
N TRP A 368 -33.20 -25.51 0.17
CA TRP A 368 -32.88 -25.56 1.59
C TRP A 368 -31.39 -25.77 1.83
N ALA A 369 -30.76 -26.68 1.09
CA ALA A 369 -29.37 -27.04 1.36
C ALA A 369 -28.44 -25.86 1.13
N LEU A 370 -28.68 -25.08 0.08
CA LEU A 370 -27.83 -23.96 -0.27
C LEU A 370 -28.21 -22.68 0.45
N GLY A 371 -29.13 -22.74 1.40
CA GLY A 371 -29.48 -21.58 2.20
C GLY A 371 -30.07 -20.45 1.39
N GLU A 372 -31.01 -20.77 0.53
CA GLU A 372 -31.65 -19.78 -0.33
C GLU A 372 -32.89 -19.23 0.36
N ASN A 373 -32.96 -17.90 0.47
CA ASN A 373 -34.04 -17.20 1.18
C ASN A 373 -33.98 -17.50 2.67
N MET A 374 -32.77 -17.43 3.23
CA MET A 374 -32.56 -17.52 4.66
C MET A 374 -32.19 -16.20 5.31
N ALA A 375 -31.54 -15.30 4.57
CA ALA A 375 -31.18 -14.01 5.13
C ALA A 375 -32.42 -13.14 5.28
N PRO A 376 -32.65 -12.53 6.44
CA PRO A 376 -33.77 -11.58 6.56
C PRO A 376 -33.61 -10.42 5.59
N GLU A 377 -34.75 -9.93 5.10
CA GLU A 377 -34.72 -8.84 4.13
C GLU A 377 -34.09 -7.60 4.75
N LYS A 378 -33.20 -6.96 4.00
CA LYS A 378 -32.51 -5.76 4.45
C LYS A 378 -33.30 -4.53 4.07
N VAL A 379 -33.60 -3.68 5.06
CA VAL A 379 -34.38 -2.47 4.86
C VAL A 379 -33.71 -1.33 5.61
N ASP A 380 -33.67 -0.15 4.98
CA ASP A 380 -33.01 1.00 5.58
C ASP A 380 -33.70 1.39 6.89
N PHE A 381 -32.90 1.85 7.84
CA PHE A 381 -33.43 2.13 9.18
C PHE A 381 -34.50 3.19 9.16
N GLU A 382 -34.47 4.10 8.17
CA GLU A 382 -35.48 5.15 8.12
C GLU A 382 -36.89 4.58 8.00
N ASP A 383 -37.03 3.39 7.43
CA ASP A 383 -38.31 2.74 7.28
C ASP A 383 -38.48 1.55 8.23
N CYS A 384 -37.72 1.53 9.33
CA CYS A 384 -37.78 0.44 10.30
C CYS A 384 -37.98 0.96 11.72
N LYS A 385 -38.41 2.21 11.87
CA LYS A 385 -38.56 2.78 13.21
C LYS A 385 -39.81 2.27 13.93
N ASP A 386 -40.84 1.89 13.19
CA ASP A 386 -42.11 1.50 13.78
C ASP A 386 -42.12 0.07 14.30
N VAL A 387 -41.10 -0.73 13.98
CA VAL A 387 -41.07 -2.12 14.44
C VAL A 387 -40.60 -2.15 15.89
N ASN A 388 -41.34 -2.87 16.73
CA ASN A 388 -41.10 -2.88 18.17
C ASN A 388 -40.40 -4.15 18.65
N ASP A 389 -39.96 -5.01 17.74
CA ASP A 389 -39.37 -6.30 18.08
C ASP A 389 -37.98 -6.44 17.46
N LEU A 390 -37.16 -5.40 17.62
CA LEU A 390 -35.81 -5.40 17.06
C LEU A 390 -34.81 -5.89 18.10
N LYS A 391 -33.84 -6.67 17.65
CA LYS A 391 -32.82 -7.21 18.55
C LYS A 391 -31.48 -7.19 17.83
N GLN A 392 -30.43 -6.86 18.58
CA GLN A 392 -29.09 -6.79 18.01
C GLN A 392 -28.58 -8.17 17.62
N TYR A 393 -27.75 -8.20 16.59
CA TYR A 393 -27.16 -9.46 16.15
C TYR A 393 -26.38 -10.11 17.28
N ASP A 394 -26.47 -11.44 17.36
CA ASP A 394 -25.73 -12.17 18.39
C ASP A 394 -24.23 -12.07 18.12
N SER A 395 -23.47 -11.91 19.20
CA SER A 395 -22.01 -11.87 19.15
C SER A 395 -21.41 -12.76 20.22
N ASP A 396 -21.96 -13.97 20.37
CA ASP A 396 -21.47 -14.90 21.36
C ASP A 396 -20.14 -15.51 20.94
N GLU A 397 -19.36 -15.92 21.92
CA GLU A 397 -18.05 -16.50 21.66
C GLU A 397 -18.18 -17.92 21.15
N PRO A 398 -17.15 -18.44 20.48
CA PRO A 398 -17.22 -19.82 19.98
C PRO A 398 -17.40 -20.83 21.10
N GLU A 399 -18.15 -21.87 20.82
CA GLU A 399 -18.36 -22.93 21.81
C GLU A 399 -17.05 -23.70 22.02
N PRO A 400 -16.61 -23.87 23.27
CA PRO A 400 -15.38 -24.65 23.49
C PRO A 400 -15.54 -26.09 23.02
N ARG A 401 -14.47 -26.64 22.47
CA ARG A 401 -14.43 -28.03 22.04
C ARG A 401 -13.13 -28.66 22.50
N SER A 402 -13.19 -29.90 22.95
CA SER A 402 -12.00 -30.61 23.39
C SER A 402 -11.24 -31.18 22.21
N LEU A 403 -9.97 -31.48 22.44
CA LEU A 403 -9.12 -32.04 21.40
C LEU A 403 -9.48 -33.49 21.16
N ALA A 404 -9.65 -33.86 19.89
CA ALA A 404 -9.97 -35.22 19.50
C ALA A 404 -8.74 -35.88 18.88
N CYS A 405 -8.79 -37.21 18.81
CA CYS A 405 -7.64 -37.98 18.32
C CYS A 405 -7.59 -38.08 16.81
N TRP A 406 -8.64 -37.68 16.10
CA TRP A 406 -8.67 -37.85 14.65
C TRP A 406 -7.77 -36.86 13.93
N ILE A 407 -7.57 -35.66 14.51
CA ILE A 407 -6.75 -34.66 13.83
C ILE A 407 -5.30 -35.11 13.78
N GLN A 408 -4.81 -35.76 14.84
CA GLN A 408 -3.46 -36.28 14.81
C GLN A 408 -3.28 -37.33 13.72
N SER A 409 -4.27 -38.23 13.58
CA SER A 409 -4.20 -39.24 12.53
C SER A 409 -4.26 -38.59 11.16
N GLU A 410 -5.08 -37.54 11.00
CA GLU A 410 -5.14 -36.85 9.73
C GLU A 410 -3.80 -36.21 9.38
N PHE A 411 -3.16 -35.57 10.36
CA PHE A 411 -1.84 -35.00 10.11
C PHE A 411 -0.83 -36.10 9.77
N ASN A 412 -0.89 -37.23 10.47
CA ASN A 412 0.01 -38.33 10.16
C ASN A 412 -0.18 -38.80 8.72
N LYS A 413 -1.44 -38.92 8.29
CA LYS A 413 -1.71 -39.31 6.91
C LYS A 413 -1.16 -38.27 5.93
N ALA A 414 -1.32 -36.99 6.25
CA ALA A 414 -0.87 -35.93 5.35
C ALA A 414 0.63 -35.97 5.14
N CYS A 415 1.39 -36.54 6.07
CA CYS A 415 2.85 -36.61 5.95
C CYS A 415 3.33 -37.87 5.24
N GLU A 416 2.41 -38.77 4.86
CA GLU A 416 2.82 -40.03 4.27
C GLU A 416 3.38 -39.81 2.86
N LEU A 417 4.07 -40.83 2.38
CA LEU A 417 4.64 -40.82 1.02
C LEU A 417 3.66 -41.53 0.09
N THR A 418 3.34 -40.89 -1.03
CA THR A 418 2.41 -41.42 -2.01
C THR A 418 3.14 -42.05 -3.18
N ASP A 419 2.45 -42.97 -3.85
CA ASP A 419 3.03 -43.63 -5.02
C ASP A 419 3.00 -42.74 -6.26
N SER A 420 1.96 -41.91 -6.41
CA SER A 420 1.74 -41.16 -7.63
C SER A 420 2.20 -39.71 -7.47
N SER A 421 2.84 -39.19 -8.52
CA SER A 421 3.24 -37.79 -8.55
C SER A 421 2.00 -36.91 -8.63
N TRP A 422 2.07 -35.76 -7.94
CA TRP A 422 0.91 -34.87 -7.84
C TRP A 422 1.15 -33.48 -8.41
N VAL A 423 2.40 -33.07 -8.62
CA VAL A 423 2.72 -31.80 -9.26
C VAL A 423 3.78 -32.05 -10.32
N GLU A 424 3.56 -31.53 -11.52
CA GLU A 424 4.50 -31.64 -12.63
C GLU A 424 5.00 -30.22 -12.93
N LEU A 425 6.06 -29.83 -12.24
CA LEU A 425 6.55 -28.46 -12.34
C LEU A 425 7.08 -28.18 -13.74
N ASP A 426 6.95 -26.93 -14.16
CA ASP A 426 7.32 -26.54 -15.52
C ASP A 426 8.84 -26.50 -15.67
N GLU A 427 9.27 -26.36 -16.93
CA GLU A 427 10.68 -26.27 -17.26
C GLU A 427 11.23 -24.89 -16.91
N ILE A 428 12.56 -24.78 -16.91
CA ILE A 428 13.27 -23.54 -16.69
C ILE A 428 14.39 -23.44 -17.71
N GLY A 429 15.17 -22.37 -17.63
CA GLY A 429 16.24 -22.16 -18.58
C GLY A 429 17.38 -23.14 -18.38
N GLU A 430 18.21 -23.23 -19.42
CA GLU A 430 19.37 -24.11 -19.35
C GLU A 430 20.33 -23.65 -18.26
N ASP A 431 20.92 -24.60 -17.56
CA ASP A 431 21.86 -24.32 -16.49
C ASP A 431 23.27 -24.20 -17.06
N VAL A 432 23.97 -23.13 -16.69
CA VAL A 432 25.32 -22.86 -17.15
C VAL A 432 26.30 -22.73 -16.00
N ALA A 433 25.92 -21.98 -14.95
CA ALA A 433 26.81 -21.78 -13.83
C ALA A 433 26.85 -23.03 -12.93
N PRO A 434 27.99 -23.29 -12.26
CA PRO A 434 28.01 -24.41 -11.31
C PRO A 434 26.95 -24.31 -10.24
N ILE A 435 26.69 -23.10 -9.74
CA ILE A 435 25.63 -22.92 -8.76
C ILE A 435 24.30 -23.33 -9.36
N GLU A 436 24.11 -23.10 -10.66
CA GLU A 436 22.89 -23.53 -11.31
C GLU A 436 22.75 -25.04 -11.30
N HIS A 437 23.85 -25.76 -11.53
CA HIS A 437 23.80 -27.22 -11.49
C HIS A 437 23.52 -27.73 -10.08
N ILE A 438 24.13 -27.11 -9.08
CA ILE A 438 23.85 -27.49 -7.69
C ILE A 438 22.38 -27.24 -7.37
N ALA A 439 21.86 -26.09 -7.79
CA ALA A 439 20.45 -25.80 -7.58
C ALA A 439 19.57 -26.82 -8.28
N SER A 440 19.96 -27.24 -9.49
CA SER A 440 19.16 -28.21 -10.23
C SER A 440 19.11 -29.55 -9.53
N MET A 441 20.26 -30.04 -9.05
CA MET A 441 20.25 -31.36 -8.39
C MET A 441 19.49 -31.29 -7.06
N ARG A 442 19.69 -30.22 -6.29
CA ARG A 442 18.95 -30.07 -5.05
C ARG A 442 17.45 -29.96 -5.31
N ARG A 443 17.08 -29.24 -6.38
CA ARG A 443 15.68 -29.13 -6.75
C ARG A 443 15.12 -30.48 -7.18
N ASN A 444 15.91 -31.29 -7.87
CA ASN A 444 15.45 -32.63 -8.23
C ASN A 444 15.15 -33.44 -6.96
N TYR A 445 16.05 -33.38 -5.98
CA TYR A 445 15.81 -34.07 -4.72
C TYR A 445 14.53 -33.57 -4.06
N PHE A 446 14.37 -32.25 -3.97
CA PHE A 446 13.22 -31.68 -3.28
C PHE A 446 11.92 -32.02 -4.00
N THR A 447 11.92 -31.96 -5.33
CA THR A 447 10.73 -32.30 -6.10
C THR A 447 10.38 -33.77 -5.94
N ALA A 448 11.37 -34.65 -5.97
CA ALA A 448 11.10 -36.07 -5.78
C ALA A 448 10.50 -36.33 -4.41
N GLU A 449 11.02 -35.66 -3.38
CA GLU A 449 10.53 -35.87 -2.02
C GLU A 449 9.24 -35.13 -1.72
N VAL A 450 8.85 -34.15 -2.53
CA VAL A 450 7.67 -33.35 -2.27
C VAL A 450 6.52 -33.68 -3.21
N SER A 451 6.80 -34.02 -4.47
CA SER A 451 5.73 -34.35 -5.41
C SER A 451 5.02 -35.65 -5.06
N HIS A 452 5.60 -36.47 -4.18
CA HIS A 452 5.01 -37.74 -3.76
C HIS A 452 4.53 -37.69 -2.31
N CYS A 453 4.09 -36.53 -1.85
CA CYS A 453 3.58 -36.34 -0.50
C CYS A 453 2.10 -36.04 -0.55
N ARG A 454 1.33 -36.70 0.33
CA ARG A 454 -0.11 -36.50 0.35
C ARG A 454 -0.47 -35.03 0.56
N ALA A 455 0.39 -34.28 1.25
CA ALA A 455 0.15 -32.86 1.39
C ALA A 455 0.06 -32.18 0.02
N THR A 456 0.84 -32.65 -0.95
CA THR A 456 0.73 -32.11 -2.29
C THR A 456 -0.59 -32.49 -2.95
N GLU A 457 -1.10 -33.69 -2.65
CA GLU A 457 -2.44 -34.05 -3.14
C GLU A 457 -3.47 -33.08 -2.59
N TYR A 458 -3.39 -32.79 -1.29
CA TYR A 458 -4.34 -31.82 -0.71
C TYR A 458 -4.14 -30.44 -1.32
N ILE A 459 -2.89 -30.06 -1.60
CA ILE A 459 -2.63 -28.77 -2.23
C ILE A 459 -3.34 -28.69 -3.57
N MET A 460 -3.15 -29.70 -4.42
CA MET A 460 -3.77 -29.68 -5.74
C MET A 460 -5.28 -29.71 -5.63
N LYS A 461 -5.82 -30.55 -4.73
CA LYS A 461 -7.27 -30.64 -4.57
C LYS A 461 -7.84 -29.28 -4.17
N GLY A 462 -7.27 -28.65 -3.14
CA GLY A 462 -7.79 -27.38 -2.69
C GLY A 462 -7.64 -26.29 -3.73
N VAL A 463 -6.50 -26.25 -4.42
CA VAL A 463 -6.29 -25.23 -5.44
C VAL A 463 -7.34 -25.36 -6.54
N TYR A 464 -7.52 -26.58 -7.05
CA TYR A 464 -8.50 -26.79 -8.10
C TYR A 464 -9.90 -26.43 -7.63
N ILE A 465 -10.27 -26.86 -6.42
CA ILE A 465 -11.63 -26.64 -5.95
C ILE A 465 -11.89 -25.15 -5.77
N ASN A 466 -10.95 -24.44 -5.17
CA ASN A 466 -11.13 -23.00 -4.96
C ASN A 466 -11.15 -22.26 -6.29
N THR A 467 -10.29 -22.64 -7.23
CA THR A 467 -10.29 -21.98 -8.53
C THR A 467 -11.62 -22.18 -9.24
N ALA A 468 -12.12 -23.42 -9.27
CA ALA A 468 -13.39 -23.69 -9.93
C ALA A 468 -14.52 -22.95 -9.23
N LEU A 469 -14.52 -22.93 -7.91
CA LEU A 469 -15.57 -22.24 -7.17
C LEU A 469 -15.55 -20.74 -7.47
N LEU A 470 -14.36 -20.14 -7.51
CA LEU A 470 -14.27 -18.71 -7.80
C LEU A 470 -14.77 -18.43 -9.21
N ASN A 471 -14.33 -19.22 -10.19
CA ASN A 471 -14.75 -19.00 -11.56
C ASN A 471 -16.26 -19.13 -11.70
N ALA A 472 -16.84 -20.18 -11.10
CA ALA A 472 -18.28 -20.37 -11.19
C ALA A 472 -19.03 -19.25 -10.49
N SER A 473 -18.56 -18.84 -9.31
CA SER A 473 -19.26 -17.81 -8.56
C SER A 473 -19.25 -16.48 -9.30
N CYS A 474 -18.12 -16.11 -9.88
CA CYS A 474 -18.06 -14.83 -10.58
C CYS A 474 -18.80 -14.89 -11.92
N ALA A 475 -18.65 -15.98 -12.66
CA ALA A 475 -19.31 -16.11 -13.95
C ALA A 475 -20.82 -16.26 -13.78
N ALA A 476 -21.24 -17.17 -12.90
CA ALA A 476 -22.66 -17.47 -12.67
C ALA A 476 -23.00 -17.11 -11.24
N MET A 477 -23.79 -16.04 -11.08
CA MET A 477 -24.16 -15.55 -9.75
C MET A 477 -25.56 -15.94 -9.33
N ASP A 478 -26.40 -16.37 -10.27
CA ASP A 478 -27.79 -16.73 -9.97
C ASP A 478 -28.08 -18.20 -10.25
N ASP A 479 -27.06 -19.00 -10.53
CA ASP A 479 -27.24 -20.39 -10.94
C ASP A 479 -26.63 -21.33 -9.91
N PHE A 480 -27.36 -22.39 -9.59
CA PHE A 480 -26.82 -23.49 -8.79
C PHE A 480 -25.99 -24.38 -9.72
N GLN A 481 -24.67 -24.22 -9.65
CA GLN A 481 -23.77 -24.82 -10.64
C GLN A 481 -23.13 -26.09 -10.11
N LEU A 482 -23.00 -27.09 -10.98
CA LEU A 482 -22.37 -28.35 -10.63
C LEU A 482 -20.90 -28.32 -11.00
N ILE A 483 -20.05 -28.68 -10.06
CA ILE A 483 -18.60 -28.66 -10.25
C ILE A 483 -18.02 -29.97 -9.73
N PRO A 484 -17.54 -30.87 -10.57
CA PRO A 484 -16.90 -32.09 -10.05
C PRO A 484 -15.50 -31.78 -9.52
N MET A 485 -15.14 -32.44 -8.42
CA MET A 485 -13.80 -32.29 -7.87
C MET A 485 -12.85 -33.20 -8.64
N ILE A 486 -12.13 -32.62 -9.60
CA ILE A 486 -11.25 -33.36 -10.49
C ILE A 486 -9.81 -33.04 -10.15
N SER A 487 -8.97 -34.08 -10.14
CA SER A 487 -7.54 -33.93 -9.94
C SER A 487 -6.81 -34.80 -10.95
N LYS A 488 -5.56 -34.44 -11.22
CA LYS A 488 -4.71 -35.16 -12.17
C LYS A 488 -3.47 -35.65 -11.44
N CYS A 489 -3.10 -36.90 -11.69
CA CYS A 489 -1.92 -37.49 -11.05
C CYS A 489 -1.17 -38.33 -12.08
N ILE A 490 0.05 -38.71 -11.71
CA ILE A 490 0.88 -39.60 -12.52
C ILE A 490 1.29 -40.75 -11.61
N THR A 491 0.84 -41.96 -11.93
CA THR A 491 1.09 -43.10 -11.07
C THR A 491 2.56 -43.51 -11.14
N LYS A 492 2.91 -44.57 -10.43
CA LYS A 492 4.27 -45.09 -10.46
C LYS A 492 4.66 -45.57 -11.86
N GLU A 493 3.69 -45.88 -12.71
CA GLU A 493 3.96 -46.29 -14.07
C GLU A 493 4.12 -45.12 -15.03
N GLY A 494 3.98 -43.89 -14.54
CA GLY A 494 4.19 -42.73 -15.39
C GLY A 494 3.04 -42.40 -16.31
N ARG A 495 1.85 -42.95 -16.06
CA ARG A 495 0.70 -42.77 -16.93
C ARG A 495 -0.28 -41.79 -16.28
N ARG A 496 -0.70 -40.78 -17.05
CA ARG A 496 -1.63 -39.80 -16.54
C ARG A 496 -2.92 -40.47 -16.10
N LYS A 497 -3.43 -40.04 -14.94
CA LYS A 497 -4.63 -40.63 -14.36
C LYS A 497 -5.50 -39.51 -13.80
N THR A 498 -6.78 -39.53 -14.13
CA THR A 498 -7.72 -38.48 -13.75
C THR A 498 -8.63 -39.01 -12.66
N ASN A 499 -8.65 -38.32 -11.51
CA ASN A 499 -9.39 -38.74 -10.33
C ASN A 499 -10.56 -37.81 -10.07
N LEU A 500 -11.68 -38.39 -9.65
CA LEU A 500 -12.87 -37.64 -9.25
C LEU A 500 -13.18 -37.97 -7.81
N TYR A 501 -13.29 -36.93 -6.97
CA TYR A 501 -13.59 -37.11 -5.56
C TYR A 501 -15.08 -37.00 -5.25
N GLY A 502 -15.85 -36.36 -6.12
CA GLY A 502 -17.27 -36.18 -5.89
C GLY A 502 -17.83 -35.00 -6.65
N PHE A 503 -18.69 -34.22 -6.00
CA PHE A 503 -19.32 -33.08 -6.66
C PHE A 503 -19.54 -31.96 -5.65
N ILE A 504 -19.61 -30.74 -6.17
CA ILE A 504 -19.89 -29.54 -5.38
C ILE A 504 -20.97 -28.75 -6.12
N ILE A 505 -22.08 -28.50 -5.46
CA ILE A 505 -23.13 -27.66 -5.99
C ILE A 505 -22.96 -26.28 -5.38
N LYS A 506 -22.59 -25.32 -6.21
CA LYS A 506 -22.36 -23.94 -5.78
C LYS A 506 -23.67 -23.17 -5.88
N GLY A 507 -24.06 -22.52 -4.78
CA GLY A 507 -25.26 -21.73 -4.74
C GLY A 507 -25.04 -20.32 -5.24
N ARG A 508 -26.01 -19.47 -4.97
CA ARG A 508 -25.93 -18.07 -5.38
C ARG A 508 -24.69 -17.43 -4.79
N SER A 509 -23.95 -16.69 -5.62
CA SER A 509 -22.64 -16.16 -5.27
C SER A 509 -22.58 -14.66 -5.51
N HIS A 510 -23.59 -13.95 -5.02
CA HIS A 510 -23.62 -12.49 -5.12
C HIS A 510 -22.76 -11.93 -3.98
N LEU A 511 -21.45 -11.93 -4.22
CA LEU A 511 -20.47 -11.51 -3.23
C LEU A 511 -20.06 -10.07 -3.50
N ARG A 512 -20.19 -9.22 -2.48
CA ARG A 512 -19.78 -7.82 -2.57
C ARG A 512 -18.60 -7.55 -1.64
N ASN A 513 -18.70 -7.90 -0.37
CA ASN A 513 -17.59 -7.74 0.55
C ASN A 513 -16.63 -8.92 0.43
N ASP A 514 -15.40 -8.70 0.89
CA ASP A 514 -14.42 -9.79 0.93
C ASP A 514 -14.82 -10.90 1.88
N THR A 515 -15.72 -10.63 2.82
CA THR A 515 -16.14 -11.60 3.83
C THR A 515 -17.47 -12.27 3.49
N ASP A 516 -18.13 -11.88 2.40
CA ASP A 516 -19.37 -12.53 2.02
C ASP A 516 -19.10 -13.98 1.63
N VAL A 517 -20.08 -14.84 1.89
CA VAL A 517 -19.91 -16.29 1.78
C VAL A 517 -20.81 -16.82 0.68
N VAL A 518 -20.36 -17.89 0.02
CA VAL A 518 -21.17 -18.65 -0.92
C VAL A 518 -21.43 -20.00 -0.26
N ASN A 519 -22.70 -20.34 -0.07
CA ASN A 519 -23.04 -21.68 0.39
C ASN A 519 -22.92 -22.67 -0.76
N PHE A 520 -22.46 -23.87 -0.45
CA PHE A 520 -22.40 -24.93 -1.44
C PHE A 520 -22.58 -26.27 -0.73
N VAL A 521 -22.88 -27.29 -1.53
CA VAL A 521 -23.13 -28.63 -1.03
C VAL A 521 -22.05 -29.54 -1.60
N SER A 522 -21.30 -30.18 -0.71
CA SER A 522 -20.20 -31.07 -1.09
C SER A 522 -20.60 -32.51 -0.84
N MET A 523 -20.44 -33.35 -1.87
CA MET A 523 -20.71 -34.78 -1.79
C MET A 523 -19.45 -35.51 -2.22
N GLU A 524 -18.82 -36.20 -1.28
CA GLU A 524 -17.51 -36.83 -1.51
C GLU A 524 -17.62 -38.33 -1.31
N PHE A 525 -17.12 -39.09 -2.29
CA PHE A 525 -17.05 -40.54 -2.13
C PHE A 525 -16.03 -40.89 -1.05
N SER A 526 -16.29 -42.00 -0.36
CA SER A 526 -15.38 -42.43 0.69
C SER A 526 -15.60 -43.91 0.97
N LEU A 527 -14.59 -44.52 1.58
CA LEU A 527 -14.68 -45.90 2.07
C LEU A 527 -14.57 -45.98 3.58
N THR A 528 -14.68 -44.86 4.28
CA THR A 528 -14.58 -44.83 5.73
C THR A 528 -15.96 -44.91 6.35
N ASP A 529 -16.16 -45.86 7.25
CA ASP A 529 -17.43 -46.00 7.93
C ASP A 529 -17.63 -44.83 8.88
N PRO A 530 -18.69 -44.02 8.73
CA PRO A 530 -18.85 -42.87 9.62
C PRO A 530 -19.09 -43.23 11.08
N ARG A 531 -19.51 -44.47 11.36
CA ARG A 531 -19.83 -44.87 12.72
C ARG A 531 -18.60 -45.19 13.55
N LEU A 532 -17.42 -45.25 12.94
CA LEU A 532 -16.20 -45.46 13.72
C LEU A 532 -15.87 -44.24 14.57
N GLU A 533 -15.97 -43.05 13.99
CA GLU A 533 -15.72 -41.79 14.70
C GLU A 533 -16.85 -40.82 14.39
N PRO A 534 -18.04 -41.08 14.93
CA PRO A 534 -19.19 -40.20 14.62
C PRO A 534 -18.96 -38.75 14.99
N HIS A 535 -18.27 -38.49 16.10
CA HIS A 535 -18.06 -37.10 16.52
C HIS A 535 -17.28 -36.31 15.48
N LYS A 536 -16.49 -37.00 14.66
CA LYS A 536 -15.73 -36.32 13.62
C LYS A 536 -16.62 -35.84 12.48
N TRP A 537 -17.80 -36.42 12.31
CA TRP A 537 -18.69 -36.13 11.19
C TRP A 537 -19.98 -35.48 11.67
N GLU A 538 -19.86 -34.52 12.59
CA GLU A 538 -21.05 -33.90 13.17
C GLU A 538 -21.87 -33.18 12.11
N LYS A 539 -21.22 -32.45 11.21
CA LYS A 539 -21.92 -31.61 10.24
C LYS A 539 -22.33 -32.34 8.98
N TYR A 540 -21.88 -33.58 8.79
CA TYR A 540 -22.14 -34.32 7.56
C TYR A 540 -23.45 -35.10 7.66
N CYS A 541 -23.84 -35.68 6.53
CA CYS A 541 -24.96 -36.62 6.46
C CYS A 541 -24.53 -37.73 5.51
N VAL A 542 -23.97 -38.80 6.07
CA VAL A 542 -23.29 -39.82 5.28
C VAL A 542 -24.32 -40.80 4.74
N LEU A 543 -24.15 -41.16 3.46
CA LEU A 543 -25.00 -42.14 2.79
C LEU A 543 -24.17 -43.33 2.35
N GLU A 544 -24.79 -44.50 2.30
CA GLU A 544 -24.18 -45.69 1.73
C GLU A 544 -24.66 -45.80 0.29
N ILE A 545 -23.80 -45.41 -0.65
CA ILE A 545 -24.20 -45.26 -2.04
C ILE A 545 -23.79 -46.43 -2.92
N GLY A 546 -22.90 -47.30 -2.45
CA GLY A 546 -22.55 -48.44 -3.30
C GLY A 546 -21.81 -49.51 -2.54
N ASP A 547 -21.44 -50.56 -3.27
CA ASP A 547 -20.60 -51.62 -2.76
C ASP A 547 -19.42 -51.80 -3.71
N MET A 548 -18.22 -51.51 -3.22
CA MET A 548 -17.02 -51.45 -4.05
C MET A 548 -16.26 -52.76 -3.89
N LEU A 549 -15.87 -53.36 -5.01
CA LEU A 549 -15.17 -54.65 -5.00
C LEU A 549 -13.67 -54.38 -5.09
N LEU A 550 -13.08 -54.13 -3.93
CA LEU A 550 -11.67 -53.78 -3.87
C LEU A 550 -10.79 -54.97 -4.20
N ARG A 551 -9.66 -54.68 -4.84
CA ARG A 551 -8.68 -55.69 -5.22
C ARG A 551 -7.57 -55.71 -4.16
N THR A 552 -7.81 -56.48 -3.10
CA THR A 552 -6.81 -56.62 -2.06
C THR A 552 -5.68 -57.54 -2.53
N ALA A 553 -4.57 -57.49 -1.78
CA ALA A 553 -3.43 -58.34 -2.12
C ALA A 553 -3.81 -59.81 -2.03
N VAL A 554 -4.54 -60.19 -0.98
CA VAL A 554 -4.99 -61.57 -0.85
C VAL A 554 -6.03 -61.90 -1.92
N GLY A 555 -6.90 -60.95 -2.25
CA GLY A 555 -7.91 -61.17 -3.26
C GLY A 555 -8.90 -60.03 -3.37
N GLN A 556 -10.15 -60.35 -3.67
CA GLN A 556 -11.21 -59.37 -3.81
C GLN A 556 -12.04 -59.31 -2.53
N VAL A 557 -12.36 -58.10 -2.09
CA VAL A 557 -13.17 -57.90 -0.90
C VAL A 557 -14.23 -56.84 -1.21
N SER A 558 -15.47 -57.12 -0.87
CA SER A 558 -16.57 -56.18 -1.07
C SER A 558 -16.70 -55.31 0.17
N ARG A 559 -16.62 -53.99 -0.01
N ARG A 559 -16.62 -53.99 -0.01
CA ARG A 559 -16.75 -53.07 1.11
CA ARG A 559 -16.75 -53.06 1.10
C ARG A 559 -17.78 -51.99 0.78
C ARG A 559 -17.77 -51.99 0.79
N PRO A 560 -18.55 -51.53 1.77
CA PRO A 560 -19.49 -50.45 1.50
C PRO A 560 -18.76 -49.18 1.10
N MET A 561 -19.36 -48.42 0.18
CA MET A 561 -18.81 -47.17 -0.31
C MET A 561 -19.84 -46.08 -0.03
N PHE A 562 -19.46 -45.14 0.84
CA PHE A 562 -20.36 -44.11 1.33
C PHE A 562 -20.13 -42.80 0.59
N LEU A 563 -21.08 -41.88 0.77
CA LEU A 563 -21.02 -40.54 0.20
C LEU A 563 -21.25 -39.55 1.31
N TYR A 564 -20.19 -38.85 1.73
CA TYR A 564 -20.30 -37.83 2.76
C TYR A 564 -20.87 -36.58 2.11
N VAL A 565 -22.07 -36.20 2.53
CA VAL A 565 -22.80 -35.05 1.98
C VAL A 565 -22.94 -34.01 3.07
N ARG A 566 -22.55 -32.77 2.79
CA ARG A 566 -22.66 -31.71 3.77
C ARG A 566 -22.84 -30.38 3.04
N THR A 567 -23.26 -29.37 3.80
CA THR A 567 -23.35 -28.00 3.32
C THR A 567 -22.23 -27.21 3.97
N ASN A 568 -21.40 -26.58 3.15
CA ASN A 568 -20.27 -25.78 3.61
C ASN A 568 -20.38 -24.39 3.01
N GLY A 569 -19.44 -23.53 3.38
CA GLY A 569 -19.42 -22.18 2.87
C GLY A 569 -18.00 -21.66 2.81
N THR A 570 -17.77 -20.71 1.92
CA THR A 570 -16.47 -20.09 1.75
C THR A 570 -16.66 -18.68 1.21
N SER A 571 -15.66 -17.85 1.43
CA SER A 571 -15.70 -16.44 1.07
C SER A 571 -14.65 -16.14 0.00
N LYS A 572 -14.66 -14.89 -0.48
CA LYS A 572 -13.73 -14.49 -1.53
C LYS A 572 -12.29 -14.58 -1.03
N ILE A 573 -12.02 -14.13 0.19
CA ILE A 573 -10.67 -14.22 0.73
C ILE A 573 -10.27 -15.69 0.92
N LYS A 574 -11.19 -16.51 1.42
CA LYS A 574 -10.87 -17.92 1.63
C LYS A 574 -10.56 -18.58 0.29
N MET A 575 -11.37 -18.32 -0.73
CA MET A 575 -11.11 -18.89 -2.05
C MET A 575 -9.79 -18.38 -2.61
N LYS A 576 -9.52 -17.08 -2.45
CA LYS A 576 -8.27 -16.49 -2.94
C LYS A 576 -7.07 -17.19 -2.34
N TRP A 577 -7.04 -17.30 -1.01
CA TRP A 577 -5.90 -17.95 -0.36
C TRP A 577 -5.90 -19.45 -0.60
N GLY A 578 -7.04 -20.04 -0.97
CA GLY A 578 -7.03 -21.42 -1.42
C GLY A 578 -6.33 -21.59 -2.74
N MET A 579 -6.54 -20.66 -3.67
CA MET A 579 -5.83 -20.73 -4.94
C MET A 579 -4.33 -20.65 -4.73
N GLU A 580 -3.89 -19.79 -3.80
CA GLU A 580 -2.48 -19.63 -3.48
C GLU A 580 -2.04 -20.61 -2.40
N MET A 581 -2.31 -21.89 -2.61
CA MET A 581 -1.92 -22.92 -1.66
C MET A 581 -0.59 -23.57 -2.02
N ARG A 582 -0.13 -23.44 -3.27
CA ARG A 582 1.16 -23.99 -3.65
C ARG A 582 2.31 -23.28 -2.95
N ARG A 583 2.11 -22.04 -2.52
CA ARG A 583 3.16 -21.33 -1.78
C ARG A 583 3.59 -22.13 -0.57
N CYS A 584 2.69 -22.94 -0.01
CA CYS A 584 3.04 -23.78 1.13
C CYS A 584 4.30 -24.57 0.86
N LEU A 585 4.43 -25.13 -0.35
CA LEU A 585 5.65 -25.83 -0.72
C LEU A 585 6.87 -25.02 -0.32
N LEU A 586 6.96 -23.79 -0.82
CA LEU A 586 8.12 -22.94 -0.51
C LEU A 586 8.34 -22.87 0.99
N GLN A 587 7.27 -22.62 1.75
CA GLN A 587 7.42 -22.42 3.18
C GLN A 587 8.18 -23.57 3.83
N SER A 588 7.99 -24.79 3.32
CA SER A 588 8.78 -25.91 3.80
C SER A 588 10.15 -25.91 3.13
N LEU A 589 10.16 -25.93 1.79
CA LEU A 589 11.40 -26.17 1.06
C LEU A 589 12.48 -25.17 1.48
N GLN A 590 12.15 -23.88 1.44
CA GLN A 590 13.08 -22.86 1.90
C GLN A 590 13.72 -23.28 3.21
N GLN A 591 12.89 -23.49 4.24
CA GLN A 591 13.40 -23.88 5.53
C GLN A 591 14.33 -25.08 5.40
N ILE A 592 13.85 -26.12 4.71
CA ILE A 592 14.66 -27.32 4.55
C ILE A 592 16.00 -26.97 3.94
N GLU A 593 15.97 -26.21 2.84
CA GLU A 593 17.21 -25.81 2.19
C GLU A 593 18.12 -25.10 3.18
N SER A 594 17.56 -24.15 3.92
CA SER A 594 18.36 -23.44 4.92
C SER A 594 19.06 -24.44 5.83
N MET A 595 18.30 -25.41 6.36
CA MET A 595 18.90 -26.39 7.25
C MET A 595 20.11 -27.04 6.56
N ILE A 596 19.92 -27.51 5.34
CA ILE A 596 21.03 -28.14 4.62
C ILE A 596 22.19 -27.15 4.52
N GLU A 597 21.91 -25.93 4.08
CA GLU A 597 22.97 -24.93 4.03
C GLU A 597 23.58 -24.72 5.40
N ALA A 598 22.74 -24.62 6.43
CA ALA A 598 23.24 -24.39 7.78
C ALA A 598 24.22 -25.47 8.20
N GLU A 599 24.13 -26.66 7.63
CA GLU A 599 25.10 -27.71 7.91
C GLU A 599 26.24 -27.72 6.91
N SER A 600 25.94 -27.42 5.64
CA SER A 600 26.97 -27.54 4.61
C SER A 600 28.14 -26.59 4.88
N SER A 601 27.85 -25.35 5.25
CA SER A 601 28.90 -24.40 5.57
C SER A 601 29.81 -24.95 6.68
N VAL A 602 29.25 -25.74 7.59
CA VAL A 602 30.06 -26.31 8.66
C VAL A 602 31.02 -27.35 8.10
N LYS A 603 30.56 -28.17 7.16
CA LYS A 603 31.37 -29.23 6.58
C LYS A 603 32.07 -28.82 5.29
N GLU A 604 31.89 -27.58 4.84
CA GLU A 604 32.58 -27.07 3.67
C GLU A 604 32.24 -27.86 2.41
N LYS A 605 31.03 -28.39 2.33
CA LYS A 605 30.58 -29.09 1.14
C LYS A 605 29.07 -29.25 1.21
N ASP A 606 28.48 -29.57 0.05
CA ASP A 606 27.03 -29.75 -0.04
C ASP A 606 26.66 -31.13 0.49
N LEU A 607 25.80 -31.17 1.50
CA LEU A 607 25.40 -32.40 2.15
C LEU A 607 24.03 -32.90 1.67
N THR A 608 23.53 -32.36 0.56
CA THR A 608 22.20 -32.76 0.09
C THR A 608 22.14 -34.24 -0.19
N LYS A 609 23.12 -34.77 -0.92
CA LYS A 609 23.13 -36.19 -1.23
C LYS A 609 23.24 -37.03 0.04
N GLU A 610 24.12 -36.63 0.95
CA GLU A 610 24.28 -37.36 2.20
C GLU A 610 22.99 -37.33 3.02
N PHE A 611 22.33 -36.18 3.07
CA PHE A 611 21.12 -36.05 3.88
C PHE A 611 19.98 -36.87 3.28
N PHE A 612 19.86 -36.88 1.95
CA PHE A 612 18.71 -37.54 1.32
C PHE A 612 18.95 -39.03 1.11
N GLU A 613 20.13 -39.41 0.65
CA GLU A 613 20.40 -40.82 0.33
C GLU A 613 20.74 -41.64 1.57
N ASN A 614 21.84 -41.28 2.24
CA ASN A 614 22.36 -42.11 3.32
C ASN A 614 21.57 -41.95 4.61
N LYS A 615 20.83 -40.86 4.78
CA LYS A 615 20.01 -40.64 5.97
C LYS A 615 20.84 -40.71 7.24
N SER A 616 22.12 -40.30 7.16
CA SER A 616 22.97 -40.33 8.34
C SER A 616 22.47 -39.40 9.44
N GLU A 617 22.01 -38.22 9.06
CA GLU A 617 21.56 -37.20 10.00
C GLU A 617 20.04 -37.21 10.06
N THR A 618 19.50 -37.21 11.28
CA THR A 618 18.07 -37.22 11.50
C THR A 618 17.71 -36.17 12.55
N TRP A 619 16.54 -35.59 12.39
CA TRP A 619 16.02 -34.58 13.31
C TRP A 619 14.85 -35.14 14.12
N PRO A 620 14.71 -34.75 15.39
CA PRO A 620 13.59 -35.25 16.19
C PRO A 620 12.27 -34.70 15.67
N ILE A 621 11.43 -35.56 15.10
CA ILE A 621 10.22 -35.11 14.42
C ILE A 621 8.96 -35.77 14.93
N GLY A 622 9.02 -36.95 15.53
CA GLY A 622 7.82 -37.65 15.96
C GLY A 622 7.99 -38.23 17.34
N GLU A 623 6.86 -38.45 17.99
CA GLU A 623 6.80 -39.00 19.34
C GLU A 623 6.12 -40.36 19.28
N SER A 624 6.70 -41.33 19.98
CA SER A 624 6.22 -42.70 20.01
C SER A 624 6.20 -43.19 21.45
N PRO A 625 5.48 -44.27 21.74
CA PRO A 625 5.53 -44.82 23.11
C PRO A 625 6.93 -45.16 23.56
N LYS A 626 7.79 -45.58 22.64
CA LYS A 626 9.20 -45.79 22.99
C LYS A 626 9.85 -44.49 23.41
N GLY A 627 9.56 -43.40 22.72
CA GLY A 627 10.14 -42.12 23.03
C GLY A 627 10.16 -41.23 21.79
N VAL A 628 10.93 -40.15 21.88
CA VAL A 628 11.05 -39.25 20.75
C VAL A 628 11.70 -39.98 19.59
N GLU A 629 11.16 -39.76 18.40
CA GLU A 629 11.62 -40.43 17.18
C GLU A 629 12.26 -39.42 16.24
N GLU A 630 13.33 -39.85 15.57
CA GLU A 630 14.08 -38.99 14.65
C GLU A 630 13.81 -39.43 13.22
N GLY A 631 13.48 -38.45 12.36
CA GLY A 631 13.24 -38.70 10.96
C GLY A 631 14.30 -38.05 10.10
N SER A 632 14.52 -38.62 8.92
CA SER A 632 15.51 -38.11 7.99
C SER A 632 15.05 -36.77 7.41
N ILE A 633 15.90 -36.18 6.55
CA ILE A 633 15.57 -34.88 5.97
C ILE A 633 14.28 -34.96 5.16
N GLY A 634 14.07 -36.05 4.43
CA GLY A 634 12.85 -36.17 3.65
C GLY A 634 11.62 -36.14 4.54
N LYS A 635 11.66 -36.86 5.65
CA LYS A 635 10.53 -36.87 6.57
C LYS A 635 10.29 -35.48 7.15
N VAL A 636 11.36 -34.77 7.49
CA VAL A 636 11.21 -33.41 8.03
C VAL A 636 10.59 -32.49 6.99
N CYS A 637 11.04 -32.60 5.74
CA CYS A 637 10.46 -31.78 4.68
C CYS A 637 8.98 -32.07 4.52
N ARG A 638 8.61 -33.35 4.50
CA ARG A 638 7.19 -33.70 4.36
C ARG A 638 6.39 -33.20 5.55
N THR A 639 6.96 -33.29 6.76
CA THR A 639 6.26 -32.83 7.95
C THR A 639 6.01 -31.33 7.90
N LEU A 640 7.03 -30.56 7.52
CA LEU A 640 6.85 -29.12 7.41
C LEU A 640 5.85 -28.76 6.32
N LEU A 641 5.91 -29.46 5.18
CA LEU A 641 4.95 -29.22 4.11
C LEU A 641 3.53 -29.51 4.59
N ALA A 642 3.32 -30.61 5.31
CA ALA A 642 2.00 -30.94 5.81
C ALA A 642 1.53 -29.91 6.83
N LYS A 643 2.44 -29.43 7.68
CA LYS A 643 2.07 -28.40 8.64
C LYS A 643 1.61 -27.13 7.92
N SER A 644 2.34 -26.71 6.90
CA SER A 644 1.95 -25.51 6.16
C SER A 644 0.62 -25.72 5.44
N VAL A 645 0.43 -26.91 4.84
CA VAL A 645 -0.80 -27.18 4.13
C VAL A 645 -1.98 -27.16 5.09
N PHE A 646 -1.80 -27.72 6.29
CA PHE A 646 -2.87 -27.71 7.27
C PHE A 646 -3.13 -26.29 7.79
N ASN A 647 -2.08 -25.48 7.92
CA ASN A 647 -2.28 -24.06 8.21
C ASN A 647 -3.16 -23.42 7.16
N SER A 648 -2.92 -23.74 5.89
CA SER A 648 -3.76 -23.21 4.83
C SER A 648 -5.19 -23.73 4.94
N LEU A 649 -5.35 -25.03 5.24
CA LEU A 649 -6.68 -25.62 5.28
C LEU A 649 -7.45 -25.20 6.52
N TYR A 650 -6.79 -25.17 7.68
CA TYR A 650 -7.43 -24.86 8.95
C TYR A 650 -7.09 -23.45 9.43
N ALA A 651 -6.95 -22.50 8.52
CA ALA A 651 -6.66 -21.13 8.90
C ALA A 651 -7.81 -20.54 9.70
N SER A 652 -7.49 -19.69 10.66
CA SER A 652 -8.48 -19.07 11.52
C SER A 652 -7.78 -18.03 12.38
N PRO A 653 -8.55 -17.13 13.01
CA PRO A 653 -7.93 -16.18 13.96
C PRO A 653 -7.27 -16.88 15.12
N GLN A 654 -7.81 -18.02 15.56
CA GLN A 654 -7.22 -18.74 16.68
C GLN A 654 -5.81 -19.18 16.35
N LEU A 655 -5.58 -19.70 15.15
CA LEU A 655 -4.26 -20.16 14.77
C LEU A 655 -3.26 -19.01 14.77
N GLU A 656 -3.65 -17.87 14.19
CA GLU A 656 -2.75 -16.72 14.14
C GLU A 656 -2.43 -16.24 15.55
N GLY A 657 -3.45 -16.10 16.40
CA GLY A 657 -3.20 -15.64 17.75
C GLY A 657 -2.34 -16.59 18.54
N PHE A 658 -2.60 -17.89 18.41
CA PHE A 658 -1.81 -18.88 19.13
C PHE A 658 -0.36 -18.86 18.69
N SER A 659 -0.11 -18.79 17.37
CA SER A 659 1.26 -18.72 16.90
C SER A 659 1.96 -17.48 17.42
N ALA A 660 1.28 -16.33 17.35
CA ALA A 660 1.89 -15.08 17.79
C ALA A 660 2.23 -15.13 19.28
N GLU A 661 1.30 -15.60 20.11
CA GLU A 661 1.51 -15.60 21.55
C GLU A 661 2.36 -16.77 22.03
N SER A 662 2.58 -17.79 21.20
CA SER A 662 3.41 -18.93 21.59
C SER A 662 4.83 -18.85 21.05
N ARG A 663 5.08 -18.02 20.03
CA ARG A 663 6.45 -17.80 19.63
C ARG A 663 7.27 -17.21 20.76
N LYS A 664 6.64 -16.36 21.59
CA LYS A 664 7.34 -15.80 22.74
C LYS A 664 7.76 -16.90 23.72
N LEU A 665 6.85 -17.83 24.02
CA LEU A 665 7.18 -18.91 24.94
C LEU A 665 8.24 -19.82 24.34
N LEU A 666 8.16 -20.09 23.04
CA LEU A 666 9.19 -20.90 22.39
C LEU A 666 10.55 -20.23 22.49
N LEU A 667 10.60 -18.91 22.26
CA LEU A 667 11.87 -18.20 22.35
C LEU A 667 12.39 -18.20 23.78
N ILE A 668 11.51 -18.06 24.77
CA ILE A 668 11.94 -18.11 26.16
C ILE A 668 12.51 -19.48 26.49
N VAL A 669 11.87 -20.55 26.01
CA VAL A 669 12.38 -21.90 26.23
C VAL A 669 13.74 -22.06 25.57
N GLN A 670 13.90 -21.52 24.36
CA GLN A 670 15.17 -21.60 23.67
C GLN A 670 16.25 -20.87 24.46
N ALA A 671 15.93 -19.69 25.00
CA ALA A 671 16.89 -18.97 25.82
C ALA A 671 17.27 -19.78 27.06
N LEU A 672 16.29 -20.45 27.68
CA LEU A 672 16.60 -21.29 28.82
C LEU A 672 17.53 -22.42 28.43
N ARG A 673 17.30 -23.05 27.28
CA ARG A 673 18.18 -24.10 26.79
C ARG A 673 19.52 -23.56 26.32
N ASP A 674 19.64 -22.24 26.13
CA ASP A 674 20.90 -21.62 25.75
C ASP A 674 21.71 -21.18 26.97
N ASN A 675 21.22 -21.42 28.18
CA ASN A 675 21.89 -20.99 29.40
C ASN A 675 22.11 -19.48 29.40
N LEU A 676 21.09 -18.75 28.94
CA LEU A 676 21.13 -17.29 28.91
C LEU A 676 20.39 -16.67 30.10
N GLU A 677 20.02 -17.46 31.10
CA GLU A 677 19.31 -16.98 32.28
C GLU A 677 18.08 -16.16 31.87
N PRO A 678 17.13 -16.76 31.17
CA PRO A 678 15.94 -16.00 30.75
C PRO A 678 15.11 -15.56 31.95
N GLY A 679 14.40 -14.46 31.75
CA GLY A 679 13.52 -13.94 32.78
C GLY A 679 12.23 -13.45 32.16
N THR A 680 11.18 -13.45 32.97
CA THR A 680 9.87 -12.98 32.56
C THR A 680 9.32 -12.04 33.62
N PHE A 681 8.22 -11.38 33.28
CA PHE A 681 7.58 -10.42 34.16
C PHE A 681 6.16 -10.81 34.54
N ASP A 682 5.37 -11.30 33.59
CA ASP A 682 4.00 -11.75 33.81
C ASP A 682 3.76 -13.07 33.10
N LEU A 683 4.65 -14.04 33.32
CA LEU A 683 4.59 -15.30 32.59
C LEU A 683 3.20 -15.92 32.67
N GLU A 684 2.53 -15.78 33.82
CA GLU A 684 1.15 -16.25 33.91
C GLU A 684 0.25 -15.50 32.94
N GLY A 685 0.48 -14.19 32.78
CA GLY A 685 -0.27 -13.45 31.78
C GLY A 685 -0.03 -13.96 30.38
N LEU A 686 1.22 -14.31 30.07
CA LEU A 686 1.51 -14.89 28.76
C LEU A 686 0.80 -16.21 28.56
N TYR A 687 0.78 -17.05 29.61
CA TYR A 687 0.08 -18.32 29.52
C TYR A 687 -1.41 -18.11 29.29
N GLU A 688 -2.00 -17.15 30.01
CA GLU A 688 -3.42 -16.86 29.78
C GLU A 688 -3.67 -16.37 28.36
N ALA A 689 -2.78 -15.53 27.85
CA ALA A 689 -2.94 -15.04 26.49
C ALA A 689 -2.86 -16.18 25.49
N ILE A 690 -1.93 -17.11 25.69
CA ILE A 690 -1.81 -18.25 24.78
C ILE A 690 -3.05 -19.14 24.87
N GLU A 691 -3.53 -19.39 26.09
CA GLU A 691 -4.66 -20.29 26.27
C GLU A 691 -5.98 -19.67 25.83
N GLU A 692 -6.07 -18.35 25.76
CA GLU A 692 -7.28 -17.71 25.27
C GLU A 692 -7.57 -18.05 23.81
N CYS A 693 -6.55 -18.45 23.06
CA CYS A 693 -6.69 -18.70 21.63
C CYS A 693 -7.10 -20.13 21.30
N LEU A 694 -7.16 -21.02 22.29
CA LEU A 694 -7.55 -22.41 22.09
C LEU A 694 -9.01 -22.55 22.49
N ILE A 695 -9.90 -22.61 21.50
CA ILE A 695 -11.33 -22.72 21.77
C ILE A 695 -11.91 -23.97 21.14
N ASN A 696 -11.93 -24.03 19.80
CA ASN A 696 -12.53 -25.16 19.12
C ASN A 696 -11.79 -25.64 17.89
N ASP A 697 -10.81 -24.90 17.38
CA ASP A 697 -10.16 -25.30 16.14
C ASP A 697 -9.38 -26.59 16.34
N PRO A 698 -9.65 -27.66 15.58
CA PRO A 698 -8.86 -28.89 15.76
C PRO A 698 -7.38 -28.68 15.53
N TRP A 699 -7.03 -27.88 14.51
CA TRP A 699 -5.61 -27.66 14.21
C TRP A 699 -4.91 -26.91 15.34
N VAL A 700 -5.57 -25.89 15.89
CA VAL A 700 -4.97 -25.13 16.98
C VAL A 700 -4.82 -26.00 18.22
N LEU A 701 -5.82 -26.84 18.51
CA LEU A 701 -5.72 -27.74 19.65
C LEU A 701 -4.58 -28.73 19.46
N LEU A 702 -4.44 -29.28 18.25
CA LEU A 702 -3.33 -30.18 17.99
C LEU A 702 -1.99 -29.47 18.17
N ASN A 703 -1.90 -28.22 17.72
CA ASN A 703 -0.67 -27.46 17.89
C ASN A 703 -0.37 -27.22 19.36
N ALA A 704 -1.40 -26.94 20.16
CA ALA A 704 -1.21 -26.73 21.59
C ALA A 704 -0.74 -28.01 22.28
N SER A 705 -1.33 -29.16 21.91
CA SER A 705 -0.86 -30.43 22.46
C SER A 705 0.58 -30.70 22.05
N TRP A 706 0.92 -30.38 20.81
CA TRP A 706 2.29 -30.51 20.34
C TRP A 706 3.23 -29.66 21.16
N PHE A 707 2.82 -28.42 21.47
CA PHE A 707 3.64 -27.54 22.30
C PHE A 707 3.81 -28.10 23.70
N ASN A 708 2.75 -28.67 24.26
CA ASN A 708 2.86 -29.29 25.58
C ASN A 708 3.88 -30.42 25.56
N SER A 709 3.81 -31.27 24.54
CA SER A 709 4.79 -32.36 24.42
C SER A 709 6.20 -31.82 24.27
N PHE A 710 6.36 -30.77 23.46
CA PHE A 710 7.69 -30.19 23.28
C PHE A 710 8.22 -29.62 24.59
N LEU A 711 7.37 -28.96 25.37
CA LEU A 711 7.81 -28.44 26.66
C LEU A 711 8.22 -29.57 27.58
N THR A 712 7.44 -30.66 27.60
CA THR A 712 7.79 -31.81 28.44
C THR A 712 9.15 -32.37 28.05
N HIS A 713 9.41 -32.49 26.75
CA HIS A 713 10.66 -33.09 26.29
C HIS A 713 11.83 -32.11 26.29
N ALA A 714 11.57 -30.81 26.42
CA ALA A 714 12.63 -29.82 26.43
C ALA A 714 13.04 -29.37 27.82
N LEU A 715 12.13 -29.45 28.79
CA LEU A 715 12.50 -29.10 30.16
C LEU A 715 13.54 -30.06 30.73
N ARG A 716 13.57 -31.30 30.25
CA ARG A 716 14.56 -32.27 30.73
C ARG A 716 15.84 -32.16 29.92
N MET B 1 3.87 -43.97 15.03
CA MET B 1 4.59 -42.70 15.29
C MET B 1 3.68 -41.49 15.08
N ASP B 2 3.69 -40.59 16.05
CA ASP B 2 2.93 -39.34 15.97
C ASP B 2 3.88 -38.22 15.54
N VAL B 3 3.73 -37.75 14.31
CA VAL B 3 4.63 -36.73 13.79
C VAL B 3 4.38 -35.42 14.53
N ASN B 4 5.44 -34.86 15.11
CA ASN B 4 5.37 -33.64 15.91
C ASN B 4 6.34 -32.61 15.35
N PRO B 5 5.88 -31.72 14.47
CA PRO B 5 6.80 -30.71 13.92
C PRO B 5 7.46 -29.86 15.00
N THR B 6 6.71 -29.51 16.05
CA THR B 6 7.28 -28.66 17.10
C THR B 6 8.50 -29.29 17.75
N LEU B 7 8.52 -30.63 17.85
CA LEU B 7 9.67 -31.29 18.46
C LEU B 7 10.94 -31.07 17.65
N LEU B 8 10.83 -30.60 16.41
CA LEU B 8 12.02 -30.25 15.64
C LEU B 8 12.84 -29.20 16.37
N PHE B 9 12.21 -28.39 17.23
CA PHE B 9 12.94 -27.38 17.99
C PHE B 9 13.88 -27.99 19.01
N LEU B 10 13.79 -29.29 19.28
CA LEU B 10 14.71 -29.91 20.21
C LEU B 10 16.15 -29.86 19.70
N LYS B 11 16.32 -30.00 18.38
CA LYS B 11 17.65 -29.98 17.78
C LYS B 11 17.98 -28.61 17.18
N VAL B 12 17.15 -28.14 16.25
CA VAL B 12 17.37 -26.84 15.60
C VAL B 12 16.95 -25.75 16.56
N PRO B 13 17.75 -24.70 16.76
CA PRO B 13 17.30 -23.59 17.60
C PRO B 13 16.05 -22.93 17.02
N VAL B 14 15.21 -22.40 17.90
CA VAL B 14 13.93 -21.86 17.47
C VAL B 14 14.13 -20.78 16.42
N GLN B 15 15.11 -19.90 16.64
CA GLN B 15 15.33 -18.79 15.71
C GLN B 15 15.68 -19.30 14.31
N ASN B 16 16.55 -20.30 14.24
CA ASN B 16 16.95 -20.83 12.93
C ASN B 16 15.76 -21.47 12.21
N ALA B 17 14.77 -21.96 12.96
CA ALA B 17 13.57 -22.56 12.39
C ALA B 17 12.32 -21.73 12.66
N ILE B 18 12.50 -20.43 12.92
CA ILE B 18 11.36 -19.57 13.24
C ILE B 18 10.38 -19.49 12.07
N SER B 19 10.88 -19.68 10.85
CA SER B 19 10.02 -19.52 9.67
C SER B 19 8.82 -20.47 9.73
N THR B 20 8.95 -21.61 10.40
CA THR B 20 7.85 -22.56 10.49
C THR B 20 6.83 -22.20 11.55
N THR B 21 7.11 -21.21 12.40
CA THR B 21 6.16 -20.77 13.41
C THR B 21 5.18 -19.72 12.87
N PHE B 22 5.41 -19.21 11.66
CA PHE B 22 4.54 -18.18 11.09
C PHE B 22 3.53 -18.85 10.16
N PRO B 23 2.24 -18.86 10.49
CA PRO B 23 1.23 -19.42 9.57
C PRO B 23 0.73 -18.39 8.56
N TYR B 24 1.60 -18.04 7.61
CA TYR B 24 1.30 -17.00 6.63
C TYR B 24 0.76 -17.57 5.32
N THR B 25 0.50 -18.87 5.25
CA THR B 25 -0.10 -19.47 4.07
C THR B 25 -1.62 -19.47 4.10
N GLY B 26 -2.23 -19.10 5.23
CA GLY B 26 -3.66 -19.06 5.36
C GLY B 26 -4.20 -17.64 5.34
N ASP B 27 -5.48 -17.52 5.06
CA ASP B 27 -6.10 -16.21 4.98
C ASP B 27 -6.03 -15.51 6.34
N PRO B 28 -5.68 -14.23 6.39
CA PRO B 28 -5.60 -13.55 7.67
C PRO B 28 -6.97 -13.24 8.22
N PRO B 29 -7.10 -13.03 9.53
CA PRO B 29 -8.42 -12.72 10.09
C PRO B 29 -8.98 -11.42 9.54
N TYR B 30 -10.30 -11.41 9.33
CA TYR B 30 -11.00 -10.27 8.77
C TYR B 30 -12.16 -9.89 9.66
N SER B 31 -12.52 -8.61 9.64
CA SER B 31 -13.70 -8.13 10.34
C SER B 31 -14.91 -8.28 9.44
N HIS B 32 -16.03 -8.74 10.00
CA HIS B 32 -17.20 -9.08 9.20
C HIS B 32 -18.26 -7.99 9.21
N GLY B 33 -18.35 -7.19 10.26
CA GLY B 33 -19.40 -6.20 10.39
C GLY B 33 -18.84 -4.84 10.77
N THR B 34 -19.65 -4.10 11.52
CA THR B 34 -19.30 -2.74 11.89
C THR B 34 -18.17 -2.73 12.91
N GLY B 35 -17.37 -1.68 12.86
CA GLY B 35 -16.33 -1.42 13.83
C GLY B 35 -16.77 -0.58 14.99
N THR B 36 -18.08 -0.32 15.12
CA THR B 36 -18.57 0.52 16.22
C THR B 36 -18.24 -0.09 17.57
N GLY B 37 -18.39 -1.41 17.70
CA GLY B 37 -18.06 -2.05 18.95
C GLY B 37 -16.61 -1.84 19.35
N TYR B 38 -15.69 -2.02 18.39
CA TYR B 38 -14.29 -1.84 18.69
C TYR B 38 -13.96 -0.37 19.02
N THR B 39 -14.58 0.57 18.31
CA THR B 39 -14.35 1.98 18.61
C THR B 39 -14.83 2.33 20.01
N MET B 40 -16.02 1.85 20.38
CA MET B 40 -16.53 2.10 21.72
C MET B 40 -15.62 1.46 22.77
N ASP B 41 -15.14 0.25 22.49
CA ASP B 41 -14.23 -0.41 23.43
C ASP B 41 -12.95 0.41 23.60
N THR B 42 -12.39 0.91 22.50
CA THR B 42 -11.17 1.70 22.58
C THR B 42 -11.41 2.98 23.37
N VAL B 43 -12.53 3.66 23.12
CA VAL B 43 -12.82 4.90 23.85
C VAL B 43 -12.96 4.62 25.34
N ASN B 44 -13.71 3.56 25.68
CA ASN B 44 -13.90 3.22 27.08
C ASN B 44 -12.58 2.85 27.74
N ARG B 45 -11.74 2.09 27.05
CA ARG B 45 -10.45 1.71 27.62
C ARG B 45 -9.56 2.93 27.83
N THR B 46 -9.54 3.85 26.87
CA THR B 46 -8.73 5.06 27.02
C THR B 46 -9.21 5.88 28.21
N HIS B 47 -10.53 6.00 28.38
CA HIS B 47 -11.04 6.79 29.50
C HIS B 47 -10.86 6.06 30.83
N LYS B 48 -10.79 4.72 30.81
CA LYS B 48 -10.60 3.96 32.04
C LYS B 48 -9.16 4.01 32.52
N TYR B 49 -8.19 4.02 31.60
CA TYR B 49 -6.80 4.12 31.98
C TYR B 49 -6.43 5.50 32.54
N SER B 50 -7.34 6.47 32.45
CA SER B 50 -7.04 7.81 32.92
C SER B 50 -8.24 8.43 33.66
N GLU B 51 -9.15 7.61 34.17
CA GLU B 51 -10.37 8.13 34.79
C GLU B 51 -10.07 9.01 36.00
N LYS B 52 -8.93 8.82 36.66
CA LYS B 52 -8.60 9.64 37.82
C LYS B 52 -8.21 11.06 37.45
N GLY B 53 -8.29 11.43 36.17
CA GLY B 53 -7.95 12.77 35.74
C GLY B 53 -9.06 13.75 36.02
N LYS B 54 -8.90 14.95 35.47
CA LYS B 54 -9.84 16.04 35.67
C LYS B 54 -10.81 16.08 34.50
N TRP B 55 -12.11 16.10 34.81
CA TRP B 55 -13.14 16.24 33.80
C TRP B 55 -13.47 17.71 33.60
N THR B 56 -13.60 18.12 32.34
CA THR B 56 -13.98 19.48 32.01
C THR B 56 -14.96 19.43 30.84
N THR B 57 -15.60 20.57 30.57
CA THR B 57 -16.50 20.71 29.44
C THR B 57 -15.92 21.73 28.47
N ASN B 58 -15.71 21.31 27.24
CA ASN B 58 -15.18 22.22 26.21
C ASN B 58 -16.19 23.32 25.94
N THR B 59 -15.71 24.56 25.87
CA THR B 59 -16.58 25.71 25.67
C THR B 59 -16.97 25.91 24.21
N GLU B 60 -16.39 25.16 23.29
CA GLU B 60 -16.72 25.24 21.87
C GLU B 60 -17.46 24.00 21.39
N THR B 61 -16.89 22.82 21.60
CA THR B 61 -17.53 21.57 21.25
C THR B 61 -18.62 21.17 22.24
N GLY B 62 -18.50 21.58 23.49
CA GLY B 62 -19.49 21.19 24.49
C GLY B 62 -19.52 19.70 24.76
N ALA B 63 -18.35 19.07 24.82
CA ALA B 63 -18.25 17.65 25.12
C ALA B 63 -17.28 17.44 26.28
N PRO B 64 -17.50 16.42 27.10
CA PRO B 64 -16.57 16.16 28.20
C PRO B 64 -15.17 15.87 27.70
N GLN B 65 -14.18 16.35 28.44
CA GLN B 65 -12.78 16.15 28.12
C GLN B 65 -12.03 15.75 29.39
N LEU B 66 -11.15 14.77 29.25
CA LEU B 66 -10.38 14.22 30.36
C LEU B 66 -8.93 14.70 30.27
N ASN B 67 -8.45 15.33 31.35
CA ASN B 67 -7.07 15.79 31.46
C ASN B 67 -6.44 15.07 32.64
N PRO B 68 -5.76 13.95 32.41
CA PRO B 68 -5.11 13.22 33.51
C PRO B 68 -3.70 13.66 33.82
N ILE B 69 -3.14 14.58 33.04
CA ILE B 69 -1.74 14.96 33.22
C ILE B 69 -1.55 15.57 34.60
N ASP B 70 -0.39 15.33 35.20
CA ASP B 70 -0.12 15.74 36.58
C ASP B 70 -1.11 15.13 37.56
N GLY B 71 -1.68 13.99 37.20
CA GLY B 71 -2.59 13.29 38.07
C GLY B 71 -1.83 12.46 39.09
N PRO B 72 -2.56 11.67 39.88
CA PRO B 72 -1.88 10.85 40.89
C PRO B 72 -0.91 9.87 40.26
N LEU B 73 0.22 9.66 40.93
CA LEU B 73 1.20 8.71 40.45
C LEU B 73 0.64 7.29 40.51
N PRO B 74 1.06 6.41 39.60
CA PRO B 74 0.54 5.04 39.63
C PRO B 74 0.88 4.35 40.94
N GLU B 75 -0.05 3.54 41.42
CA GLU B 75 0.15 2.75 42.63
C GLU B 75 0.44 1.28 42.34
N ASP B 76 0.00 0.78 41.19
CA ASP B 76 0.22 -0.61 40.81
C ASP B 76 0.77 -0.70 39.40
N ASN B 77 0.86 -1.91 38.85
CA ASN B 77 1.46 -2.14 37.54
C ASN B 77 0.46 -2.03 36.41
N GLU B 78 -0.79 -1.67 36.68
CA GLU B 78 -1.78 -1.55 35.64
C GLU B 78 -1.45 -0.36 34.72
N PRO B 79 -1.93 -0.39 33.48
CA PRO B 79 -1.65 0.74 32.57
C PRO B 79 -2.16 2.05 33.15
N SER B 80 -1.36 3.10 32.94
CA SER B 80 -1.68 4.42 33.47
C SER B 80 -1.26 5.48 32.47
N GLY B 81 -2.14 6.45 32.25
CA GLY B 81 -1.84 7.56 31.35
C GLY B 81 -1.57 8.85 32.08
N TYR B 82 -1.28 8.77 33.38
CA TYR B 82 -1.06 9.97 34.20
C TYR B 82 0.40 10.40 34.09
N ALA B 83 0.74 10.91 32.91
CA ALA B 83 2.09 11.42 32.67
C ALA B 83 2.29 12.76 33.38
N GLN B 84 3.54 13.04 33.69
CA GLN B 84 3.93 14.26 34.41
C GLN B 84 4.59 15.22 33.43
N THR B 85 4.04 16.43 33.34
CA THR B 85 4.55 17.40 32.38
C THR B 85 6.02 17.75 32.66
N ASP B 86 6.35 17.96 33.93
CA ASP B 86 7.72 18.32 34.27
C ASP B 86 8.69 17.19 33.92
N CYS B 87 8.28 15.94 34.14
CA CYS B 87 9.14 14.81 33.80
C CYS B 87 9.39 14.74 32.30
N VAL B 88 8.35 14.95 31.50
CA VAL B 88 8.51 14.93 30.04
C VAL B 88 9.43 16.07 29.60
N LEU B 89 9.25 17.26 30.17
CA LEU B 89 10.09 18.38 29.80
C LEU B 89 11.54 18.12 30.19
N GLU B 90 11.77 17.50 31.35
CA GLU B 90 13.14 17.16 31.75
C GLU B 90 13.74 16.11 30.82
N ALA B 91 12.93 15.14 30.40
CA ALA B 91 13.42 14.13 29.46
C ALA B 91 13.84 14.78 28.15
N MET B 92 13.04 15.73 27.65
CA MET B 92 13.40 16.41 26.42
C MET B 92 14.61 17.32 26.62
N ALA B 93 14.74 17.93 27.80
CA ALA B 93 15.92 18.75 28.09
C ALA B 93 17.18 17.89 28.07
N PHE B 94 17.13 16.70 28.67
CA PHE B 94 18.27 15.81 28.63
C PHE B 94 18.53 15.28 27.22
N LEU B 95 17.48 15.07 26.43
CA LEU B 95 17.68 14.69 25.04
C LEU B 95 18.42 15.78 24.27
N GLU B 96 18.03 17.04 24.49
CA GLU B 96 18.72 18.14 23.84
C GLU B 96 20.17 18.26 24.33
N GLU B 97 20.38 18.07 25.63
CA GLU B 97 21.73 18.17 26.18
C GLU B 97 22.64 17.08 25.63
N SER B 98 22.12 15.85 25.51
CA SER B 98 22.94 14.76 25.01
C SER B 98 23.23 14.90 23.53
N HIS B 99 22.36 15.58 22.79
CA HIS B 99 22.54 15.85 21.36
C HIS B 99 22.38 17.34 21.14
N PRO B 100 23.38 18.14 21.52
CA PRO B 100 23.24 19.59 21.40
C PRO B 100 22.97 20.01 19.96
N GLY B 101 22.04 20.95 19.81
CA GLY B 101 21.69 21.47 18.50
C GLY B 101 20.74 20.62 17.69
N ILE B 102 20.30 19.48 18.22
CA ILE B 102 19.40 18.61 17.46
C ILE B 102 18.08 19.33 17.19
N PHE B 103 17.49 19.92 18.24
CA PHE B 103 16.20 20.56 18.09
C PHE B 103 16.29 21.80 17.20
N GLU B 104 17.39 22.55 17.30
CA GLU B 104 17.52 23.75 16.48
C GLU B 104 17.58 23.41 15.01
N ASN B 105 18.42 22.44 14.64
CA ASN B 105 18.53 22.04 13.24
C ASN B 105 17.24 21.42 12.74
N SER B 106 16.60 20.60 13.59
CA SER B 106 15.31 20.01 13.20
C SER B 106 14.28 21.09 12.93
N CYS B 107 14.22 22.10 13.80
CA CYS B 107 13.26 23.19 13.60
C CYS B 107 13.57 23.97 12.35
N LEU B 108 14.85 24.21 12.06
CA LEU B 108 15.20 24.92 10.83
C LEU B 108 14.77 24.14 9.59
N GLU B 109 15.04 22.83 9.58
CA GLU B 109 14.62 22.01 8.44
C GLU B 109 13.11 22.00 8.30
N THR B 110 12.39 21.91 9.42
CA THR B 110 10.93 21.91 9.36
C THR B 110 10.40 23.25 8.87
N MET B 111 11.04 24.36 9.26
CA MET B 111 10.66 25.66 8.72
C MET B 111 10.86 25.68 7.21
N GLU B 112 12.00 25.18 6.74
CA GLU B 112 12.24 25.13 5.30
C GLU B 112 11.15 24.34 4.60
N ILE B 113 10.77 23.19 5.16
CA ILE B 113 9.72 22.38 4.55
C ILE B 113 8.39 23.14 4.55
N VAL B 114 8.05 23.78 5.68
CA VAL B 114 6.76 24.43 5.81
C VAL B 114 6.63 25.57 4.81
N GLN B 115 7.70 26.35 4.64
CA GLN B 115 7.62 27.51 3.75
C GLN B 115 7.59 27.10 2.29
N GLN B 116 8.11 25.92 1.95
CA GLN B 116 8.22 25.50 0.55
C GLN B 116 7.48 24.19 0.29
N THR B 117 6.25 24.08 0.78
CA THR B 117 5.43 22.91 0.57
C THR B 117 4.09 23.32 -0.04
N ARG B 118 3.45 22.39 -0.75
CA ARG B 118 2.28 22.67 -1.56
C ARG B 118 1.06 21.98 -0.98
N VAL B 119 -0.11 22.53 -1.31
CA VAL B 119 -1.37 22.00 -0.77
C VAL B 119 -1.61 20.58 -1.28
N ASP B 120 -1.36 20.35 -2.57
CA ASP B 120 -1.57 19.03 -3.15
C ASP B 120 -0.83 17.93 -2.40
N LYS B 121 0.10 18.28 -1.52
CA LYS B 121 0.80 17.27 -0.75
C LYS B 121 -0.16 16.46 0.11
N LEU B 122 -1.35 16.99 0.38
CA LEU B 122 -2.33 16.24 1.16
C LEU B 122 -3.00 15.14 0.35
N THR B 123 -2.79 15.09 -0.96
CA THR B 123 -3.40 14.07 -1.81
C THR B 123 -2.63 12.76 -1.80
N GLN B 124 -1.50 12.69 -1.08
CA GLN B 124 -0.79 11.43 -0.94
C GLN B 124 -1.53 10.46 -0.03
N GLY B 125 -2.44 10.96 0.81
CA GLY B 125 -3.10 10.09 1.76
C GLY B 125 -4.11 9.17 1.10
N ARG B 126 -4.41 8.07 1.78
CA ARG B 126 -5.42 7.12 1.34
C ARG B 126 -6.80 7.64 1.77
N GLN B 127 -7.81 6.78 1.71
CA GLN B 127 -9.17 7.16 2.04
C GLN B 127 -9.22 8.02 3.30
N THR B 128 -9.82 9.20 3.17
CA THR B 128 -9.91 10.17 4.25
C THR B 128 -11.36 10.47 4.56
N TYR B 129 -11.63 10.86 5.80
CA TYR B 129 -12.97 11.27 6.18
C TYR B 129 -13.33 12.59 5.50
N ASP B 130 -14.58 12.69 5.06
CA ASP B 130 -15.10 13.89 4.42
C ASP B 130 -16.26 14.40 5.25
N TRP B 131 -16.10 15.62 5.77
CA TRP B 131 -17.18 16.28 6.51
C TRP B 131 -18.26 16.78 5.56
N THR B 132 -17.90 17.08 4.31
CA THR B 132 -18.90 17.56 3.36
C THR B 132 -19.99 16.52 3.14
N LEU B 133 -19.61 15.26 2.98
CA LEU B 133 -20.57 14.17 2.88
C LEU B 133 -20.56 13.26 4.09
N ASN B 134 -19.66 13.47 5.05
CA ASN B 134 -19.66 12.71 6.29
C ASN B 134 -19.36 11.22 6.03
N ARG B 135 -18.39 10.95 5.18
CA ARG B 135 -18.07 9.57 4.82
C ARG B 135 -16.66 9.50 4.26
N ASN B 136 -16.16 8.27 4.11
CA ASN B 136 -14.81 8.07 3.64
C ASN B 136 -14.75 8.20 2.13
N GLN B 137 -13.82 9.01 1.64
CA GLN B 137 -13.59 9.22 0.22
C GLN B 137 -12.11 9.43 -0.03
N PRO B 138 -11.61 9.14 -1.24
CA PRO B 138 -10.18 9.29 -1.50
C PRO B 138 -9.64 10.65 -1.08
N ALA B 139 -8.32 10.73 -0.87
CA ALA B 139 -7.73 11.98 -0.40
C ALA B 139 -7.95 13.11 -1.39
N ALA B 140 -7.78 12.83 -2.69
CA ALA B 140 -7.96 13.88 -3.70
C ALA B 140 -9.39 14.39 -3.70
N THR B 141 -10.37 13.48 -3.63
CA THR B 141 -11.77 13.91 -3.61
C THR B 141 -12.06 14.72 -2.36
N ALA B 142 -11.54 14.28 -1.21
CA ALA B 142 -11.77 15.01 0.04
C ALA B 142 -11.21 16.42 -0.04
N LEU B 143 -9.97 16.55 -0.52
CA LEU B 143 -9.35 17.86 -0.61
C LEU B 143 -10.10 18.75 -1.61
N ALA B 144 -10.53 18.17 -2.73
CA ALA B 144 -11.28 18.95 -3.71
C ALA B 144 -12.59 19.46 -3.11
N ASN B 145 -13.31 18.60 -2.40
CA ASN B 145 -14.56 19.03 -1.78
C ASN B 145 -14.31 20.12 -0.74
N THR B 146 -13.26 19.96 0.07
CA THR B 146 -12.97 20.97 1.08
C THR B 146 -12.63 22.30 0.44
N ILE B 147 -11.81 22.28 -0.61
CA ILE B 147 -11.43 23.52 -1.28
C ILE B 147 -12.65 24.17 -1.93
N GLU B 148 -13.50 23.37 -2.57
CA GLU B 148 -14.70 23.92 -3.20
C GLU B 148 -15.60 24.57 -2.16
N VAL B 149 -15.80 23.91 -1.01
CA VAL B 149 -16.67 24.48 0.01
C VAL B 149 -16.08 25.77 0.56
N PHE B 150 -14.76 25.77 0.81
CA PHE B 150 -14.13 26.98 1.32
C PHE B 150 -14.27 28.13 0.33
N ARG B 151 -14.05 27.86 -0.97
CA ARG B 151 -14.21 28.90 -1.97
C ARG B 151 -15.64 29.41 -2.01
N SER B 152 -16.62 28.50 -1.94
CA SER B 152 -18.02 28.91 -1.91
C SER B 152 -18.34 29.73 -0.65
N ASN B 153 -17.57 29.56 0.42
CA ASN B 153 -17.78 30.31 1.64
C ASN B 153 -16.90 31.55 1.74
N GLY B 154 -16.13 31.87 0.70
CA GLY B 154 -15.34 33.08 0.66
C GLY B 154 -13.96 32.97 1.25
N LEU B 155 -13.59 31.81 1.81
CA LEU B 155 -12.27 31.62 2.41
C LEU B 155 -11.34 31.08 1.33
N THR B 156 -10.81 31.99 0.51
CA THR B 156 -10.03 31.66 -0.68
C THR B 156 -8.54 31.90 -0.47
N ALA B 157 -8.06 31.72 0.76
CA ALA B 157 -6.65 31.89 1.05
C ALA B 157 -5.79 30.77 0.49
N ASN B 158 -6.38 29.63 0.14
CA ASN B 158 -5.61 28.48 -0.35
C ASN B 158 -5.29 28.57 -1.83
N GLU B 159 -5.77 29.60 -2.53
CA GLU B 159 -5.45 29.75 -3.94
C GLU B 159 -3.96 29.88 -4.18
N SER B 160 -3.20 30.31 -3.17
CA SER B 160 -1.76 30.43 -3.32
C SER B 160 -1.13 29.08 -3.69
N GLY B 161 -1.64 28.00 -3.10
CA GLY B 161 -1.14 26.66 -3.32
C GLY B 161 -0.22 26.18 -2.22
N ARG B 162 0.36 27.09 -1.44
CA ARG B 162 1.17 26.68 -0.30
C ARG B 162 0.27 26.07 0.77
N LEU B 163 0.75 24.97 1.37
CA LEU B 163 -0.06 24.27 2.35
C LEU B 163 -0.35 25.15 3.55
N ILE B 164 0.63 25.95 3.98
CA ILE B 164 0.41 26.82 5.13
C ILE B 164 -0.74 27.79 4.87
N ASP B 165 -0.89 28.21 3.61
CA ASP B 165 -2.04 29.05 3.28
C ASP B 165 -3.34 28.28 3.43
N PHE B 166 -3.35 27.00 3.07
CA PHE B 166 -4.54 26.18 3.29
C PHE B 166 -4.83 26.03 4.77
N LEU B 167 -3.78 25.93 5.60
CA LEU B 167 -3.98 25.84 7.03
C LEU B 167 -4.54 27.15 7.60
N LYS B 168 -4.06 28.28 7.09
CA LYS B 168 -4.68 29.56 7.46
C LYS B 168 -6.12 29.60 7.03
N ASP B 169 -6.43 29.00 5.88
CA ASP B 169 -7.81 28.90 5.43
C ASP B 169 -8.65 28.09 6.41
N VAL B 170 -8.08 26.99 6.91
CA VAL B 170 -8.78 26.17 7.91
C VAL B 170 -9.01 26.99 9.18
N MET B 171 -8.00 27.74 9.60
CA MET B 171 -8.15 28.62 10.76
C MET B 171 -9.32 29.58 10.56
N ASP B 172 -9.37 30.21 9.38
CA ASP B 172 -10.45 31.15 9.09
C ASP B 172 -11.80 30.44 9.08
N SER B 173 -11.86 29.25 8.49
CA SER B 173 -13.12 28.51 8.44
C SER B 173 -13.62 28.18 9.83
N MET B 174 -12.72 27.84 10.74
CA MET B 174 -13.12 27.49 12.09
C MET B 174 -13.73 28.67 12.85
N ASP B 175 -13.68 29.88 12.29
CA ASP B 175 -14.25 31.06 12.94
C ASP B 175 -15.55 31.53 12.32
N LYS B 176 -15.96 30.96 11.19
CA LYS B 176 -17.21 31.39 10.56
C LYS B 176 -18.40 30.98 11.41
N GLU B 177 -19.40 31.87 11.48
CA GLU B 177 -20.61 31.57 12.24
C GLU B 177 -21.37 30.39 11.64
N GLU B 178 -21.45 30.33 10.31
CA GLU B 178 -22.19 29.28 9.63
C GLU B 178 -21.48 28.92 8.34
N MET B 179 -21.59 27.66 7.94
CA MET B 179 -20.92 27.13 6.77
C MET B 179 -21.93 26.53 5.82
N GLU B 180 -21.82 26.88 4.54
CA GLU B 180 -22.68 26.34 3.48
C GLU B 180 -21.90 25.29 2.71
N ILE B 181 -22.46 24.08 2.61
CA ILE B 181 -21.77 22.94 2.04
C ILE B 181 -22.67 22.23 1.04
N THR B 182 -22.05 21.33 0.29
CA THR B 182 -22.70 20.59 -0.80
C THR B 182 -22.64 19.11 -0.47
N THR B 183 -23.65 18.61 0.24
CA THR B 183 -23.67 17.21 0.63
C THR B 183 -24.35 16.37 -0.46
N HIS B 184 -24.39 15.07 -0.24
CA HIS B 184 -25.05 14.14 -1.15
C HIS B 184 -26.40 13.73 -0.56
N PHE B 185 -27.45 13.82 -1.37
CA PHE B 185 -28.78 13.39 -0.98
C PHE B 185 -29.19 12.20 -1.84
N GLN B 186 -30.04 11.36 -1.27
CA GLN B 186 -30.44 10.09 -1.87
C GLN B 186 -31.93 10.10 -2.18
N ARG B 187 -32.27 9.54 -3.33
CA ARG B 187 -33.66 9.30 -3.72
C ARG B 187 -33.82 7.81 -4.00
N LYS B 188 -34.85 7.21 -3.41
CA LYS B 188 -35.09 5.78 -3.51
C LYS B 188 -36.37 5.55 -4.30
N ARG B 189 -36.28 4.72 -5.35
CA ARG B 189 -37.42 4.37 -6.17
C ARG B 189 -37.56 2.85 -6.20
N ARG B 190 -38.77 2.36 -5.96
CA ARG B 190 -39.05 0.94 -6.02
C ARG B 190 -39.17 0.53 -7.49
N VAL B 191 -38.36 -0.45 -7.90
CA VAL B 191 -38.36 -0.93 -9.28
C VAL B 191 -38.41 -2.45 -9.27
N ARG B 192 -38.71 -3.03 -10.43
CA ARG B 192 -38.77 -4.47 -10.61
C ARG B 192 -37.65 -4.87 -11.55
N ASP B 193 -36.69 -5.64 -11.04
CA ASP B 193 -35.61 -6.13 -11.87
C ASP B 193 -36.16 -7.09 -12.91
N ASN B 194 -35.65 -6.97 -14.14
CA ASN B 194 -36.11 -7.79 -15.25
C ASN B 194 -35.44 -9.16 -15.30
N MET B 195 -34.48 -9.43 -14.41
CA MET B 195 -33.80 -10.72 -14.36
C MET B 195 -34.25 -11.60 -13.21
N THR B 196 -34.92 -11.04 -12.20
CA THR B 196 -35.44 -11.83 -11.09
C THR B 196 -36.91 -11.57 -10.80
N LYS B 197 -37.52 -10.54 -11.38
CA LYS B 197 -38.92 -10.23 -11.15
C LYS B 197 -39.20 -9.99 -9.66
N LYS B 198 -38.27 -9.34 -8.99
CA LYS B 198 -38.41 -9.01 -7.57
C LYS B 198 -38.21 -7.52 -7.36
N MET B 199 -38.94 -6.97 -6.42
CA MET B 199 -38.88 -5.54 -6.14
C MET B 199 -37.57 -5.20 -5.42
N VAL B 200 -36.90 -4.16 -5.89
CA VAL B 200 -35.68 -3.64 -5.28
C VAL B 200 -35.81 -2.13 -5.18
N THR B 201 -34.90 -1.53 -4.41
CA THR B 201 -34.90 -0.10 -4.15
C THR B 201 -33.71 0.52 -4.89
N GLN B 202 -33.97 0.98 -6.11
CA GLN B 202 -32.94 1.71 -6.85
C GLN B 202 -32.67 3.04 -6.16
N ARG B 203 -31.39 3.44 -6.14
CA ARG B 203 -30.94 4.63 -5.45
C ARG B 203 -30.28 5.58 -6.43
N THR B 204 -30.59 6.87 -6.31
CA THR B 204 -29.97 7.92 -7.08
C THR B 204 -29.40 8.95 -6.13
N ILE B 205 -28.13 9.31 -6.32
CA ILE B 205 -27.42 10.23 -5.44
C ILE B 205 -27.16 11.51 -6.19
N GLY B 206 -27.53 12.65 -5.58
CA GLY B 206 -27.32 13.95 -6.18
C GLY B 206 -26.79 14.93 -5.16
N LYS B 207 -26.62 16.17 -5.59
CA LYS B 207 -26.07 17.22 -4.76
C LYS B 207 -27.16 18.16 -4.25
N LYS B 208 -26.95 18.72 -3.07
CA LYS B 208 -27.89 19.66 -2.47
C LYS B 208 -27.10 20.67 -1.65
N LYS B 209 -27.82 21.55 -0.96
CA LYS B 209 -27.25 22.62 -0.17
C LYS B 209 -27.56 22.39 1.30
N GLN B 210 -26.56 22.50 2.16
CA GLN B 210 -26.76 22.33 3.59
C GLN B 210 -26.05 23.43 4.35
N ARG B 211 -26.58 23.75 5.53
CA ARG B 211 -26.02 24.81 6.40
C ARG B 211 -25.70 24.22 7.76
N LEU B 212 -24.46 24.43 8.22
CA LEU B 212 -24.00 23.96 9.51
C LEU B 212 -23.65 25.14 10.40
N ASN B 213 -24.12 25.10 11.65
CA ASN B 213 -23.74 26.11 12.62
C ASN B 213 -22.28 25.94 13.00
N LYS B 214 -21.80 26.81 13.90
CA LYS B 214 -20.41 26.76 14.31
C LYS B 214 -20.09 25.43 15.01
N ARG B 215 -20.97 25.00 15.91
CA ARG B 215 -20.68 23.80 16.69
C ARG B 215 -20.64 22.56 15.81
N SER B 216 -21.59 22.40 14.89
CA SER B 216 -21.61 21.22 14.04
C SER B 216 -20.36 21.16 13.16
N TYR B 217 -19.99 22.29 12.56
CA TYR B 217 -18.79 22.29 11.73
C TYR B 217 -17.55 22.00 12.56
N LEU B 218 -17.48 22.55 13.77
CA LEU B 218 -16.32 22.29 14.61
C LEU B 218 -16.24 20.81 14.97
N ILE B 219 -17.36 20.19 15.30
CA ILE B 219 -17.36 18.76 15.61
C ILE B 219 -16.90 17.97 14.39
N ARG B 220 -17.40 18.31 13.21
CA ARG B 220 -17.01 17.59 12.01
C ARG B 220 -15.53 17.76 11.71
N ALA B 221 -15.01 18.97 11.88
CA ALA B 221 -13.60 19.23 11.58
C ALA B 221 -12.69 18.40 12.47
N LEU B 222 -13.03 18.28 13.75
CA LEU B 222 -12.25 17.48 14.69
C LEU B 222 -12.56 15.99 14.58
N THR B 223 -13.56 15.61 13.79
CA THR B 223 -13.98 14.22 13.74
C THR B 223 -12.89 13.35 13.11
N LEU B 224 -12.69 12.17 13.69
CA LEU B 224 -11.82 11.14 13.14
C LEU B 224 -12.66 9.89 12.94
N ASN B 225 -12.94 9.55 11.68
CA ASN B 225 -13.74 8.38 11.41
C ASN B 225 -13.01 7.12 11.85
N THR B 226 -13.77 6.12 12.30
CA THR B 226 -13.20 4.89 12.83
C THR B 226 -13.70 3.71 12.03
N MET B 227 -12.79 2.78 11.70
CA MET B 227 -13.14 1.55 11.03
C MET B 227 -12.36 0.43 11.70
N THR B 228 -12.44 -0.78 11.14
CA THR B 228 -11.80 -1.96 11.69
C THR B 228 -10.64 -2.37 10.80
N LYS B 229 -9.49 -2.64 11.42
CA LYS B 229 -8.33 -3.10 10.67
C LYS B 229 -8.54 -4.52 10.21
N ASP B 230 -8.28 -4.78 8.93
CA ASP B 230 -8.49 -6.08 8.32
C ASP B 230 -7.17 -6.66 7.85
N ALA B 231 -7.09 -7.99 7.83
CA ALA B 231 -5.92 -8.70 7.34
C ALA B 231 -4.70 -8.39 8.21
N GLU B 232 -4.89 -8.47 9.52
CA GLU B 232 -3.83 -8.23 10.50
C GLU B 232 -3.46 -9.54 11.16
N ARG B 233 -2.18 -9.90 11.09
CA ARG B 233 -1.72 -11.19 11.57
C ARG B 233 -1.40 -11.13 13.06
N GLY B 234 -1.55 -12.28 13.72
CA GLY B 234 -1.08 -12.44 15.08
C GLY B 234 -1.98 -11.92 16.17
N LYS B 235 -3.25 -11.65 15.86
CA LYS B 235 -4.20 -11.17 16.85
C LYS B 235 -5.46 -12.02 16.80
N LEU B 236 -5.89 -12.51 17.96
CA LEU B 236 -7.14 -13.27 18.02
C LEU B 236 -8.34 -12.35 17.85
N LYS B 237 -8.27 -11.14 18.40
CA LYS B 237 -9.35 -10.18 18.34
C LYS B 237 -8.92 -8.95 17.53
N ARG B 238 -9.89 -8.34 16.87
CA ARG B 238 -9.61 -7.20 16.01
C ARG B 238 -9.48 -5.93 16.83
N ARG B 239 -9.12 -4.84 16.16
CA ARG B 239 -9.04 -3.54 16.81
C ARG B 239 -9.37 -2.47 15.79
N ALA B 240 -9.73 -1.29 16.28
CA ALA B 240 -10.18 -0.19 15.44
C ALA B 240 -9.02 0.71 15.05
N ILE B 241 -9.18 1.37 13.91
CA ILE B 241 -8.22 2.33 13.39
C ILE B 241 -8.99 3.59 12.99
N ALA B 242 -8.26 4.70 12.85
CA ALA B 242 -8.86 6.00 12.64
C ALA B 242 -8.29 6.67 11.41
N THR B 243 -9.15 7.44 10.74
CA THR B 243 -8.77 8.27 9.61
C THR B 243 -9.28 9.68 9.88
N PRO B 244 -8.42 10.70 9.85
CA PRO B 244 -8.85 12.06 10.16
C PRO B 244 -9.36 12.80 8.94
N GLY B 245 -10.05 13.90 9.20
CA GLY B 245 -10.54 14.76 8.13
C GLY B 245 -9.39 15.45 7.42
N MET B 246 -9.75 16.36 6.52
CA MET B 246 -8.75 17.12 5.80
C MET B 246 -8.27 18.35 6.56
N GLN B 247 -8.99 18.77 7.59
CA GLN B 247 -8.57 19.89 8.42
C GLN B 247 -7.48 19.51 9.41
N ILE B 248 -7.24 18.22 9.63
CA ILE B 248 -6.24 17.76 10.58
C ILE B 248 -5.02 17.16 9.92
N ARG B 249 -5.09 16.80 8.64
CA ARG B 249 -3.99 16.08 8.02
C ARG B 249 -2.79 16.97 7.73
N GLY B 250 -3.02 18.25 7.45
CA GLY B 250 -1.89 19.14 7.17
C GLY B 250 -1.03 19.39 8.40
N PHE B 251 -1.68 19.72 9.53
CA PHE B 251 -0.93 19.95 10.76
C PHE B 251 -0.24 18.68 11.22
N VAL B 252 -0.93 17.54 11.10
CA VAL B 252 -0.32 16.26 11.47
C VAL B 252 0.87 15.98 10.56
N TYR B 253 0.77 16.33 9.28
CA TYR B 253 1.88 16.12 8.37
C TYR B 253 3.08 16.97 8.77
N PHE B 254 2.85 18.23 9.15
CA PHE B 254 3.95 19.07 9.58
C PHE B 254 4.59 18.54 10.87
N VAL B 255 3.76 18.11 11.82
CA VAL B 255 4.31 17.57 13.07
C VAL B 255 5.11 16.31 12.78
N GLU B 256 4.62 15.47 11.87
CA GLU B 256 5.35 14.25 11.53
C GLU B 256 6.65 14.58 10.81
N ALA B 257 6.66 15.63 9.98
CA ALA B 257 7.90 16.05 9.35
C ALA B 257 8.91 16.48 10.40
N LEU B 258 8.48 17.27 11.39
CA LEU B 258 9.39 17.68 12.46
C LEU B 258 9.90 16.47 13.24
N ALA B 259 9.00 15.53 13.56
CA ALA B 259 9.41 14.36 14.34
C ALA B 259 10.36 13.48 13.55
N ARG B 260 10.14 13.34 12.24
CA ARG B 260 11.06 12.61 11.39
C ARG B 260 12.42 13.29 11.34
N SER B 261 12.44 14.62 11.25
CA SER B 261 13.69 15.34 11.28
C SER B 261 14.44 15.09 12.58
N ILE B 262 13.73 15.10 13.70
CA ILE B 262 14.38 14.81 14.98
C ILE B 262 14.89 13.38 15.02
N CYS B 263 14.08 12.42 14.57
CA CYS B 263 14.45 11.02 14.66
C CYS B 263 15.64 10.70 13.77
N GLU B 264 15.79 11.39 12.65
CA GLU B 264 16.94 11.15 11.79
C GLU B 264 18.24 11.42 12.53
N LYS B 265 18.26 12.45 13.38
CA LYS B 265 19.45 12.79 14.16
C LYS B 265 19.45 12.11 15.52
N LEU B 266 19.25 10.79 15.52
CA LEU B 266 19.22 10.01 16.74
C LEU B 266 19.64 8.59 16.43
N GLU B 267 20.60 8.07 17.19
CA GLU B 267 21.08 6.70 17.00
C GLU B 267 20.25 5.67 17.75
N GLN B 268 19.32 6.09 18.59
CA GLN B 268 18.49 5.19 19.37
C GLN B 268 17.06 5.10 18.83
N SER B 269 16.78 5.71 17.69
CA SER B 269 15.43 5.71 17.11
C SER B 269 15.37 4.71 15.97
N GLY B 270 14.36 3.85 15.98
CA GLY B 270 14.16 2.88 14.94
C GLY B 270 13.50 3.41 13.69
N LEU B 271 13.09 4.67 13.69
CA LEU B 271 12.49 5.33 12.53
C LEU B 271 13.37 6.50 12.11
N PRO B 272 13.32 6.87 10.83
CA PRO B 272 12.51 6.31 9.74
C PRO B 272 13.17 5.11 9.08
N VAL B 273 14.32 4.65 9.58
CA VAL B 273 14.99 3.51 8.96
C VAL B 273 14.08 2.28 9.01
N GLY B 274 14.32 1.37 8.08
CA GLY B 274 13.55 0.14 8.01
C GLY B 274 14.24 -0.87 7.13
N GLY B 275 13.74 -2.09 7.19
CA GLY B 275 14.33 -3.15 6.40
C GLY B 275 15.77 -3.40 6.81
N ASN B 276 16.68 -3.34 5.83
CA ASN B 276 18.09 -3.61 6.12
C ASN B 276 18.67 -2.56 7.05
N GLU B 277 18.27 -1.31 6.89
CA GLU B 277 18.83 -0.24 7.72
C GLU B 277 18.52 -0.47 9.19
N LYS B 278 17.29 -0.83 9.51
CA LYS B 278 16.92 -1.07 10.90
C LYS B 278 17.69 -2.24 11.48
N LYS B 279 17.88 -3.31 10.69
CA LYS B 279 18.65 -4.45 11.16
C LYS B 279 20.09 -4.05 11.43
N ALA B 280 20.68 -3.25 10.55
CA ALA B 280 22.04 -2.77 10.78
C ALA B 280 22.12 -1.93 12.03
N LYS B 281 21.13 -1.07 12.25
CA LYS B 281 21.11 -0.24 13.45
C LYS B 281 21.06 -1.10 14.71
N LEU B 282 20.18 -2.11 14.70
CA LEU B 282 20.05 -2.99 15.86
C LEU B 282 21.35 -3.74 16.12
N ALA B 283 21.96 -4.27 15.05
CA ALA B 283 23.21 -5.01 15.21
C ALA B 283 24.30 -4.11 15.74
N ASN B 284 24.38 -2.87 15.24
CA ASN B 284 25.39 -1.94 15.72
C ASN B 284 25.19 -1.64 17.20
N VAL B 285 23.95 -1.39 17.61
CA VAL B 285 23.69 -1.07 19.01
C VAL B 285 24.07 -2.24 19.90
N VAL B 286 23.66 -3.44 19.52
CA VAL B 286 23.94 -4.62 20.35
C VAL B 286 25.44 -4.87 20.42
N ARG B 287 26.13 -4.79 19.28
CA ARG B 287 27.57 -5.04 19.27
C ARG B 287 28.31 -4.00 20.11
N LYS B 288 27.92 -2.73 19.98
CA LYS B 288 28.58 -1.68 20.75
C LYS B 288 28.37 -1.88 22.24
N MET B 289 27.15 -2.22 22.65
CA MET B 289 26.89 -2.41 24.07
C MET B 289 27.64 -3.63 24.60
N MET B 290 27.71 -4.72 23.82
CA MET B 290 28.46 -5.89 24.26
C MET B 290 29.95 -5.58 24.37
N THR B 291 30.50 -4.85 23.39
CA THR B 291 31.93 -4.55 23.41
C THR B 291 32.29 -3.62 24.55
N ASN B 292 31.52 -2.55 24.74
CA ASN B 292 31.80 -1.61 25.81
C ASN B 292 31.68 -2.26 27.19
N SER B 293 30.93 -3.35 27.30
CA SER B 293 30.76 -4.02 28.58
C SER B 293 32.08 -4.61 29.05
N GLN B 294 32.39 -4.40 30.34
CA GLN B 294 33.57 -5.00 30.92
C GLN B 294 33.39 -6.51 31.06
N ASP B 295 34.52 -7.21 31.21
CA ASP B 295 34.46 -8.66 31.31
C ASP B 295 33.65 -9.09 32.53
N THR B 296 33.83 -8.42 33.66
CA THR B 296 33.08 -8.74 34.86
C THR B 296 31.65 -8.22 34.84
N GLU B 297 31.35 -7.24 33.97
CA GLU B 297 30.01 -6.66 33.92
C GLU B 297 29.01 -7.68 33.37
N LEU B 298 27.79 -7.59 33.87
CA LEU B 298 26.69 -8.45 33.43
C LEU B 298 25.74 -7.63 32.57
N SER B 299 25.45 -8.13 31.37
CA SER B 299 24.60 -7.45 30.41
C SER B 299 23.38 -8.32 30.11
N PHE B 300 22.20 -7.69 30.08
CA PHE B 300 20.94 -8.39 29.85
C PHE B 300 20.11 -7.60 28.85
N THR B 301 19.47 -8.30 27.92
CA THR B 301 18.65 -7.68 26.89
C THR B 301 17.18 -7.93 27.19
N ILE B 302 16.38 -6.87 27.10
CA ILE B 302 14.94 -6.98 27.21
C ILE B 302 14.32 -6.78 25.83
N THR B 303 13.54 -7.76 25.40
CA THR B 303 12.65 -7.61 24.24
C THR B 303 11.30 -7.18 24.78
N GLY B 304 10.83 -5.99 24.40
CA GLY B 304 9.64 -5.44 25.02
C GLY B 304 8.70 -4.82 24.02
N ASP B 305 7.42 -4.98 24.30
CA ASP B 305 6.35 -4.27 23.62
C ASP B 305 5.52 -3.54 24.67
N ASN B 306 5.01 -2.37 24.32
CA ASN B 306 4.26 -1.55 25.25
C ASN B 306 2.77 -1.86 25.12
N THR B 307 2.07 -1.84 26.25
CA THR B 307 0.66 -2.17 26.29
C THR B 307 -0.18 -0.94 25.96
N LYS B 308 -1.10 -1.09 25.00
CA LYS B 308 -1.99 -0.01 24.59
C LYS B 308 -1.20 1.27 24.36
N TRP B 309 -0.24 1.19 23.44
CA TRP B 309 0.68 2.30 23.21
C TRP B 309 -0.07 3.53 22.73
N ASN B 310 -1.02 3.36 21.81
CA ASN B 310 -1.74 4.51 21.27
C ASN B 310 -2.65 5.14 22.31
N GLU B 311 -3.20 4.35 23.23
CA GLU B 311 -4.21 4.83 24.16
C GLU B 311 -3.62 5.52 25.39
N ASN B 312 -2.30 5.55 25.54
CA ASN B 312 -1.67 6.16 26.69
C ASN B 312 -0.81 7.36 26.35
N GLN B 313 -0.79 7.80 25.10
CA GLN B 313 -0.04 8.98 24.69
C GLN B 313 -1.01 10.16 24.65
N ASN B 314 -0.81 11.11 25.55
CA ASN B 314 -1.71 12.26 25.64
C ASN B 314 -1.31 13.32 24.62
N PRO B 315 -2.26 13.86 23.84
CA PRO B 315 -1.91 14.96 22.94
C PRO B 315 -1.34 16.17 23.65
N ARG B 316 -1.72 16.39 24.92
CA ARG B 316 -1.17 17.52 25.66
C ARG B 316 0.33 17.38 25.86
N MET B 317 0.81 16.16 26.09
CA MET B 317 2.25 15.94 26.15
C MET B 317 2.91 16.16 24.79
N PHE B 318 2.21 15.84 23.70
CA PHE B 318 2.73 16.20 22.39
C PHE B 318 2.87 17.71 22.24
N LEU B 319 1.87 18.45 22.74
CA LEU B 319 1.96 19.91 22.68
C LEU B 319 3.13 20.43 23.51
N ALA B 320 3.32 19.86 24.71
CA ALA B 320 4.44 20.28 25.54
C ALA B 320 5.78 19.97 24.86
N MET B 321 5.89 18.78 24.27
CA MET B 321 7.11 18.42 23.57
C MET B 321 7.36 19.36 22.40
N ILE B 322 6.31 19.69 21.65
CA ILE B 322 6.45 20.60 20.52
C ILE B 322 6.90 21.96 21.00
N THR B 323 6.29 22.46 22.07
CA THR B 323 6.65 23.78 22.58
C THR B 323 8.10 23.81 23.04
N TYR B 324 8.55 22.78 23.74
CA TYR B 324 9.94 22.74 24.18
C TYR B 324 10.90 22.62 23.01
N ILE B 325 10.55 21.80 22.01
CA ILE B 325 11.44 21.60 20.87
C ILE B 325 11.63 22.90 20.11
N THR B 326 10.55 23.67 19.94
CA THR B 326 10.56 24.88 19.12
C THR B 326 10.89 26.12 19.93
N ARG B 327 11.65 26.00 21.01
CA ARG B 327 12.06 27.15 21.78
C ARG B 327 12.96 28.06 20.94
N ASN B 328 12.85 29.36 21.18
CA ASN B 328 13.65 30.35 20.47
C ASN B 328 13.47 30.24 18.96
N GLN B 329 12.21 30.20 18.53
CA GLN B 329 11.84 30.09 17.14
C GLN B 329 10.73 31.09 16.83
N PRO B 330 10.53 31.41 15.55
CA PRO B 330 9.47 32.36 15.21
C PRO B 330 8.11 31.91 15.71
N GLU B 331 7.31 32.86 16.16
CA GLU B 331 6.01 32.53 16.75
C GLU B 331 5.13 31.77 15.76
N TRP B 332 5.20 32.15 14.48
CA TRP B 332 4.38 31.48 13.48
C TRP B 332 4.74 30.00 13.36
N PHE B 333 6.04 29.69 13.39
CA PHE B 333 6.46 28.29 13.33
C PHE B 333 5.95 27.52 14.54
N ARG B 334 6.07 28.10 15.74
CA ARG B 334 5.56 27.43 16.92
C ARG B 334 4.06 27.18 16.79
N ASN B 335 3.31 28.18 16.32
CA ASN B 335 1.87 28.02 16.21
C ASN B 335 1.51 26.93 15.22
N VAL B 336 2.14 26.93 14.05
CA VAL B 336 1.79 25.96 13.02
C VAL B 336 2.18 24.56 13.45
N LEU B 337 3.29 24.42 14.18
CA LEU B 337 3.69 23.10 14.65
C LEU B 337 2.93 22.64 15.89
N SER B 338 2.29 23.56 16.60
CA SER B 338 1.55 23.22 17.81
C SER B 338 0.05 23.10 17.59
N ILE B 339 -0.46 23.51 16.43
CA ILE B 339 -1.90 23.39 16.18
C ILE B 339 -2.34 21.93 16.21
N ALA B 340 -1.56 21.04 15.58
CA ALA B 340 -1.98 19.64 15.50
C ALA B 340 -2.23 19.01 16.86
N PRO B 341 -1.33 19.10 17.83
CA PRO B 341 -1.67 18.61 19.18
C PRO B 341 -2.87 19.31 19.78
N ILE B 342 -3.09 20.58 19.46
CA ILE B 342 -4.24 21.30 20.00
C ILE B 342 -5.54 20.64 19.52
N MET B 343 -5.60 20.28 18.23
CA MET B 343 -6.80 19.62 17.72
C MET B 343 -6.90 18.19 18.22
N PHE B 344 -5.77 17.49 18.33
CA PHE B 344 -5.82 16.11 18.80
C PHE B 344 -6.23 16.03 20.25
N SER B 345 -5.98 17.08 21.03
CA SER B 345 -6.46 17.11 22.42
C SER B 345 -7.97 17.27 22.49
N ASN B 346 -8.60 17.75 21.43
CA ASN B 346 -10.04 17.95 21.39
C ASN B 346 -10.70 17.14 20.27
N LYS B 347 -10.05 16.06 19.83
CA LYS B 347 -10.59 15.25 18.76
C LYS B 347 -11.85 14.52 19.23
N MET B 348 -12.69 14.17 18.25
CA MET B 348 -13.88 13.36 18.49
C MET B 348 -13.85 12.17 17.56
N ALA B 349 -14.06 10.99 18.11
CA ALA B 349 -14.04 9.75 17.34
C ALA B 349 -15.46 9.40 16.91
N ARG B 350 -15.67 9.29 15.61
CA ARG B 350 -16.96 8.86 15.10
C ARG B 350 -17.09 7.36 15.26
N LEU B 351 -18.22 6.91 15.80
CA LEU B 351 -18.35 5.51 16.20
C LEU B 351 -18.20 4.59 14.99
N GLY B 352 -18.79 4.95 13.86
CA GLY B 352 -18.63 4.17 12.65
C GLY B 352 -19.93 3.84 11.95
N LYS B 353 -19.98 2.66 11.32
CA LYS B 353 -21.16 2.27 10.55
C LYS B 353 -22.40 2.22 11.43
N GLY B 354 -22.27 1.67 12.64
CA GLY B 354 -23.40 1.53 13.54
C GLY B 354 -23.57 0.10 13.99
N TYR B 355 -24.77 -0.46 13.82
CA TYR B 355 -25.01 -1.83 14.20
C TYR B 355 -26.07 -2.43 13.29
N MET B 356 -26.25 -3.74 13.39
CA MET B 356 -27.26 -4.46 12.63
C MET B 356 -28.24 -5.11 13.59
N PHE B 357 -29.52 -4.88 13.37
CA PHE B 357 -30.59 -5.37 14.23
C PHE B 357 -31.56 -6.23 13.43
N GLU B 358 -31.89 -7.40 13.98
CA GLU B 358 -32.74 -8.38 13.32
C GLU B 358 -33.98 -8.63 14.17
N SER B 359 -35.15 -8.57 13.53
CA SER B 359 -36.41 -8.96 14.13
C SER B 359 -36.83 -10.29 13.50
N LYS B 360 -36.69 -11.38 14.25
CA LYS B 360 -37.01 -12.69 13.72
C LYS B 360 -38.53 -12.91 13.63
N SER B 361 -39.29 -12.28 14.51
CA SER B 361 -40.74 -12.41 14.44
C SER B 361 -41.28 -11.87 13.13
N MET B 362 -40.77 -10.72 12.69
CA MET B 362 -41.18 -10.13 11.42
C MET B 362 -40.28 -10.54 10.27
N LYS B 363 -39.18 -11.24 10.53
CA LYS B 363 -38.24 -11.65 9.50
C LYS B 363 -37.72 -10.41 8.76
N LEU B 364 -36.95 -9.60 9.50
CA LEU B 364 -36.43 -8.35 8.97
C LEU B 364 -35.07 -8.08 9.58
N ARG B 365 -34.23 -7.34 8.85
CA ARG B 365 -32.95 -6.87 9.36
C ARG B 365 -32.71 -5.45 8.87
N THR B 366 -32.00 -4.67 9.69
CA THR B 366 -31.78 -3.26 9.41
C THR B 366 -30.44 -2.84 9.97
N GLN B 367 -29.95 -1.71 9.47
CA GLN B 367 -28.65 -1.16 9.85
C GLN B 367 -28.89 0.18 10.54
N VAL B 368 -28.71 0.21 11.86
CA VAL B 368 -28.85 1.45 12.63
C VAL B 368 -27.57 2.25 12.49
N PRO B 369 -27.65 3.53 12.07
CA PRO B 369 -26.44 4.37 12.04
C PRO B 369 -25.99 4.73 13.45
N ALA B 370 -24.74 5.20 13.54
CA ALA B 370 -24.17 5.56 14.83
C ALA B 370 -24.91 6.74 15.46
N GLU B 371 -25.61 7.54 14.67
CA GLU B 371 -26.25 8.73 15.20
C GLU B 371 -27.46 8.38 16.06
N MET B 372 -28.15 7.28 15.75
CA MET B 372 -29.36 6.91 16.49
C MET B 372 -29.07 6.08 17.73
N LEU B 373 -27.82 5.69 17.97
CA LEU B 373 -27.51 4.89 19.14
C LEU B 373 -27.71 5.64 20.44
N ALA B 374 -27.68 6.97 20.42
CA ALA B 374 -27.84 7.75 21.64
C ALA B 374 -29.30 7.85 22.08
N ASN B 375 -30.25 7.55 21.20
CA ASN B 375 -31.67 7.68 21.50
C ASN B 375 -32.39 6.38 21.15
N ILE B 376 -31.84 5.26 21.59
CA ILE B 376 -32.37 3.94 21.33
C ILE B 376 -32.60 3.23 22.66
N ASP B 377 -33.68 2.47 22.75
CA ASP B 377 -33.96 1.71 23.96
C ASP B 377 -32.78 0.78 24.26
N LEU B 378 -32.34 0.78 25.51
CA LEU B 378 -31.13 0.06 25.88
C LEU B 378 -31.33 -1.45 25.91
N LYS B 379 -32.56 -1.94 25.80
CA LYS B 379 -32.83 -3.38 25.87
C LYS B 379 -32.52 -4.11 24.57
N TYR B 380 -32.36 -3.38 23.46
CA TYR B 380 -32.16 -4.04 22.17
C TYR B 380 -30.76 -4.62 22.03
N PHE B 381 -29.76 -3.97 22.61
CA PHE B 381 -28.39 -4.47 22.51
C PHE B 381 -28.23 -5.71 23.39
N ASN B 382 -27.26 -6.55 23.02
CA ASN B 382 -26.89 -7.66 23.87
C ASN B 382 -26.18 -7.13 25.12
N LYS B 383 -25.73 -8.02 25.98
CA LYS B 383 -25.18 -7.59 27.27
C LYS B 383 -23.94 -6.72 27.08
N SER B 384 -22.93 -7.24 26.37
CA SER B 384 -21.65 -6.54 26.30
C SER B 384 -21.80 -5.17 25.66
N THR B 385 -22.56 -5.11 24.57
CA THR B 385 -22.82 -3.81 23.95
C THR B 385 -23.63 -2.92 24.88
N ARG B 386 -24.48 -3.51 25.74
CA ARG B 386 -25.21 -2.71 26.71
C ARG B 386 -24.25 -2.03 27.67
N GLU B 387 -23.27 -2.77 28.20
CA GLU B 387 -22.25 -2.14 29.04
C GLU B 387 -21.49 -1.07 28.28
N LYS B 388 -21.08 -1.37 27.04
CA LYS B 388 -20.33 -0.37 26.28
C LYS B 388 -21.12 0.92 26.12
N ILE B 389 -22.39 0.81 25.72
CA ILE B 389 -23.21 2.00 25.48
C ILE B 389 -23.46 2.74 26.79
N GLU B 390 -23.78 2.01 27.86
CA GLU B 390 -24.06 2.67 29.12
C GLU B 390 -22.83 3.41 29.64
N LYS B 391 -21.64 2.86 29.41
CA LYS B 391 -20.43 3.52 29.87
C LYS B 391 -20.03 4.69 29.00
N ILE B 392 -20.28 4.61 27.69
CA ILE B 392 -19.84 5.67 26.77
C ILE B 392 -20.92 6.71 26.50
N ARG B 393 -22.12 6.55 27.05
CA ARG B 393 -23.18 7.51 26.79
C ARG B 393 -22.81 8.96 27.08
N PRO B 394 -22.12 9.28 28.18
CA PRO B 394 -21.88 10.71 28.50
C PRO B 394 -21.10 11.46 27.44
N LEU B 395 -20.35 10.76 26.58
CA LEU B 395 -19.47 11.41 25.62
C LEU B 395 -20.08 11.56 24.24
N LEU B 396 -21.32 11.12 24.02
CA LEU B 396 -21.92 11.18 22.70
C LEU B 396 -22.45 12.58 22.38
N ILE B 397 -22.08 13.10 21.21
CA ILE B 397 -22.68 14.31 20.67
C ILE B 397 -22.63 14.22 19.15
N ASP B 398 -23.80 14.27 18.51
CA ASP B 398 -23.90 14.18 17.06
C ASP B 398 -23.21 12.92 16.53
N GLY B 399 -23.42 11.80 17.23
CA GLY B 399 -22.87 10.54 16.78
C GLY B 399 -21.37 10.41 16.90
N THR B 400 -20.74 11.21 17.74
CA THR B 400 -19.30 11.16 17.97
C THR B 400 -19.03 11.11 19.47
N ALA B 401 -17.99 10.37 19.85
CA ALA B 401 -17.57 10.27 21.24
C ALA B 401 -16.34 11.14 21.44
N SER B 402 -16.40 12.03 22.43
CA SER B 402 -15.25 12.87 22.75
C SER B 402 -14.15 12.03 23.35
N LEU B 403 -12.93 12.19 22.84
CA LEU B 403 -11.77 11.44 23.33
C LEU B 403 -10.56 12.37 23.31
N SER B 404 -10.29 13.02 24.45
CA SER B 404 -9.12 13.88 24.56
C SER B 404 -7.87 13.04 24.79
N PRO B 405 -7.87 12.11 25.76
CA PRO B 405 -6.69 11.27 25.95
C PRO B 405 -6.48 10.32 24.79
N GLY B 406 -5.22 9.92 24.61
CA GLY B 406 -4.90 8.95 23.59
C GLY B 406 -4.50 9.60 22.28
N MET B 407 -3.68 8.89 21.52
CA MET B 407 -3.16 9.37 20.25
C MET B 407 -3.93 8.81 19.06
N MET B 408 -4.91 7.94 19.29
CA MET B 408 -5.82 7.45 18.24
C MET B 408 -5.06 6.66 17.17
N MET B 409 -4.42 5.58 17.62
CA MET B 409 -3.95 4.51 16.74
C MET B 409 -2.99 5.04 15.67
N GLY B 410 -1.84 5.52 16.14
CA GLY B 410 -0.71 5.77 15.26
C GLY B 410 -0.78 7.03 14.43
N MET B 411 -1.30 8.12 14.99
CA MET B 411 -1.28 9.40 14.30
C MET B 411 -0.01 10.20 14.58
N PHE B 412 0.72 9.86 15.65
CA PHE B 412 1.96 10.51 16.02
C PHE B 412 3.05 9.47 16.26
N ASN B 413 3.19 8.55 15.30
CA ASN B 413 4.18 7.48 15.45
C ASN B 413 5.57 8.06 15.69
N MET B 414 5.96 9.07 14.93
CA MET B 414 7.30 9.62 15.05
C MET B 414 7.50 10.35 16.38
N LEU B 415 6.52 11.15 16.80
CA LEU B 415 6.65 11.85 18.08
C LEU B 415 6.69 10.87 19.25
N SER B 416 5.84 9.84 19.20
CA SER B 416 5.87 8.82 20.24
C SER B 416 7.21 8.10 20.26
N THR B 417 7.77 7.82 19.07
CA THR B 417 9.09 7.22 19.00
C THR B 417 10.14 8.14 19.61
N VAL B 418 10.01 9.45 19.38
CA VAL B 418 10.95 10.40 19.97
C VAL B 418 10.88 10.35 21.49
N LEU B 419 9.66 10.31 22.04
CA LEU B 419 9.52 10.22 23.49
C LEU B 419 10.15 8.94 24.02
N GLY B 420 9.88 7.82 23.34
CA GLY B 420 10.49 6.56 23.77
C GLY B 420 12.00 6.61 23.72
N VAL B 421 12.56 7.23 22.67
CA VAL B 421 14.00 7.33 22.54
C VAL B 421 14.59 8.22 23.62
N SER B 422 13.87 9.27 24.01
CA SER B 422 14.32 10.10 25.12
C SER B 422 14.38 9.29 26.41
N ILE B 423 13.34 8.49 26.67
CA ILE B 423 13.37 7.64 27.85
C ILE B 423 14.52 6.65 27.76
N LEU B 424 14.80 6.15 26.56
CA LEU B 424 15.93 5.25 26.38
C LEU B 424 17.24 5.92 26.75
N ASN B 425 17.51 7.09 26.17
CA ASN B 425 18.79 7.76 26.40
C ASN B 425 18.91 8.34 27.80
N LEU B 426 17.81 8.40 28.55
CA LEU B 426 17.88 8.81 29.95
C LEU B 426 18.66 7.81 30.80
N GLY B 427 19.15 6.73 30.20
CA GLY B 427 19.81 5.67 30.95
C GLY B 427 21.33 5.67 30.88
N GLN B 428 21.93 6.76 30.44
CA GLN B 428 23.39 6.81 30.38
C GLN B 428 23.97 6.89 31.79
N LYS B 429 25.28 6.64 31.89
CA LYS B 429 25.94 6.66 33.19
C LYS B 429 25.78 8.01 33.87
N LYS B 430 25.80 9.10 33.10
CA LYS B 430 25.74 10.44 33.68
C LYS B 430 24.37 10.75 34.25
N TYR B 431 23.32 10.00 33.88
CA TYR B 431 21.97 10.24 34.36
C TYR B 431 21.50 9.22 35.38
N THR B 432 21.98 7.98 35.30
CA THR B 432 21.61 6.99 36.31
C THR B 432 22.35 7.23 37.62
N LYS B 433 23.54 7.82 37.56
CA LYS B 433 24.31 8.11 38.76
C LYS B 433 24.55 6.84 39.57
N THR B 434 24.76 5.74 38.87
CA THR B 434 24.90 4.44 39.52
C THR B 434 25.74 3.54 38.63
N THR B 435 26.14 2.39 39.19
CA THR B 435 26.94 1.44 38.43
C THR B 435 26.19 0.93 37.20
N TYR B 436 24.90 0.64 37.35
CA TYR B 436 24.12 0.15 36.23
C TYR B 436 23.81 1.26 35.23
N TRP B 437 23.58 0.86 33.99
CA TRP B 437 23.15 1.78 32.95
C TRP B 437 22.40 0.97 31.90
N TRP B 438 21.68 1.68 31.02
CA TRP B 438 20.89 1.00 30.00
C TRP B 438 20.84 1.86 28.75
N ASP B 439 20.55 1.21 27.63
CA ASP B 439 20.53 1.84 26.32
C ASP B 439 19.74 0.89 25.41
N GLY B 440 19.48 1.32 24.18
CA GLY B 440 18.86 0.41 23.23
C GLY B 440 18.18 1.16 22.11
N LEU B 441 17.24 0.47 21.46
CA LEU B 441 16.54 0.98 20.30
C LEU B 441 15.04 0.89 20.53
N GLN B 442 14.32 1.85 19.95
CA GLN B 442 12.87 1.90 20.07
C GLN B 442 12.27 2.33 18.74
N SER B 443 11.15 1.70 18.38
CA SER B 443 10.38 2.07 17.20
C SER B 443 8.90 2.05 17.57
N SER B 444 8.25 3.20 17.46
CA SER B 444 6.87 3.32 17.89
C SER B 444 6.72 2.81 19.31
N ASP B 445 6.16 1.61 19.49
CA ASP B 445 5.96 1.02 20.80
C ASP B 445 7.01 -0.03 21.15
N ASP B 446 7.56 -0.72 20.16
CA ASP B 446 8.46 -1.83 20.42
C ASP B 446 9.84 -1.31 20.80
N PHE B 447 10.54 -2.08 21.63
CA PHE B 447 11.87 -1.67 22.04
C PHE B 447 12.73 -2.87 22.39
N ALA B 448 14.03 -2.70 22.18
CA ALA B 448 15.06 -3.61 22.69
C ALA B 448 15.93 -2.79 23.63
N LEU B 449 16.04 -3.23 24.88
CA LEU B 449 16.71 -2.45 25.92
C LEU B 449 17.78 -3.31 26.58
N ILE B 450 19.05 -2.95 26.36
CA ILE B 450 20.18 -3.65 26.95
C ILE B 450 20.62 -2.89 28.19
N VAL B 451 20.73 -3.60 29.31
CA VAL B 451 21.12 -3.05 30.60
C VAL B 451 22.38 -3.75 31.06
N ASN B 452 23.38 -2.97 31.48
CA ASN B 452 24.61 -3.48 32.03
C ASN B 452 24.71 -3.07 33.49
N ALA B 453 25.17 -3.98 34.34
CA ALA B 453 25.38 -3.69 35.75
C ALA B 453 26.37 -4.72 36.31
N PRO B 454 27.05 -4.39 37.41
CA PRO B 454 28.07 -5.32 37.93
C PRO B 454 27.51 -6.69 38.30
N ASN B 455 26.26 -6.76 38.77
CA ASN B 455 25.68 -8.01 39.23
C ASN B 455 24.19 -8.02 38.92
N HIS B 456 23.56 -9.17 39.20
CA HIS B 456 22.14 -9.34 38.89
C HIS B 456 21.30 -8.28 39.59
N GLU B 457 21.66 -7.92 40.83
CA GLU B 457 20.91 -6.91 41.54
C GLU B 457 20.94 -5.57 40.81
N GLY B 458 22.09 -5.24 40.23
CA GLY B 458 22.18 -4.00 39.45
C GLY B 458 21.28 -4.03 38.23
N ILE B 459 21.23 -5.18 37.54
CA ILE B 459 20.34 -5.31 36.39
C ILE B 459 18.89 -5.14 36.83
N GLN B 460 18.52 -5.77 37.94
CA GLN B 460 17.15 -5.64 38.45
C GLN B 460 16.84 -4.17 38.77
N ALA B 461 17.77 -3.48 39.42
CA ALA B 461 17.55 -2.08 39.76
C ALA B 461 17.41 -1.24 38.50
N GLY B 462 18.22 -1.50 37.49
CA GLY B 462 18.10 -0.76 36.24
C GLY B 462 16.77 -0.98 35.55
N VAL B 463 16.32 -2.24 35.52
CA VAL B 463 15.03 -2.53 34.90
C VAL B 463 13.91 -1.83 35.67
N ASP B 464 13.96 -1.88 37.01
CA ASP B 464 12.94 -1.22 37.80
C ASP B 464 12.94 0.29 37.55
N ARG B 465 14.12 0.90 37.49
CA ARG B 465 14.21 2.33 37.26
C ARG B 465 13.65 2.70 35.90
N PHE B 466 13.99 1.93 34.86
CA PHE B 466 13.47 2.21 33.52
C PHE B 466 11.96 2.06 33.49
N TYR B 467 11.44 1.00 34.12
CA TYR B 467 9.99 0.81 34.15
C TYR B 467 9.30 1.98 34.84
N ARG B 468 9.85 2.42 35.97
CA ARG B 468 9.24 3.52 36.70
C ARG B 468 9.30 4.82 35.91
N THR B 469 10.43 5.08 35.24
CA THR B 469 10.54 6.29 34.43
C THR B 469 9.53 6.27 33.29
N CYS B 470 9.40 5.12 32.61
CA CYS B 470 8.40 5.02 31.54
C CYS B 470 7.01 5.26 32.09
N LYS B 471 6.70 4.71 33.27
CA LYS B 471 5.40 4.96 33.88
C LYS B 471 5.20 6.45 34.15
N LEU B 472 6.25 7.12 34.64
CA LEU B 472 6.15 8.55 34.92
C LEU B 472 5.84 9.34 33.66
N VAL B 473 6.53 9.04 32.55
CA VAL B 473 6.31 9.78 31.32
C VAL B 473 5.01 9.39 30.63
N GLY B 474 4.42 8.24 30.99
CA GLY B 474 3.18 7.78 30.39
C GLY B 474 3.30 6.52 29.58
N ILE B 475 4.50 5.98 29.39
CA ILE B 475 4.67 4.74 28.65
C ILE B 475 4.47 3.56 29.61
N ASN B 476 3.65 2.61 29.19
CA ASN B 476 3.37 1.41 29.98
C ASN B 476 4.02 0.22 29.29
N MET B 477 4.92 -0.46 30.00
CA MET B 477 5.55 -1.66 29.48
C MET B 477 4.64 -2.87 29.71
N SER B 478 4.35 -3.60 28.64
CA SER B 478 3.50 -4.78 28.74
C SER B 478 4.35 -5.93 29.27
N LYS B 479 4.09 -6.32 30.52
CA LYS B 479 4.90 -7.35 31.15
C LYS B 479 4.76 -8.69 30.43
N LYS B 480 3.53 -9.03 30.03
CA LYS B 480 3.32 -10.30 29.33
C LYS B 480 4.05 -10.33 27.99
N LYS B 481 4.03 -9.22 27.24
CA LYS B 481 4.70 -9.18 25.95
C LYS B 481 6.20 -9.33 26.11
N SER B 482 6.78 -8.68 27.12
CA SER B 482 8.21 -8.51 27.24
C SER B 482 8.85 -9.71 27.93
N TYR B 483 10.14 -9.91 27.64
CA TYR B 483 10.94 -10.88 28.40
C TYR B 483 12.41 -10.46 28.32
N ILE B 484 13.16 -10.88 29.32
CA ILE B 484 14.55 -10.49 29.48
C ILE B 484 15.41 -11.74 29.52
N ASN B 485 16.57 -11.68 28.86
CA ASN B 485 17.53 -12.77 28.92
C ASN B 485 18.93 -12.18 28.89
N ARG B 486 19.94 -13.04 28.88
CA ARG B 486 21.31 -12.56 28.74
C ARG B 486 21.55 -12.08 27.32
N THR B 487 22.39 -11.05 27.19
CA THR B 487 22.61 -10.43 25.90
C THR B 487 23.21 -11.43 24.92
N GLY B 488 22.80 -11.32 23.65
CA GLY B 488 23.26 -12.23 22.62
C GLY B 488 22.12 -12.66 21.71
N THR B 489 20.91 -12.77 22.27
CA THR B 489 19.73 -13.13 21.50
C THR B 489 18.57 -12.25 21.94
N PHE B 490 17.72 -11.90 20.99
CA PHE B 490 16.55 -11.06 21.25
C PHE B 490 15.66 -11.03 20.00
N GLU B 491 14.60 -10.24 20.08
CA GLU B 491 13.68 -10.06 18.97
C GLU B 491 13.22 -8.61 18.94
N PHE B 492 13.07 -8.05 17.75
CA PHE B 492 12.61 -6.67 17.58
C PHE B 492 11.75 -6.61 16.34
N THR B 493 10.44 -6.43 16.52
CA THR B 493 9.49 -6.30 15.42
C THR B 493 9.74 -7.37 14.36
N SER B 494 9.57 -8.62 14.78
CA SER B 494 9.69 -9.80 13.92
C SER B 494 11.07 -9.96 13.30
N PHE B 495 12.07 -9.23 13.79
CA PHE B 495 13.46 -9.45 13.42
C PHE B 495 14.12 -10.20 14.58
N PHE B 496 14.45 -11.46 14.36
CA PHE B 496 14.99 -12.33 15.40
C PHE B 496 16.51 -12.33 15.31
N TYR B 497 17.17 -11.91 16.39
CA TYR B 497 18.61 -11.83 16.47
C TYR B 497 19.12 -12.96 17.35
N ARG B 498 19.97 -13.82 16.79
CA ARG B 498 20.65 -14.87 17.55
C ARG B 498 22.11 -14.85 17.08
N TYR B 499 22.91 -14.00 17.73
CA TYR B 499 24.29 -13.78 17.29
C TYR B 499 24.34 -13.45 15.81
N GLY B 500 23.38 -12.63 15.37
CA GLY B 500 23.23 -12.29 13.98
C GLY B 500 21.81 -12.49 13.50
N PHE B 501 21.24 -11.49 12.83
CA PHE B 501 19.85 -11.58 12.41
C PHE B 501 19.64 -12.79 11.51
N VAL B 502 18.60 -13.56 11.83
CA VAL B 502 18.27 -14.78 11.10
C VAL B 502 17.19 -14.47 10.08
N ALA B 503 17.28 -15.11 8.92
CA ALA B 503 16.31 -14.86 7.86
C ALA B 503 14.95 -15.45 8.24
N ASN B 504 13.89 -14.73 7.87
CA ASN B 504 12.51 -15.15 8.13
C ASN B 504 11.75 -15.05 6.80
N PHE B 505 11.78 -16.13 6.04
CA PHE B 505 11.19 -16.14 4.71
C PHE B 505 9.67 -16.19 4.75
N SER B 506 9.07 -16.68 5.83
CA SER B 506 7.62 -16.82 5.88
C SER B 506 6.91 -15.47 5.71
N MET B 507 7.57 -14.37 6.04
CA MET B 507 6.91 -13.07 5.95
C MET B 507 6.70 -12.65 4.49
N GLU B 508 7.57 -13.09 3.59
CA GLU B 508 7.52 -12.67 2.19
C GLU B 508 6.75 -13.64 1.31
N LEU B 509 6.12 -14.67 1.89
CA LEU B 509 5.33 -15.59 1.10
C LEU B 509 4.18 -14.88 0.36
N PRO B 510 3.42 -13.98 0.98
CA PRO B 510 2.30 -13.36 0.25
C PRO B 510 2.74 -12.62 -1.00
N SER B 511 3.95 -12.05 -1.02
CA SER B 511 4.39 -11.32 -2.20
C SER B 511 4.48 -12.23 -3.42
N PHE B 512 4.72 -13.52 -3.20
CA PHE B 512 4.79 -14.46 -4.32
C PHE B 512 3.42 -14.64 -4.96
N GLY B 513 3.43 -14.87 -6.28
CA GLY B 513 2.22 -15.09 -7.03
C GLY B 513 2.17 -14.20 -8.24
N VAL B 514 0.95 -13.96 -8.73
CA VAL B 514 0.70 -13.12 -9.90
C VAL B 514 0.05 -11.84 -9.42
N SER B 515 0.67 -10.69 -9.73
CA SER B 515 0.13 -9.41 -9.28
C SER B 515 -1.17 -9.05 -9.96
N GLY B 516 -1.44 -9.60 -11.14
CA GLY B 516 -2.66 -9.27 -11.86
C GLY B 516 -2.73 -7.84 -12.34
N ILE B 517 -1.64 -7.31 -12.88
CA ILE B 517 -1.64 -5.98 -13.49
C ILE B 517 -1.73 -6.17 -15.00
N ASN B 518 -0.81 -6.93 -15.55
CA ASN B 518 -0.83 -7.34 -16.96
C ASN B 518 0.27 -8.36 -17.14
N GLU B 519 0.29 -8.99 -18.32
CA GLU B 519 1.20 -10.10 -18.59
C GLU B 519 2.64 -9.71 -18.29
N SER B 520 3.16 -8.72 -19.01
CA SER B 520 4.56 -8.33 -18.84
C SER B 520 4.84 -7.83 -17.44
N ALA B 521 3.96 -6.98 -16.92
CA ALA B 521 4.16 -6.43 -15.58
C ALA B 521 4.15 -7.53 -14.53
N ASP B 522 3.22 -8.48 -14.65
CA ASP B 522 3.15 -9.58 -13.70
C ASP B 522 4.42 -10.43 -13.74
N MET B 523 4.89 -10.74 -14.95
CA MET B 523 6.10 -11.54 -15.06
C MET B 523 7.29 -10.81 -14.45
N SER B 524 7.43 -9.53 -14.74
CA SER B 524 8.54 -8.75 -14.21
C SER B 524 8.49 -8.72 -12.68
N VAL B 525 7.30 -8.47 -12.13
CA VAL B 525 7.14 -8.42 -10.68
C VAL B 525 7.53 -9.75 -10.07
N GLY B 526 7.08 -10.85 -10.68
CA GLY B 526 7.41 -12.16 -10.15
C GLY B 526 8.89 -12.45 -10.12
N VAL B 527 9.58 -12.24 -11.24
CA VAL B 527 11.01 -12.56 -11.28
C VAL B 527 11.77 -11.65 -10.33
N THR B 528 11.41 -10.36 -10.29
CA THR B 528 12.11 -9.43 -9.41
C THR B 528 11.89 -9.80 -7.95
N VAL B 529 10.67 -10.22 -7.60
CA VAL B 529 10.40 -10.64 -6.22
C VAL B 529 11.25 -11.85 -5.86
N ILE B 530 11.34 -12.82 -6.77
CA ILE B 530 12.17 -13.99 -6.48
C ILE B 530 13.61 -13.58 -6.26
N LYS B 531 14.13 -12.69 -7.11
CA LYS B 531 15.52 -12.25 -6.98
C LYS B 531 15.73 -11.52 -5.65
N ASN B 532 14.83 -10.62 -5.30
CA ASN B 532 14.99 -9.85 -4.07
C ASN B 532 14.91 -10.76 -2.84
N ASN B 533 14.02 -11.74 -2.85
CA ASN B 533 13.96 -12.67 -1.74
C ASN B 533 15.21 -13.52 -1.65
N MET B 534 15.79 -13.89 -2.80
CA MET B 534 17.08 -14.58 -2.79
C MET B 534 18.15 -13.72 -2.13
N ILE B 535 18.20 -12.45 -2.50
CA ILE B 535 19.25 -11.58 -1.99
C ILE B 535 19.08 -11.35 -0.48
N ASN B 536 17.85 -11.07 -0.05
CA ASN B 536 17.62 -10.57 1.32
C ASN B 536 17.27 -11.68 2.30
N ASN B 537 16.18 -12.40 2.05
CA ASN B 537 15.58 -13.27 3.06
C ASN B 537 16.00 -14.72 2.92
N ASP B 538 17.21 -14.97 2.44
CA ASP B 538 17.80 -16.32 2.45
C ASP B 538 16.88 -17.34 1.77
N LEU B 539 16.64 -17.12 0.49
CA LEU B 539 15.96 -18.10 -0.35
C LEU B 539 17.01 -18.87 -1.14
N GLY B 540 17.02 -20.19 -0.98
CA GLY B 540 18.07 -21.00 -1.55
C GLY B 540 18.01 -21.06 -3.06
N PRO B 541 19.10 -21.51 -3.68
CA PRO B 541 19.08 -21.64 -5.15
C PRO B 541 17.99 -22.59 -5.65
N ALA B 542 17.95 -23.80 -5.11
CA ALA B 542 16.93 -24.76 -5.53
C ALA B 542 15.54 -24.27 -5.16
N THR B 543 15.39 -23.70 -3.96
CA THR B 543 14.09 -23.17 -3.58
C THR B 543 13.69 -22.02 -4.51
N ALA B 544 14.66 -21.20 -4.91
CA ALA B 544 14.36 -20.13 -5.86
C ALA B 544 13.90 -20.71 -7.19
N GLN B 545 14.56 -21.78 -7.66
CA GLN B 545 14.15 -22.40 -8.91
C GLN B 545 12.74 -22.97 -8.81
N MET B 546 12.41 -23.61 -7.69
CA MET B 546 11.06 -24.16 -7.52
C MET B 546 10.03 -23.04 -7.43
N ALA B 547 10.39 -21.92 -6.78
CA ALA B 547 9.49 -20.77 -6.75
C ALA B 547 9.27 -20.23 -8.15
N LEU B 548 10.33 -20.18 -8.97
CA LEU B 548 10.19 -19.76 -10.35
C LEU B 548 9.25 -20.68 -11.11
N GLN B 549 9.41 -22.00 -10.93
CA GLN B 549 8.54 -22.95 -11.61
C GLN B 549 7.08 -22.75 -11.22
N LEU B 550 6.83 -22.63 -9.92
CA LEU B 550 5.46 -22.45 -9.44
C LEU B 550 4.88 -21.14 -9.96
N PHE B 551 5.67 -20.07 -9.96
CA PHE B 551 5.18 -18.80 -10.48
C PHE B 551 4.85 -18.90 -11.96
N ILE B 552 5.69 -19.57 -12.74
CA ILE B 552 5.42 -19.72 -14.16
C ILE B 552 4.14 -20.50 -14.38
N LYS B 553 3.95 -21.57 -13.60
CA LYS B 553 2.71 -22.34 -13.74
C LYS B 553 1.50 -21.48 -13.43
N ASP B 554 1.53 -20.76 -12.30
CA ASP B 554 0.40 -19.95 -11.91
C ASP B 554 0.13 -18.83 -12.92
N TYR B 555 1.19 -18.20 -13.42
CA TYR B 555 1.06 -17.15 -14.41
C TYR B 555 0.45 -17.68 -15.70
N ARG B 556 0.94 -18.83 -16.17
CA ARG B 556 0.40 -19.42 -17.37
C ARG B 556 -1.07 -19.76 -17.20
N TYR B 557 -1.44 -20.33 -16.05
N TYR B 557 -1.44 -20.33 -16.05
CA TYR B 557 -2.85 -20.65 -15.83
CA TYR B 557 -2.84 -20.67 -15.81
C TYR B 557 -3.70 -19.40 -15.78
C TYR B 557 -3.71 -19.40 -15.75
N THR B 558 -3.22 -18.36 -15.08
CA THR B 558 -4.01 -17.13 -14.94
C THR B 558 -4.24 -16.47 -16.29
N TYR B 559 -3.22 -16.42 -17.14
CA TYR B 559 -3.30 -15.70 -18.40
C TYR B 559 -3.53 -16.62 -19.60
N ARG B 560 -3.88 -17.89 -19.37
CA ARG B 560 -4.25 -18.80 -20.44
C ARG B 560 -3.22 -18.78 -21.56
N CYS B 561 -1.96 -18.62 -21.21
CA CYS B 561 -0.86 -18.55 -22.17
C CYS B 561 -0.02 -19.83 -22.10
N HIS B 562 -0.68 -20.97 -21.94
CA HIS B 562 0.02 -22.24 -21.87
C HIS B 562 0.89 -22.43 -23.12
N ARG B 563 1.85 -23.34 -23.00
CA ARG B 563 2.80 -23.56 -24.08
C ARG B 563 2.07 -23.95 -25.37
N GLY B 564 2.57 -23.45 -26.49
CA GLY B 564 1.94 -23.75 -27.76
C GLY B 564 1.94 -25.23 -28.09
N ASP B 565 3.07 -25.90 -27.85
CA ASP B 565 3.21 -27.32 -28.15
C ASP B 565 2.68 -28.19 -27.01
N THR B 566 1.44 -27.94 -26.59
CA THR B 566 0.82 -28.68 -25.52
C THR B 566 -0.58 -29.11 -25.91
N GLN B 567 -0.96 -30.31 -25.48
CA GLN B 567 -2.26 -30.87 -25.79
C GLN B 567 -3.39 -30.09 -25.12
N ILE B 568 -3.10 -29.31 -24.08
CA ILE B 568 -4.14 -28.63 -23.31
C ILE B 568 -5.00 -27.79 -24.23
N GLN B 569 -6.21 -27.48 -23.79
CA GLN B 569 -7.15 -26.70 -24.56
C GLN B 569 -7.70 -25.56 -23.71
N THR B 570 -8.01 -24.45 -24.37
CA THR B 570 -8.65 -23.31 -23.73
C THR B 570 -9.02 -22.33 -24.84
N ARG B 571 -9.71 -21.25 -24.45
CA ARG B 571 -10.15 -20.26 -25.42
C ARG B 571 -8.97 -19.74 -26.24
N ARG B 572 -7.85 -19.47 -25.59
CA ARG B 572 -6.69 -18.90 -26.25
C ARG B 572 -5.84 -19.95 -26.96
N ALA B 573 -6.10 -21.24 -26.73
CA ALA B 573 -5.17 -22.27 -27.17
C ALA B 573 -4.96 -22.25 -28.68
N PHE B 574 -6.04 -22.05 -29.45
CA PHE B 574 -5.93 -22.15 -30.90
C PHE B 574 -5.00 -21.07 -31.45
N GLU B 575 -5.12 -19.84 -30.96
CA GLU B 575 -4.27 -18.77 -31.46
C GLU B 575 -2.81 -19.00 -31.10
N LEU B 576 -2.54 -19.44 -29.87
CA LEU B 576 -1.17 -19.75 -29.49
C LEU B 576 -0.60 -20.87 -30.35
N GLY B 577 -1.41 -21.90 -30.65
CA GLY B 577 -0.93 -22.96 -31.51
C GLY B 577 -0.61 -22.45 -32.91
N LYS B 578 -1.50 -21.63 -33.47
CA LYS B 578 -1.25 -21.09 -34.81
C LYS B 578 0.02 -20.26 -34.82
N LEU B 579 0.24 -19.45 -33.78
CA LEU B 579 1.50 -18.72 -33.67
C LEU B 579 2.68 -19.68 -33.56
N TRP B 580 2.51 -20.77 -32.83
CA TRP B 580 3.60 -21.71 -32.60
C TRP B 580 4.06 -22.35 -33.90
N GLU B 581 3.12 -22.81 -34.72
CA GLU B 581 3.52 -23.41 -36.00
C GLU B 581 3.99 -22.38 -37.01
N GLN B 582 3.83 -21.09 -36.72
CA GLN B 582 4.27 -20.04 -37.62
C GLN B 582 5.66 -19.52 -37.29
N THR B 583 6.18 -19.80 -36.10
CA THR B 583 7.47 -19.28 -35.66
C THR B 583 8.54 -20.35 -35.84
N ARG B 584 9.66 -19.96 -36.45
CA ARG B 584 10.78 -20.87 -36.64
C ARG B 584 11.70 -20.90 -35.43
N SER B 585 11.94 -19.75 -34.80
CA SER B 585 12.73 -19.69 -33.57
C SER B 585 11.77 -19.86 -32.40
N LYS B 586 11.73 -21.07 -31.86
CA LYS B 586 10.76 -21.40 -30.82
C LYS B 586 11.12 -20.83 -29.46
N ALA B 587 12.36 -20.38 -29.26
CA ALA B 587 12.78 -19.82 -27.98
C ALA B 587 12.60 -18.31 -27.89
N GLY B 588 12.15 -17.66 -28.96
CA GLY B 588 11.99 -16.22 -28.93
C GLY B 588 10.62 -15.76 -28.49
N LEU B 589 9.66 -16.68 -28.49
CA LEU B 589 8.30 -16.33 -28.10
C LEU B 589 8.24 -16.05 -26.60
N LEU B 590 7.49 -15.02 -26.23
CA LEU B 590 7.27 -14.72 -24.83
C LEU B 590 6.38 -15.79 -24.20
N VAL B 591 6.48 -15.92 -22.87
CA VAL B 591 5.65 -16.88 -22.17
C VAL B 591 4.17 -16.56 -22.37
N SER B 592 3.84 -15.27 -22.40
CA SER B 592 2.48 -14.87 -22.71
C SER B 592 2.06 -15.32 -24.11
N ASP B 593 3.02 -15.59 -25.00
CA ASP B 593 2.74 -16.11 -26.33
C ASP B 593 2.94 -17.61 -26.41
N GLY B 594 3.03 -18.29 -25.26
CA GLY B 594 3.20 -19.72 -25.24
C GLY B 594 4.62 -20.20 -25.44
N GLY B 595 5.60 -19.31 -25.41
CA GLY B 595 6.98 -19.70 -25.57
C GLY B 595 7.53 -20.35 -24.33
N PRO B 596 8.70 -20.99 -24.48
CA PRO B 596 9.33 -21.64 -23.34
C PRO B 596 9.87 -20.63 -22.34
N ASN B 597 9.99 -21.07 -21.10
CA ASN B 597 10.55 -20.25 -20.02
C ASN B 597 12.05 -20.46 -19.97
N LEU B 598 12.80 -19.42 -20.36
CA LEU B 598 14.25 -19.47 -20.33
C LEU B 598 14.83 -18.89 -19.04
N TYR B 599 13.97 -18.39 -18.13
CA TYR B 599 14.46 -17.81 -16.90
C TYR B 599 15.13 -18.87 -16.04
N ASN B 600 16.18 -18.44 -15.34
CA ASN B 600 16.89 -19.29 -14.39
C ASN B 600 17.54 -18.38 -13.35
N ILE B 601 18.39 -18.95 -12.50
CA ILE B 601 19.03 -18.15 -11.46
C ILE B 601 19.87 -17.04 -12.08
N ARG B 602 20.51 -17.32 -13.22
CA ARG B 602 21.44 -16.35 -13.81
C ARG B 602 20.74 -15.05 -14.16
N ASN B 603 19.59 -15.14 -14.82
CA ASN B 603 18.96 -14.00 -15.46
C ASN B 603 17.59 -13.67 -14.86
N LEU B 604 17.50 -13.68 -13.53
CA LEU B 604 16.29 -13.21 -12.88
C LEU B 604 16.16 -11.69 -12.88
N HIS B 605 17.25 -10.97 -13.21
CA HIS B 605 17.27 -9.52 -13.15
C HIS B 605 17.10 -8.87 -14.52
N ILE B 606 16.72 -9.65 -15.54
CA ILE B 606 16.62 -9.17 -16.91
C ILE B 606 15.16 -9.31 -17.33
N PRO B 607 14.53 -8.27 -17.88
CA PRO B 607 13.17 -8.42 -18.39
C PRO B 607 13.10 -9.44 -19.51
N GLU B 608 11.94 -10.09 -19.63
CA GLU B 608 11.79 -11.16 -20.60
C GLU B 608 11.99 -10.66 -22.03
N VAL B 609 11.42 -9.50 -22.35
CA VAL B 609 11.53 -8.99 -23.72
C VAL B 609 12.99 -8.80 -24.10
N CYS B 610 13.77 -8.19 -23.21
CA CYS B 610 15.20 -8.03 -23.45
C CYS B 610 15.92 -9.37 -23.42
N LEU B 611 15.51 -10.28 -22.54
CA LEU B 611 16.14 -11.59 -22.47
C LEU B 611 15.91 -12.38 -23.76
N LYS B 612 14.71 -12.29 -24.32
CA LYS B 612 14.35 -13.06 -25.51
C LYS B 612 14.48 -12.25 -26.80
N TRP B 613 15.07 -11.05 -26.73
CA TRP B 613 15.11 -10.20 -27.92
C TRP B 613 15.93 -10.83 -29.03
N GLU B 614 17.09 -11.40 -28.72
CA GLU B 614 17.98 -11.90 -29.76
C GLU B 614 17.33 -13.04 -30.54
N LEU B 615 16.70 -13.98 -29.84
CA LEU B 615 16.14 -15.15 -30.48
C LEU B 615 14.81 -14.88 -31.18
N MET B 616 14.24 -13.68 -31.00
CA MET B 616 12.98 -13.35 -31.64
C MET B 616 13.14 -13.28 -33.15
N ASP B 617 12.11 -13.70 -33.88
CA ASP B 617 12.11 -13.57 -35.32
C ASP B 617 11.86 -12.12 -35.72
N GLU B 618 12.34 -11.77 -36.92
CA GLU B 618 12.19 -10.40 -37.40
C GLU B 618 10.72 -10.01 -37.50
N ASP B 619 9.91 -10.83 -38.16
CA ASP B 619 8.51 -10.49 -38.32
C ASP B 619 7.77 -10.49 -36.99
N TYR B 620 8.01 -11.51 -36.15
CA TYR B 620 7.37 -11.54 -34.85
C TYR B 620 7.85 -10.39 -33.98
N GLN B 621 9.16 -10.09 -34.04
CA GLN B 621 9.68 -8.98 -33.25
C GLN B 621 9.03 -7.67 -33.66
N GLY B 622 8.86 -7.45 -34.97
CA GLY B 622 8.19 -6.24 -35.42
C GLY B 622 6.72 -6.20 -34.99
N ARG B 623 6.02 -7.32 -35.13
CA ARG B 623 4.61 -7.34 -34.74
C ARG B 623 4.44 -7.08 -33.25
N LEU B 624 5.28 -7.70 -32.43
CA LEU B 624 5.12 -7.61 -30.98
C LEU B 624 5.37 -6.19 -30.49
N CYS B 625 6.49 -5.60 -30.91
CA CYS B 625 6.88 -4.25 -30.49
C CYS B 625 6.50 -3.21 -31.54
N ASN B 626 5.41 -3.43 -32.27
CA ASN B 626 5.03 -2.52 -33.33
C ASN B 626 4.76 -1.13 -32.74
N PRO B 627 5.20 -0.05 -33.39
CA PRO B 627 4.95 1.28 -32.85
C PRO B 627 3.48 1.63 -32.75
N MET B 628 2.61 0.97 -33.52
CA MET B 628 1.20 1.33 -33.60
C MET B 628 0.32 0.24 -33.00
N ASN B 629 0.76 -0.37 -31.91
CA ASN B 629 -0.07 -1.36 -31.24
C ASN B 629 -1.32 -0.68 -30.69
N PRO B 630 -2.51 -1.22 -30.92
CA PRO B 630 -3.74 -0.54 -30.47
C PRO B 630 -4.05 -0.73 -28.99
N PHE B 631 -3.38 -1.66 -28.30
CA PHE B 631 -3.74 -1.99 -26.93
C PHE B 631 -3.18 -1.03 -25.91
N VAL B 632 -2.21 -0.19 -26.27
CA VAL B 632 -1.64 0.79 -25.37
C VAL B 632 -2.02 2.18 -25.85
N SER B 633 -2.11 3.12 -24.91
CA SER B 633 -2.51 4.48 -25.24
C SER B 633 -1.45 5.17 -26.08
N HIS B 634 -1.88 6.14 -26.88
CA HIS B 634 -0.99 6.93 -27.72
C HIS B 634 -1.17 8.40 -27.42
N LYS B 635 -0.07 9.14 -27.54
CA LYS B 635 -0.05 10.57 -27.24
C LYS B 635 0.20 11.35 -28.52
N GLU B 636 -0.67 12.32 -28.79
CA GLU B 636 -0.51 13.17 -29.96
C GLU B 636 0.68 14.11 -29.78
N ILE B 637 1.34 14.41 -30.89
CA ILE B 637 2.51 15.29 -30.87
C ILE B 637 2.12 16.66 -30.32
N SER B 654 -2.87 14.35 -37.59
CA SER B 654 -3.24 13.59 -36.40
C SER B 654 -2.15 12.58 -36.05
N MET B 655 -0.89 12.95 -36.30
CA MET B 655 0.21 12.06 -36.00
C MET B 655 0.32 11.83 -34.50
N GLU B 656 0.82 10.65 -34.14
CA GLU B 656 0.95 10.25 -32.74
C GLU B 656 2.33 9.67 -32.51
N TYR B 657 2.81 9.80 -31.26
CA TYR B 657 4.11 9.28 -30.90
C TYR B 657 4.15 7.77 -31.08
N ASP B 658 5.29 7.26 -31.53
CA ASP B 658 5.45 5.82 -31.70
C ASP B 658 5.49 5.13 -30.34
N ALA B 659 4.74 4.03 -30.22
CA ALA B 659 4.77 3.24 -29.00
C ALA B 659 6.03 2.39 -28.95
N VAL B 660 6.43 2.03 -27.74
CA VAL B 660 7.63 1.21 -27.55
C VAL B 660 7.25 -0.08 -26.82
N ALA B 661 6.20 -0.03 -26.01
CA ALA B 661 5.81 -1.15 -25.19
C ALA B 661 5.26 -2.29 -26.05
N THR B 662 5.46 -3.51 -25.57
CA THR B 662 4.90 -4.67 -26.23
C THR B 662 3.37 -4.64 -26.14
N THR B 663 2.73 -5.41 -27.01
CA THR B 663 1.27 -5.49 -27.00
C THR B 663 0.72 -6.13 -25.74
N HIS B 664 1.57 -6.78 -24.94
CA HIS B 664 1.15 -7.45 -23.73
C HIS B 664 0.95 -6.50 -22.55
N SER B 665 1.17 -5.19 -22.74
CA SER B 665 0.97 -4.20 -21.69
C SER B 665 -0.42 -3.59 -21.71
N TRP B 666 -1.42 -4.35 -22.14
CA TRP B 666 -2.77 -3.82 -22.29
C TRP B 666 -3.34 -3.40 -20.93
N ILE B 667 -4.44 -2.67 -21.00
CA ILE B 667 -5.14 -2.16 -19.82
C ILE B 667 -6.33 -3.08 -19.55
N PRO B 668 -6.45 -3.65 -18.34
CA PRO B 668 -7.58 -4.56 -18.07
C PRO B 668 -8.87 -3.81 -17.82
N LYS B 669 -9.97 -4.55 -17.90
CA LYS B 669 -11.29 -3.98 -17.67
C LYS B 669 -11.50 -3.77 -16.18
N ARG B 670 -11.69 -2.51 -15.78
CA ARG B 670 -11.97 -2.13 -14.41
C ARG B 670 -13.44 -1.73 -14.30
N ASN B 671 -14.10 -2.20 -13.25
CA ASN B 671 -15.50 -1.84 -13.00
C ASN B 671 -15.61 -1.11 -11.67
N ARG B 672 -16.56 -0.16 -11.63
CA ARG B 672 -16.78 0.63 -10.42
C ARG B 672 -18.27 0.76 -10.11
N SER B 673 -19.11 -0.08 -10.70
CA SER B 673 -20.55 0.01 -10.49
C SER B 673 -20.90 -0.32 -9.04
N ILE B 674 -21.93 0.35 -8.53
CA ILE B 674 -22.45 0.12 -7.19
C ILE B 674 -23.81 -0.52 -7.31
N LEU B 675 -24.03 -1.59 -6.55
CA LEU B 675 -25.28 -2.34 -6.63
C LEU B 675 -26.47 -1.42 -6.40
N ASN B 676 -27.35 -1.34 -7.41
CA ASN B 676 -28.57 -0.54 -7.32
C ASN B 676 -28.27 0.91 -6.98
N THR B 677 -27.41 1.54 -7.79
CA THR B 677 -27.02 2.92 -7.55
C THR B 677 -26.52 3.53 -8.84
N SER B 678 -26.88 4.80 -9.06
CA SER B 678 -26.43 5.56 -10.21
C SER B 678 -25.81 6.87 -9.75
N GLN B 679 -24.66 7.22 -10.32
CA GLN B 679 -23.90 8.40 -9.94
C GLN B 679 -23.46 9.18 -11.17
N ARG B 680 -24.34 9.32 -12.15
CA ARG B 680 -23.99 10.04 -13.37
C ARG B 680 -23.68 11.50 -13.08
N GLY B 681 -24.52 12.15 -12.26
CA GLY B 681 -24.33 13.56 -11.96
C GLY B 681 -23.05 13.84 -11.20
N ILE B 682 -22.52 12.84 -10.49
CA ILE B 682 -21.27 13.02 -9.76
C ILE B 682 -20.06 12.65 -10.63
N LEU B 683 -20.22 11.66 -11.52
CA LEU B 683 -19.12 11.26 -12.39
C LEU B 683 -18.92 12.21 -13.55
N GLU B 684 -19.94 13.00 -13.91
CA GLU B 684 -19.74 14.02 -14.94
C GLU B 684 -18.69 15.04 -14.49
N ASP B 685 -18.65 15.36 -13.20
CA ASP B 685 -17.63 16.26 -12.68
C ASP B 685 -16.24 15.70 -12.94
N GLU B 686 -16.05 14.40 -12.66
CA GLU B 686 -14.75 13.78 -12.90
C GLU B 686 -14.42 13.78 -14.38
N GLN B 687 -15.41 13.53 -15.24
CA GLN B 687 -15.17 13.55 -16.67
C GLN B 687 -14.71 14.93 -17.14
N MET B 688 -15.38 15.99 -16.68
CA MET B 688 -14.99 17.34 -17.06
C MET B 688 -13.59 17.66 -16.55
N TYR B 689 -13.30 17.27 -15.31
CA TYR B 689 -11.95 17.49 -14.77
C TYR B 689 -10.92 16.80 -15.64
N GLN B 690 -11.19 15.56 -16.04
CA GLN B 690 -10.22 14.81 -16.86
C GLN B 690 -10.03 15.48 -18.22
N LYS B 691 -11.12 15.94 -18.82
CA LYS B 691 -10.99 16.61 -20.12
C LYS B 691 -10.15 17.87 -20.01
N CYS B 692 -10.41 18.69 -18.99
CA CYS B 692 -9.63 19.91 -18.82
C CYS B 692 -8.16 19.59 -18.55
N CYS B 693 -7.89 18.58 -17.73
CA CYS B 693 -6.51 18.21 -17.43
C CYS B 693 -5.80 17.70 -18.68
N ASN B 694 -6.49 16.91 -19.51
CA ASN B 694 -5.89 16.45 -20.75
C ASN B 694 -5.57 17.61 -21.68
N LEU B 695 -6.48 18.57 -21.79
CA LEU B 695 -6.22 19.72 -22.65
C LEU B 695 -5.02 20.52 -22.14
N PHE B 696 -4.94 20.71 -20.81
CA PHE B 696 -3.79 21.42 -20.25
C PHE B 696 -2.49 20.67 -20.56
N GLU B 697 -2.48 19.36 -20.34
CA GLU B 697 -1.30 18.57 -20.67
C GLU B 697 -0.93 18.74 -22.13
N LYS B 698 -1.93 18.85 -22.99
CA LYS B 698 -1.66 19.13 -24.40
C LYS B 698 -0.95 20.48 -24.56
N PHE B 699 -1.40 21.49 -23.79
CA PHE B 699 -0.76 22.80 -23.87
C PHE B 699 0.63 22.79 -23.23
N PHE B 700 0.75 22.20 -22.06
CA PHE B 700 2.02 22.18 -21.33
C PHE B 700 2.62 20.78 -21.40
N PRO B 701 3.71 20.57 -22.14
CA PRO B 701 4.17 19.18 -22.37
C PRO B 701 4.71 18.50 -21.13
N SER B 702 5.26 19.24 -20.17
CA SER B 702 5.94 18.65 -19.03
C SER B 702 5.01 18.44 -17.83
N SER B 703 3.72 18.69 -17.97
CA SER B 703 2.82 18.54 -16.83
C SER B 703 2.82 17.11 -16.33
N SER B 704 2.78 16.13 -17.24
CA SER B 704 2.76 14.73 -16.81
C SER B 704 4.04 14.36 -16.08
N TYR B 705 5.19 14.81 -16.58
CA TYR B 705 6.47 14.43 -15.97
C TYR B 705 6.58 14.97 -14.56
N ARG B 706 6.36 16.27 -14.39
CA ARG B 706 6.46 16.92 -13.09
C ARG B 706 5.22 17.76 -12.84
N ARG B 707 4.78 17.79 -11.59
CA ARG B 707 3.57 18.52 -11.24
C ARG B 707 3.78 20.02 -11.48
N PRO B 708 2.87 20.69 -12.18
CA PRO B 708 3.00 22.13 -12.38
C PRO B 708 2.57 22.91 -11.14
N VAL B 709 3.07 24.15 -11.05
CA VAL B 709 2.72 25.05 -9.97
C VAL B 709 2.42 26.42 -10.55
N GLY B 710 1.61 27.18 -9.83
CA GLY B 710 1.23 28.51 -10.26
C GLY B 710 -0.12 28.90 -9.67
N ILE B 711 -0.30 30.20 -9.48
CA ILE B 711 -1.57 30.73 -8.96
C ILE B 711 -2.52 31.13 -10.08
N SER B 712 -2.03 31.29 -11.30
CA SER B 712 -2.88 31.70 -12.40
C SER B 712 -3.88 30.60 -12.74
N SER B 713 -5.03 31.02 -13.27
CA SER B 713 -6.04 30.05 -13.68
C SER B 713 -5.51 29.19 -14.82
N MET B 714 -6.17 28.06 -15.04
CA MET B 714 -5.79 27.18 -16.14
C MET B 714 -5.91 27.91 -17.47
N VAL B 715 -7.05 28.58 -17.70
CA VAL B 715 -7.29 29.22 -18.99
C VAL B 715 -6.29 30.34 -19.23
N GLU B 716 -6.02 31.15 -18.20
CA GLU B 716 -5.07 32.25 -18.37
C GLU B 716 -3.69 31.73 -18.74
N ALA B 717 -3.21 30.71 -18.02
CA ALA B 717 -1.90 30.15 -18.32
C ALA B 717 -1.87 29.57 -19.73
N MET B 718 -2.94 28.87 -20.12
CA MET B 718 -2.95 28.22 -21.42
C MET B 718 -2.97 29.24 -22.56
N VAL B 719 -3.77 30.29 -22.44
CA VAL B 719 -3.82 31.30 -23.49
C VAL B 719 -2.50 32.06 -23.54
N SER B 720 -1.90 32.35 -22.38
CA SER B 720 -0.60 33.01 -22.39
C SER B 720 0.45 32.13 -23.08
N ARG B 721 0.44 30.83 -22.78
CA ARG B 721 1.37 29.92 -23.43
C ARG B 721 1.13 29.89 -24.93
N ALA B 722 -0.13 29.87 -25.36
CA ALA B 722 -0.42 29.88 -26.80
C ALA B 722 0.11 31.14 -27.45
N ARG B 723 -0.10 32.29 -26.82
CA ARG B 723 0.38 33.55 -27.39
C ARG B 723 1.89 33.56 -27.52
N ILE B 724 2.59 33.16 -26.46
CA ILE B 724 4.06 33.18 -26.51
C ILE B 724 4.57 32.18 -27.54
N ASP B 725 3.92 31.01 -27.63
CA ASP B 725 4.33 30.02 -28.62
C ASP B 725 4.14 30.55 -30.03
N ALA B 726 3.00 31.21 -30.29
CA ALA B 726 2.79 31.78 -31.62
C ALA B 726 3.83 32.83 -31.94
N ARG B 727 4.11 33.72 -30.99
CA ARG B 727 5.13 34.75 -31.21
C ARG B 727 6.48 34.11 -31.52
N ILE B 728 6.88 33.11 -30.73
CA ILE B 728 8.20 32.50 -30.90
C ILE B 728 8.27 31.72 -32.20
N ASP B 729 7.18 31.03 -32.57
CA ASP B 729 7.16 30.30 -33.83
C ASP B 729 7.29 31.26 -35.01
N PHE B 730 6.61 32.41 -34.95
CA PHE B 730 6.79 33.40 -36.00
C PHE B 730 8.23 33.90 -36.04
N GLU B 731 8.82 34.17 -34.88
CA GLU B 731 10.20 34.66 -34.85
C GLU B 731 11.15 33.64 -35.46
N SER B 732 10.94 32.35 -35.18
CA SER B 732 11.73 31.30 -35.80
C SER B 732 11.32 31.06 -37.24
N GLY B 733 10.11 31.48 -37.62
CA GLY B 733 9.65 31.36 -38.99
C GLY B 733 8.87 30.10 -39.31
N ARG B 734 8.44 29.34 -38.31
CA ARG B 734 7.72 28.11 -38.59
C ARG B 734 6.30 28.37 -39.09
N ILE B 735 5.80 29.59 -38.93
CA ILE B 735 4.46 29.96 -39.39
C ILE B 735 4.54 31.32 -40.06
N LYS B 736 3.55 31.59 -40.91
CA LYS B 736 3.45 32.87 -41.61
C LYS B 736 2.44 33.77 -40.90
N LYS B 737 2.14 34.92 -41.52
CA LYS B 737 1.34 35.93 -40.84
C LYS B 737 -0.09 35.46 -40.60
N GLU B 738 -0.63 34.62 -41.48
CA GLU B 738 -2.05 34.27 -41.41
C GLU B 738 -2.35 33.47 -40.14
N GLU B 739 -1.57 32.43 -39.88
CA GLU B 739 -1.79 31.64 -38.67
C GLU B 739 -1.52 32.48 -37.42
N PHE B 740 -0.54 33.37 -37.46
CA PHE B 740 -0.35 34.32 -36.36
C PHE B 740 -1.63 35.10 -36.08
N ALA B 741 -2.19 35.72 -37.10
CA ALA B 741 -3.39 36.52 -36.90
C ALA B 741 -4.54 35.67 -36.39
N GLU B 742 -4.72 34.48 -36.96
CA GLU B 742 -5.81 33.61 -36.53
C GLU B 742 -5.65 33.21 -35.06
N ILE B 743 -4.43 32.82 -34.67
CA ILE B 743 -4.20 32.38 -33.30
C ILE B 743 -4.42 33.54 -32.34
N MET B 744 -3.94 34.73 -32.69
CA MET B 744 -4.13 35.88 -31.81
C MET B 744 -5.60 36.23 -31.69
N LYS B 745 -6.35 36.19 -32.79
CA LYS B 745 -7.77 36.50 -32.72
C LYS B 745 -8.53 35.47 -31.88
N ILE B 746 -8.22 34.18 -32.05
CA ILE B 746 -8.92 33.17 -31.27
C ILE B 746 -8.57 33.29 -29.79
N CYS B 747 -7.31 33.60 -29.48
CA CYS B 747 -6.93 33.83 -28.09
C CYS B 747 -7.64 35.06 -27.52
N SER B 748 -7.78 36.12 -28.32
CA SER B 748 -8.46 37.31 -27.84
C SER B 748 -9.93 37.02 -27.55
N THR B 749 -10.60 36.27 -28.42
CA THR B 749 -11.99 35.93 -28.14
C THR B 749 -12.11 34.98 -26.95
N ILE B 750 -11.15 34.07 -26.77
CA ILE B 750 -11.16 33.24 -25.58
C ILE B 750 -11.04 34.11 -24.34
N GLU B 751 -10.16 35.12 -24.41
CA GLU B 751 -9.90 36.07 -23.30
C GLU B 751 -11.20 36.81 -22.94
N GLU B 752 -11.85 37.43 -23.94
CA GLU B 752 -13.11 38.21 -23.73
C GLU B 752 -14.18 37.25 -23.21
N LEU B 753 -14.25 36.01 -23.74
CA LEU B 753 -15.25 35.00 -23.31
C LEU B 753 -15.10 34.83 -21.81
N ARG B 754 -13.90 34.46 -21.35
CA ARG B 754 -13.54 34.25 -19.93
C ARG B 754 -13.98 35.47 -19.13
N ARG B 755 -13.53 36.66 -19.56
CA ARG B 755 -13.76 37.96 -18.87
C ARG B 755 -15.25 38.23 -18.63
N GLN B 756 -16.10 37.96 -19.63
CA GLN B 756 -17.55 38.29 -19.54
C GLN B 756 -18.36 37.11 -18.96
N MET C 1 -2.74 25.60 -33.29
CA MET C 1 -4.00 25.90 -34.05
C MET C 1 -5.12 24.98 -33.61
N GLU C 2 -4.91 23.66 -33.72
CA GLU C 2 -5.92 22.72 -33.28
C GLU C 2 -6.14 22.79 -31.77
N ARG C 3 -5.06 22.94 -31.00
CA ARG C 3 -5.17 22.95 -29.55
C ARG C 3 -5.92 24.18 -29.07
N ILE C 4 -5.66 25.34 -29.66
CA ILE C 4 -6.35 26.56 -29.23
C ILE C 4 -7.82 26.49 -29.61
N LYS C 5 -8.13 25.89 -30.77
CA LYS C 5 -9.53 25.69 -31.14
C LYS C 5 -10.22 24.76 -30.16
N GLU C 6 -9.55 23.69 -29.74
CA GLU C 6 -10.11 22.80 -28.73
C GLU C 6 -10.35 23.54 -27.42
N LEU C 7 -9.41 24.40 -27.03
CA LEU C 7 -9.58 25.19 -25.81
C LEU C 7 -10.79 26.11 -25.93
N ARG C 8 -10.97 26.74 -27.10
CA ARG C 8 -12.14 27.58 -27.30
C ARG C 8 -13.43 26.76 -27.20
N ASP C 9 -13.43 25.57 -27.80
CA ASP C 9 -14.61 24.71 -27.72
C ASP C 9 -14.92 24.36 -26.27
N LEU C 10 -13.89 24.03 -25.49
CA LEU C 10 -14.10 23.70 -24.08
C LEU C 10 -14.62 24.91 -23.31
N MET C 11 -14.07 26.10 -23.61
CA MET C 11 -14.53 27.32 -22.96
C MET C 11 -15.95 27.69 -23.35
N SER C 12 -16.43 27.21 -24.49
CA SER C 12 -17.78 27.54 -24.93
C SER C 12 -18.82 27.06 -23.90
N GLN C 13 -18.63 25.86 -23.36
CA GLN C 13 -19.55 25.33 -22.38
C GLN C 13 -19.55 26.18 -21.12
N SER C 14 -20.51 25.90 -20.23
CA SER C 14 -20.65 26.64 -18.99
C SER C 14 -19.89 25.97 -17.85
N ARG C 15 -20.18 24.69 -17.60
CA ARG C 15 -19.50 23.98 -16.52
C ARG C 15 -18.00 23.89 -16.79
N THR C 16 -17.63 23.59 -18.03
CA THR C 16 -16.20 23.54 -18.37
C THR C 16 -15.56 24.91 -18.21
N ARG C 17 -16.27 25.97 -18.59
CA ARG C 17 -15.73 27.32 -18.40
C ARG C 17 -15.50 27.61 -16.93
N GLU C 18 -16.45 27.23 -16.07
CA GLU C 18 -16.29 27.44 -14.64
C GLU C 18 -15.10 26.65 -14.11
N ILE C 19 -14.96 25.40 -14.56
CA ILE C 19 -13.83 24.57 -14.11
C ILE C 19 -12.52 25.21 -14.51
N LEU C 20 -12.44 25.71 -15.75
CA LEU C 20 -11.18 26.26 -16.25
C LEU C 20 -10.86 27.61 -15.64
N THR C 21 -11.87 28.37 -15.24
CA THR C 21 -11.64 29.71 -14.68
C THR C 21 -11.38 29.68 -13.19
N LYS C 22 -12.14 28.89 -12.43
CA LYS C 22 -12.06 28.89 -10.99
C LYS C 22 -11.02 27.93 -10.43
N THR C 23 -10.28 27.23 -11.29
CA THR C 23 -9.27 26.27 -10.87
C THR C 23 -7.89 26.80 -11.27
N THR C 24 -6.99 26.86 -10.30
CA THR C 24 -5.63 27.31 -10.56
C THR C 24 -4.78 26.14 -11.04
N VAL C 25 -3.57 26.47 -11.53
CA VAL C 25 -2.69 25.43 -12.05
C VAL C 25 -2.31 24.45 -10.95
N ASP C 26 -2.13 24.97 -9.72
CA ASP C 26 -1.82 24.08 -8.60
C ASP C 26 -2.95 23.08 -8.38
N HIS C 27 -4.19 23.58 -8.29
CA HIS C 27 -5.33 22.70 -8.06
C HIS C 27 -5.56 21.73 -9.20
N MET C 28 -4.93 21.95 -10.35
CA MET C 28 -4.97 20.95 -11.41
C MET C 28 -4.48 19.60 -10.92
N ALA C 29 -3.54 19.60 -9.97
CA ALA C 29 -3.09 18.35 -9.39
C ALA C 29 -4.20 17.67 -8.59
N ILE C 30 -4.99 18.46 -7.86
CA ILE C 30 -6.06 17.89 -7.05
C ILE C 30 -7.13 17.26 -7.93
N ILE C 31 -7.58 18.00 -8.96
CA ILE C 31 -8.66 17.50 -9.79
C ILE C 31 -8.18 16.42 -10.76
N LYS C 32 -6.89 16.36 -11.05
CA LYS C 32 -6.37 15.28 -11.88
C LYS C 32 -6.61 13.93 -11.22
N LYS C 33 -6.38 13.85 -9.92
CA LYS C 33 -6.58 12.62 -9.16
C LYS C 33 -8.02 12.41 -8.71
N TYR C 34 -8.88 13.42 -8.88
CA TYR C 34 -10.27 13.29 -8.47
C TYR C 34 -10.87 12.05 -9.10
N THR C 35 -11.36 11.15 -8.25
CA THR C 35 -11.94 9.89 -8.69
C THR C 35 -13.25 9.64 -7.95
N SER C 36 -14.23 9.14 -8.69
CA SER C 36 -15.53 8.78 -8.13
C SER C 36 -15.80 7.31 -8.41
N GLY C 37 -16.71 6.74 -7.63
CA GLY C 37 -17.05 5.33 -7.76
C GLY C 37 -16.23 4.44 -6.86
N ARG C 38 -16.43 3.14 -7.05
CA ARG C 38 -15.77 2.15 -6.21
C ARG C 38 -14.33 1.92 -6.63
N GLN C 39 -13.50 1.55 -5.67
CA GLN C 39 -12.14 1.10 -5.91
C GLN C 39 -12.08 -0.41 -5.68
N GLU C 40 -11.49 -1.13 -6.64
CA GLU C 40 -11.43 -2.58 -6.58
C GLU C 40 -10.14 -3.00 -5.88
N LYS C 41 -10.27 -3.81 -4.83
CA LYS C 41 -9.14 -4.35 -4.11
C LYS C 41 -8.78 -5.73 -4.63
N ASN C 42 -7.62 -6.23 -4.19
CA ASN C 42 -7.14 -7.54 -4.59
C ASN C 42 -7.02 -7.62 -6.11
N PRO C 43 -6.09 -6.88 -6.72
CA PRO C 43 -5.91 -7.00 -8.18
C PRO C 43 -5.62 -8.42 -8.63
N ALA C 44 -4.89 -9.19 -7.81
CA ALA C 44 -4.56 -10.56 -8.19
C ALA C 44 -5.82 -11.40 -8.36
N LEU C 45 -6.73 -11.34 -7.38
CA LEU C 45 -7.96 -12.11 -7.47
C LEU C 45 -8.83 -11.66 -8.64
N ARG C 46 -8.93 -10.34 -8.82
CA ARG C 46 -9.75 -9.80 -9.90
C ARG C 46 -9.22 -10.27 -11.26
N MET C 47 -7.90 -10.23 -11.45
CA MET C 47 -7.33 -10.75 -12.69
C MET C 47 -7.56 -12.25 -12.80
N LYS C 48 -7.46 -12.97 -11.68
CA LYS C 48 -7.59 -14.42 -11.71
C LYS C 48 -8.97 -14.82 -12.23
N TRP C 49 -10.02 -14.18 -11.72
CA TRP C 49 -11.37 -14.58 -12.11
C TRP C 49 -11.88 -13.86 -13.36
N MET C 50 -11.32 -12.69 -13.69
CA MET C 50 -11.81 -11.94 -14.84
C MET C 50 -11.36 -12.58 -16.15
N MET C 51 -10.11 -13.03 -16.22
CA MET C 51 -9.56 -13.50 -17.49
C MET C 51 -10.38 -14.65 -18.07
N ALA C 52 -11.09 -15.40 -17.22
CA ALA C 52 -11.98 -16.44 -17.73
C ALA C 52 -13.13 -15.84 -18.54
N MET C 53 -13.45 -14.57 -18.33
CA MET C 53 -14.49 -13.92 -19.13
C MET C 53 -14.01 -13.75 -20.57
N LYS C 54 -14.96 -13.44 -21.45
CA LYS C 54 -14.65 -13.34 -22.86
C LYS C 54 -13.73 -12.16 -23.15
N TYR C 55 -14.08 -10.97 -22.66
CA TYR C 55 -13.41 -9.72 -23.01
C TYR C 55 -12.94 -9.03 -21.73
N PRO C 56 -11.73 -9.32 -21.24
CA PRO C 56 -11.20 -8.64 -20.05
C PRO C 56 -10.34 -7.41 -20.31
N ILE C 57 -10.11 -7.04 -21.56
CA ILE C 57 -9.23 -5.92 -21.90
C ILE C 57 -10.07 -4.78 -22.45
N THR C 58 -9.58 -3.56 -22.29
CA THR C 58 -10.18 -2.38 -22.89
C THR C 58 -9.17 -1.74 -23.83
N ALA C 59 -9.60 -1.44 -25.05
CA ALA C 59 -8.73 -0.82 -26.04
C ALA C 59 -9.45 0.36 -26.67
N ASP C 60 -8.68 1.22 -27.33
CA ASP C 60 -9.28 2.33 -28.06
C ASP C 60 -10.09 1.81 -29.25
N LYS C 61 -11.05 2.63 -29.67
CA LYS C 61 -11.89 2.24 -30.81
C LYS C 61 -11.07 2.03 -32.08
N ARG C 62 -9.87 2.58 -32.15
CA ARG C 62 -9.05 2.39 -33.34
C ARG C 62 -8.83 0.91 -33.64
N ILE C 63 -8.83 0.07 -32.60
CA ILE C 63 -8.59 -1.36 -32.81
C ILE C 63 -9.63 -1.95 -33.75
N MET C 64 -10.82 -1.35 -33.82
CA MET C 64 -11.85 -1.87 -34.72
C MET C 64 -11.42 -1.81 -36.19
N GLU C 65 -10.47 -0.95 -36.53
CA GLU C 65 -10.09 -0.75 -37.92
C GLU C 65 -9.02 -1.73 -38.40
N MET C 66 -8.36 -2.46 -37.51
CA MET C 66 -7.38 -3.46 -37.91
C MET C 66 -7.75 -4.86 -37.45
N ILE C 67 -8.12 -5.02 -36.19
CA ILE C 67 -8.43 -6.35 -35.65
C ILE C 67 -9.80 -6.78 -36.17
N PRO C 68 -9.89 -7.90 -36.88
CA PRO C 68 -11.22 -8.39 -37.27
C PRO C 68 -12.01 -8.86 -36.06
N GLU C 69 -13.34 -8.82 -36.19
CA GLU C 69 -14.20 -9.22 -35.09
C GLU C 69 -14.03 -10.70 -34.76
N ARG C 70 -13.69 -11.51 -35.77
CA ARG C 70 -13.50 -12.94 -35.59
C ARG C 70 -12.29 -13.40 -36.39
N ASN C 71 -11.77 -14.56 -36.02
CA ASN C 71 -10.68 -15.22 -36.75
C ASN C 71 -11.24 -16.40 -37.53
N GLU C 72 -10.34 -17.14 -38.18
CA GLU C 72 -10.77 -18.24 -39.04
C GLU C 72 -11.65 -19.23 -38.30
N GLN C 73 -11.43 -19.41 -36.99
CA GLN C 73 -12.26 -20.30 -36.18
C GLN C 73 -13.46 -19.59 -35.56
N ARG C 74 -13.87 -18.46 -36.12
CA ARG C 74 -15.08 -17.75 -35.71
C ARG C 74 -15.05 -17.33 -34.25
N GLN C 75 -13.87 -17.26 -33.65
CA GLN C 75 -13.75 -16.87 -32.24
C GLN C 75 -13.75 -15.35 -32.15
N THR C 76 -14.74 -14.79 -31.45
CA THR C 76 -14.83 -13.35 -31.33
C THR C 76 -13.60 -12.79 -30.60
N LEU C 77 -13.04 -11.72 -31.15
CA LEU C 77 -11.88 -11.06 -30.56
C LEU C 77 -12.30 -9.86 -29.71
N TRP C 78 -13.01 -8.91 -30.31
CA TRP C 78 -13.53 -7.75 -29.60
C TRP C 78 -15.03 -7.64 -29.85
N SER C 79 -15.71 -7.01 -28.91
CA SER C 79 -17.15 -6.78 -29.01
C SER C 79 -17.46 -5.33 -28.72
N LYS C 80 -18.50 -4.82 -29.37
CA LYS C 80 -18.93 -3.45 -29.13
C LYS C 80 -19.33 -3.29 -27.67
N THR C 81 -18.95 -2.15 -27.09
CA THR C 81 -19.19 -1.88 -25.67
C THR C 81 -20.39 -0.98 -25.49
N ASN C 82 -21.21 -1.30 -24.50
CA ASN C 82 -22.36 -0.48 -24.15
C ASN C 82 -22.09 0.44 -22.97
N ASP C 83 -21.21 0.05 -22.05
CA ASP C 83 -20.84 0.87 -20.91
C ASP C 83 -19.53 1.61 -21.18
N ALA C 84 -19.56 2.49 -22.17
CA ALA C 84 -18.39 3.27 -22.55
C ALA C 84 -18.85 4.51 -23.31
N GLY C 85 -17.96 5.48 -23.38
CA GLY C 85 -18.27 6.74 -24.05
C GLY C 85 -17.88 6.73 -25.52
N SER C 86 -18.04 5.58 -26.18
CA SER C 86 -17.77 5.40 -27.60
C SER C 86 -16.29 5.43 -27.94
N ASP C 87 -15.42 5.67 -26.95
CA ASP C 87 -13.99 5.76 -27.20
C ASP C 87 -13.24 4.48 -26.84
N ARG C 88 -13.90 3.52 -26.19
CA ARG C 88 -13.27 2.27 -25.79
C ARG C 88 -14.01 1.10 -26.42
N VAL C 89 -13.46 -0.09 -26.22
CA VAL C 89 -14.06 -1.31 -26.76
C VAL C 89 -13.47 -2.49 -25.99
N MET C 90 -14.32 -3.47 -25.69
CA MET C 90 -13.87 -4.68 -25.05
C MET C 90 -13.05 -5.53 -26.01
N VAL C 91 -11.98 -6.12 -25.49
CA VAL C 91 -11.02 -6.89 -26.28
C VAL C 91 -10.63 -8.12 -25.50
N SER C 92 -10.40 -9.22 -26.23
CA SER C 92 -10.00 -10.48 -25.66
C SER C 92 -8.53 -10.75 -25.94
N PRO C 93 -7.86 -11.57 -25.13
CA PRO C 93 -6.46 -11.92 -25.44
C PRO C 93 -6.31 -12.60 -26.78
N LEU C 94 -7.38 -13.21 -27.30
CA LEU C 94 -7.34 -13.68 -28.68
C LEU C 94 -6.92 -12.57 -29.62
N ALA C 95 -7.39 -11.35 -29.36
CA ALA C 95 -6.98 -10.20 -30.18
C ALA C 95 -5.48 -9.97 -30.08
N VAL C 96 -4.93 -10.06 -28.87
CA VAL C 96 -3.50 -9.83 -28.68
C VAL C 96 -2.71 -10.87 -29.46
N THR C 97 -3.10 -12.13 -29.35
CA THR C 97 -2.39 -13.18 -30.09
C THR C 97 -2.54 -13.00 -31.59
N TRP C 98 -3.73 -12.60 -32.05
CA TRP C 98 -3.93 -12.37 -33.48
C TRP C 98 -3.04 -11.24 -33.97
N TRP C 99 -2.90 -10.17 -33.19
CA TRP C 99 -2.01 -9.10 -33.59
C TRP C 99 -0.55 -9.58 -33.61
N ASN C 100 -0.17 -10.40 -32.63
CA ASN C 100 1.20 -10.87 -32.56
C ASN C 100 1.53 -11.83 -33.69
N ARG C 101 0.54 -12.55 -34.23
CA ARG C 101 0.81 -13.57 -35.24
C ARG C 101 0.42 -13.16 -36.66
N ASN C 102 -0.38 -12.10 -36.84
CA ASN C 102 -0.69 -11.59 -38.17
C ASN C 102 -0.70 -10.07 -38.25
N GLY C 103 -0.37 -9.36 -37.18
CA GLY C 103 -0.42 -7.92 -37.20
C GLY C 103 0.62 -7.34 -38.13
N PRO C 104 0.51 -6.04 -38.44
CA PRO C 104 1.51 -5.41 -39.31
C PRO C 104 2.91 -5.52 -38.70
N THR C 105 3.88 -5.79 -39.56
CA THR C 105 5.26 -5.98 -39.15
C THR C 105 6.13 -4.86 -39.69
N THR C 106 7.08 -4.40 -38.88
CA THR C 106 7.97 -3.32 -39.26
C THR C 106 9.38 -3.65 -38.80
N SER C 107 10.36 -3.07 -39.49
CA SER C 107 11.76 -3.29 -39.17
C SER C 107 12.29 -2.32 -38.12
N THR C 108 11.52 -1.30 -37.75
CA THR C 108 11.94 -0.29 -36.78
C THR C 108 11.18 -0.48 -35.48
N VAL C 109 11.92 -0.62 -34.38
CA VAL C 109 11.34 -0.77 -33.05
C VAL C 109 12.18 0.06 -32.08
N HIS C 110 11.50 0.74 -31.16
CA HIS C 110 12.17 1.61 -30.21
C HIS C 110 12.61 0.91 -28.94
N TYR C 111 12.26 -0.37 -28.77
CA TYR C 111 12.63 -1.07 -27.55
C TYR C 111 14.14 -1.11 -27.33
N PRO C 112 14.97 -1.48 -28.31
CA PRO C 112 16.41 -1.51 -28.06
C PRO C 112 17.01 -0.15 -27.72
N LYS C 113 16.33 0.94 -28.07
CA LYS C 113 16.84 2.28 -27.83
C LYS C 113 16.39 2.83 -26.48
N VAL C 114 15.11 2.66 -26.15
CA VAL C 114 14.59 3.19 -24.89
C VAL C 114 15.17 2.42 -23.71
N TYR C 115 15.25 1.10 -23.82
CA TYR C 115 15.66 0.23 -22.73
C TYR C 115 17.11 -0.23 -22.91
N LYS C 116 17.97 0.67 -23.38
CA LYS C 116 19.35 0.29 -23.67
C LYS C 116 20.07 -0.22 -22.43
N THR C 117 19.68 0.24 -21.24
CA THR C 117 20.34 -0.21 -20.02
C THR C 117 20.12 -1.71 -19.80
N TYR C 118 18.90 -2.20 -20.04
CA TYR C 118 18.63 -3.62 -19.87
C TYR C 118 19.39 -4.44 -20.90
N PHE C 119 19.52 -3.94 -22.13
CA PHE C 119 20.31 -4.65 -23.12
C PHE C 119 21.78 -4.66 -22.75
N GLU C 120 22.27 -3.59 -22.14
CA GLU C 120 23.63 -3.61 -21.60
C GLU C 120 23.77 -4.66 -20.52
N LYS C 121 22.75 -4.80 -19.66
CA LYS C 121 22.76 -5.86 -18.67
C LYS C 121 22.84 -7.23 -19.34
N VAL C 122 22.05 -7.43 -20.40
CA VAL C 122 22.05 -8.71 -21.10
C VAL C 122 23.44 -8.99 -21.67
N GLU C 123 24.04 -7.98 -22.30
CA GLU C 123 25.38 -8.17 -22.88
C GLU C 123 26.40 -8.47 -21.80
N ARG C 124 26.33 -7.79 -20.66
CA ARG C 124 27.25 -8.06 -19.57
C ARG C 124 27.10 -9.50 -19.08
N LEU C 125 25.86 -9.97 -18.94
CA LEU C 125 25.64 -11.34 -18.48
C LEU C 125 26.16 -12.34 -19.51
N LYS C 126 25.94 -12.08 -20.80
CA LYS C 126 26.26 -13.06 -21.82
C LYS C 126 27.75 -13.38 -21.86
N HIS C 127 28.60 -12.35 -21.76
CA HIS C 127 30.03 -12.53 -21.88
C HIS C 127 30.72 -12.79 -20.55
N GLY C 128 29.98 -12.86 -19.45
CA GLY C 128 30.59 -13.11 -18.17
C GLY C 128 31.22 -14.48 -18.09
N THR C 129 32.20 -14.61 -17.20
CA THR C 129 32.93 -15.86 -16.97
C THR C 129 32.58 -16.37 -15.58
N PHE C 130 32.26 -17.65 -15.49
CA PHE C 130 31.85 -18.28 -14.24
C PHE C 130 32.99 -19.11 -13.67
N GLY C 131 33.30 -18.89 -12.40
CA GLY C 131 34.31 -19.65 -11.71
C GLY C 131 33.71 -20.81 -10.94
N PRO C 132 34.44 -21.35 -9.98
CA PRO C 132 33.90 -22.41 -9.13
C PRO C 132 33.05 -21.81 -8.01
N VAL C 133 32.49 -22.69 -7.19
CA VAL C 133 31.68 -22.30 -6.04
C VAL C 133 32.32 -22.87 -4.78
N HIS C 134 32.54 -22.02 -3.80
CA HIS C 134 33.14 -22.40 -2.52
C HIS C 134 32.07 -22.43 -1.46
N PHE C 135 31.90 -23.58 -0.81
CA PHE C 135 30.94 -23.74 0.27
C PHE C 135 31.63 -23.37 1.57
N ARG C 136 31.56 -22.09 1.92
CA ARG C 136 32.19 -21.59 3.14
C ARG C 136 31.22 -20.69 3.87
N ASN C 137 31.39 -20.60 5.20
CA ASN C 137 30.54 -19.76 6.03
C ASN C 137 30.61 -18.32 5.55
N GLN C 138 29.50 -17.81 5.04
CA GLN C 138 29.46 -16.46 4.46
C GLN C 138 29.07 -15.44 5.53
N VAL C 139 29.83 -14.35 5.58
CA VAL C 139 29.54 -13.23 6.48
C VAL C 139 29.01 -12.08 5.64
N LYS C 140 27.83 -11.58 6.00
CA LYS C 140 27.15 -10.53 5.26
C LYS C 140 27.21 -9.24 6.04
N ILE C 141 27.63 -8.16 5.39
CA ILE C 141 27.65 -6.83 5.98
C ILE C 141 26.57 -6.01 5.30
N ARG C 142 25.68 -5.44 6.11
CA ARG C 142 24.59 -4.63 5.58
C ARG C 142 25.10 -3.21 5.37
N ARG C 143 25.27 -2.82 4.11
CA ARG C 143 25.78 -1.51 3.77
C ARG C 143 25.01 -0.94 2.60
N ARG C 144 25.19 0.36 2.35
CA ARG C 144 24.52 1.05 1.26
C ARG C 144 25.35 0.93 0.00
N VAL C 145 24.80 0.30 -1.03
CA VAL C 145 25.48 0.12 -2.31
C VAL C 145 24.63 0.77 -3.40
N ASP C 146 25.13 0.75 -4.63
CA ASP C 146 24.46 1.37 -5.77
C ASP C 146 23.89 0.27 -6.66
N ILE C 147 22.58 0.34 -6.91
CA ILE C 147 21.95 -0.61 -7.80
C ILE C 147 21.91 -0.08 -9.23
N ASN C 148 21.92 1.23 -9.40
CA ASN C 148 22.00 1.86 -10.72
C ASN C 148 23.24 2.74 -10.77
N PRO C 149 24.27 2.37 -11.53
CA PRO C 149 25.51 3.18 -11.50
C PRO C 149 25.29 4.62 -11.89
N GLY C 150 24.39 4.88 -12.85
CA GLY C 150 24.18 6.24 -13.29
C GLY C 150 25.41 6.78 -13.99
N HIS C 151 25.54 8.11 -13.96
CA HIS C 151 26.66 8.81 -14.57
C HIS C 151 27.64 9.22 -13.48
N ALA C 152 28.90 8.85 -13.64
CA ALA C 152 29.90 9.15 -12.61
C ALA C 152 30.06 10.65 -12.42
N ASP C 153 30.09 11.41 -13.51
CA ASP C 153 30.30 12.84 -13.43
C ASP C 153 29.05 13.60 -13.03
N LEU C 154 27.89 12.95 -13.01
CA LEU C 154 26.62 13.59 -12.72
C LEU C 154 26.06 13.05 -11.41
N SER C 155 25.58 13.95 -10.56
CA SER C 155 24.89 13.57 -9.34
C SER C 155 23.40 13.40 -9.63
N ALA C 156 22.64 13.04 -8.58
CA ALA C 156 21.20 12.84 -8.77
C ALA C 156 20.52 14.13 -9.20
N LYS C 157 20.73 15.22 -8.46
CA LYS C 157 20.09 16.48 -8.80
C LYS C 157 20.61 17.02 -10.13
N GLU C 158 21.91 16.91 -10.36
CA GLU C 158 22.46 17.34 -11.65
C GLU C 158 21.87 16.53 -12.80
N ALA C 159 21.72 15.21 -12.61
CA ALA C 159 21.12 14.38 -13.63
C ALA C 159 19.68 14.78 -13.90
N GLN C 160 18.92 15.06 -12.84
CA GLN C 160 17.54 15.48 -13.01
C GLN C 160 17.45 16.81 -13.76
N ASP C 161 18.33 17.75 -13.42
CA ASP C 161 18.35 19.03 -14.12
C ASP C 161 18.70 18.84 -15.59
N VAL C 162 19.67 17.98 -15.89
CA VAL C 162 20.03 17.70 -17.28
C VAL C 162 18.85 17.09 -18.03
N ILE C 163 18.14 16.17 -17.38
CA ILE C 163 16.99 15.54 -18.02
C ILE C 163 15.92 16.58 -18.32
N MET C 164 15.65 17.45 -17.36
CA MET C 164 14.65 18.49 -17.58
C MET C 164 15.06 19.40 -18.72
N GLU C 165 16.33 19.80 -18.76
CA GLU C 165 16.80 20.69 -19.83
C GLU C 165 16.69 20.01 -21.19
N VAL C 166 17.07 18.73 -21.27
CA VAL C 166 17.10 18.06 -22.57
C VAL C 166 15.69 17.80 -23.08
N VAL C 167 14.78 17.36 -22.20
CA VAL C 167 13.47 16.94 -22.65
C VAL C 167 12.51 18.13 -22.76
N PHE C 168 12.57 19.05 -21.80
CA PHE C 168 11.64 20.19 -21.74
C PHE C 168 12.45 21.47 -21.63
N PRO C 169 13.08 21.90 -22.73
CA PRO C 169 13.93 23.11 -22.65
C PRO C 169 13.18 24.36 -22.21
N ASN C 170 11.92 24.50 -22.61
CA ASN C 170 11.18 25.73 -22.36
C ASN C 170 10.55 25.79 -20.97
N GLU C 171 10.68 24.75 -20.16
CA GLU C 171 10.09 24.71 -18.82
C GLU C 171 11.14 24.37 -17.76
N VAL C 172 12.42 24.47 -18.10
CA VAL C 172 13.47 24.16 -17.12
C VAL C 172 13.29 25.00 -15.87
N GLY C 173 12.85 26.25 -16.04
CA GLY C 173 12.62 27.14 -14.92
C GLY C 173 13.82 28.02 -14.63
N ALA C 174 14.04 28.34 -13.36
CA ALA C 174 15.18 29.16 -12.97
C ALA C 174 16.47 28.37 -12.90
N ARG C 175 16.42 27.04 -12.97
CA ARG C 175 17.63 26.24 -12.86
C ARG C 175 18.59 26.57 -14.00
N ILE C 176 19.88 26.61 -13.66
CA ILE C 176 20.94 26.86 -14.63
C ILE C 176 21.98 25.76 -14.51
N LEU C 177 22.34 25.15 -15.63
CA LEU C 177 23.37 24.13 -15.63
C LEU C 177 24.72 24.78 -15.36
N THR C 178 25.46 24.23 -14.40
CA THR C 178 26.73 24.81 -13.95
C THR C 178 27.94 23.98 -14.37
N SER C 179 27.95 22.69 -14.08
CA SER C 179 29.11 21.86 -14.38
C SER C 179 29.31 21.77 -15.89
N GLU C 180 30.58 21.73 -16.30
CA GLU C 180 30.89 21.53 -17.72
C GLU C 180 30.40 20.16 -18.18
N SER C 181 30.57 19.14 -17.34
CA SER C 181 30.06 17.81 -17.69
C SER C 181 28.56 17.85 -17.93
N GLN C 182 27.84 18.66 -17.15
CA GLN C 182 26.41 18.81 -17.38
C GLN C 182 26.12 19.32 -18.79
N LEU C 183 26.84 20.35 -19.21
CA LEU C 183 26.63 20.92 -20.54
C LEU C 183 26.99 19.92 -21.63
N THR C 184 28.11 19.21 -21.46
CA THR C 184 28.51 18.23 -22.46
C THR C 184 27.46 17.13 -22.60
N ILE C 185 26.98 16.62 -21.46
CA ILE C 185 25.96 15.57 -21.52
C ILE C 185 24.68 16.12 -22.14
N THR C 186 24.30 17.36 -21.79
CA THR C 186 23.08 17.93 -22.33
C THR C 186 23.15 18.05 -23.84
N LYS C 187 24.26 18.59 -24.37
CA LYS C 187 24.36 18.74 -25.82
C LYS C 187 24.47 17.39 -26.51
N GLU C 188 25.17 16.42 -25.90
CA GLU C 188 25.23 15.10 -26.50
C GLU C 188 23.86 14.47 -26.60
N LYS C 189 23.08 14.53 -25.51
CA LYS C 189 21.74 13.96 -25.52
C LYS C 189 20.84 14.70 -26.50
N LYS C 190 20.96 16.03 -26.57
CA LYS C 190 20.20 16.79 -27.56
C LYS C 190 20.51 16.29 -28.96
N LYS C 191 21.80 16.13 -29.28
CA LYS C 191 22.18 15.65 -30.60
C LYS C 191 21.62 14.27 -30.88
N GLU C 192 21.66 13.37 -29.89
CA GLU C 192 21.20 12.00 -30.10
C GLU C 192 19.68 11.93 -30.19
N LEU C 193 18.96 12.88 -29.59
CA LEU C 193 17.52 12.83 -29.51
C LEU C 193 16.82 13.69 -30.56
N GLN C 194 17.55 14.22 -31.53
CA GLN C 194 16.92 15.02 -32.57
C GLN C 194 16.01 14.15 -33.43
N ASP C 195 14.83 14.68 -33.74
CA ASP C 195 13.87 14.02 -34.64
C ASP C 195 13.34 12.71 -34.06
N CYS C 196 13.49 12.51 -32.74
CA CYS C 196 13.00 11.29 -32.13
C CYS C 196 11.48 11.22 -32.19
N LYS C 197 10.96 10.01 -32.36
CA LYS C 197 9.54 9.78 -32.52
C LYS C 197 8.87 9.29 -31.23
N ILE C 198 9.56 9.37 -30.10
CA ILE C 198 9.04 8.88 -28.83
C ILE C 198 8.48 10.06 -28.05
N ALA C 199 7.55 9.76 -27.14
CA ALA C 199 6.94 10.80 -26.33
C ALA C 199 7.99 11.43 -25.42
N PRO C 200 7.85 12.73 -25.11
CA PRO C 200 8.87 13.37 -24.26
C PRO C 200 8.96 12.74 -22.89
N LEU C 201 7.83 12.33 -22.31
CA LEU C 201 7.87 11.73 -20.98
C LEU C 201 8.68 10.44 -20.97
N MET C 202 8.49 9.60 -21.98
CA MET C 202 9.19 8.32 -22.03
C MET C 202 10.68 8.54 -22.27
N VAL C 203 11.04 9.53 -23.10
CA VAL C 203 12.44 9.89 -23.28
C VAL C 203 13.04 10.36 -21.96
N ALA C 204 12.29 11.16 -21.21
CA ALA C 204 12.75 11.60 -19.91
C ALA C 204 12.99 10.42 -18.99
N TYR C 205 12.09 9.43 -19.02
CA TYR C 205 12.25 8.27 -18.15
C TYR C 205 13.47 7.44 -18.53
N MET C 206 13.71 7.24 -19.84
CA MET C 206 14.90 6.47 -20.21
C MET C 206 16.17 7.24 -19.85
N LEU C 207 16.14 8.57 -19.99
CA LEU C 207 17.29 9.36 -19.55
C LEU C 207 17.48 9.23 -18.05
N GLU C 208 16.39 9.21 -17.29
CA GLU C 208 16.49 8.99 -15.85
C GLU C 208 17.16 7.65 -15.55
N ARG C 209 16.76 6.61 -16.26
CA ARG C 209 17.37 5.30 -16.08
C ARG C 209 18.86 5.35 -16.40
N GLU C 210 19.23 6.05 -17.48
CA GLU C 210 20.62 6.04 -17.93
C GLU C 210 21.52 6.92 -17.05
N LEU C 211 20.97 7.95 -16.41
CA LEU C 211 21.78 8.96 -15.74
C LEU C 211 21.65 8.92 -14.23
N VAL C 212 20.43 9.00 -13.70
CA VAL C 212 20.26 9.13 -12.26
C VAL C 212 20.82 7.90 -11.56
N ARG C 213 21.39 8.11 -10.37
CA ARG C 213 22.03 7.05 -9.61
C ARG C 213 21.13 6.66 -8.44
N LYS C 214 20.89 5.36 -8.29
CA LYS C 214 20.01 4.83 -7.25
C LYS C 214 20.82 3.95 -6.32
N THR C 215 20.64 4.15 -5.01
CA THR C 215 21.38 3.44 -3.99
C THR C 215 20.42 2.83 -2.99
N ARG C 216 20.73 1.60 -2.56
CA ARG C 216 19.89 0.87 -1.63
C ARG C 216 20.76 0.18 -0.59
N PHE C 217 20.14 -0.11 0.56
CA PHE C 217 20.82 -0.76 1.67
C PHE C 217 20.67 -2.28 1.52
N LEU C 218 21.76 -2.96 1.23
CA LEU C 218 21.74 -4.40 0.97
C LEU C 218 22.78 -5.11 1.82
N PRO C 219 22.55 -6.39 2.12
CA PRO C 219 23.61 -7.21 2.73
C PRO C 219 24.53 -7.77 1.67
N VAL C 220 25.76 -7.26 1.62
CA VAL C 220 26.73 -7.65 0.62
C VAL C 220 27.92 -8.31 1.30
N ALA C 221 28.68 -9.06 0.50
CA ALA C 221 29.91 -9.69 0.96
C ALA C 221 30.79 -9.90 -0.27
N GLY C 222 31.77 -9.03 -0.44
CA GLY C 222 32.66 -9.12 -1.59
C GLY C 222 32.64 -7.88 -2.47
N GLY C 223 32.13 -8.02 -3.69
CA GLY C 223 32.08 -6.89 -4.59
C GLY C 223 31.11 -5.82 -4.13
N THR C 224 31.36 -4.60 -4.56
CA THR C 224 30.52 -3.45 -4.21
C THR C 224 30.09 -2.61 -5.39
N SER C 225 30.73 -2.75 -6.56
CA SER C 225 30.35 -1.97 -7.71
C SER C 225 28.97 -2.39 -8.22
N SER C 226 28.39 -1.54 -9.08
CA SER C 226 27.06 -1.82 -9.59
C SER C 226 27.03 -3.11 -10.39
N VAL C 227 28.06 -3.35 -11.20
CA VAL C 227 28.10 -4.56 -12.02
C VAL C 227 28.03 -5.82 -11.17
N TYR C 228 28.44 -5.74 -9.90
CA TYR C 228 28.37 -6.88 -9.00
C TYR C 228 27.09 -6.94 -8.20
N ILE C 229 26.54 -5.79 -7.81
CA ILE C 229 25.32 -5.79 -7.02
C ILE C 229 24.15 -6.35 -7.82
N GLU C 230 24.04 -5.96 -9.09
CA GLU C 230 22.94 -6.46 -9.91
C GLU C 230 22.93 -7.98 -9.97
N VAL C 231 24.11 -8.60 -9.89
CA VAL C 231 24.25 -10.05 -9.94
C VAL C 231 24.40 -10.65 -8.54
N LEU C 232 24.24 -9.83 -7.50
CA LEU C 232 24.46 -10.31 -6.14
C LEU C 232 23.65 -11.57 -5.84
N HIS C 233 22.44 -11.67 -6.40
CA HIS C 233 21.60 -12.83 -6.14
C HIS C 233 22.27 -14.12 -6.59
N LEU C 234 23.14 -14.04 -7.60
CA LEU C 234 23.74 -15.22 -8.21
C LEU C 234 25.13 -15.53 -7.68
N THR C 235 25.86 -14.53 -7.19
CA THR C 235 27.25 -14.71 -6.77
C THR C 235 27.42 -14.69 -5.25
N GLN C 236 26.34 -14.60 -4.50
CA GLN C 236 26.43 -14.54 -3.04
C GLN C 236 25.35 -15.42 -2.43
N GLY C 237 25.73 -16.23 -1.45
CA GLY C 237 24.80 -17.11 -0.77
C GLY C 237 25.15 -17.22 0.70
N THR C 238 24.18 -17.71 1.47
CA THR C 238 24.36 -17.81 2.91
C THR C 238 25.46 -18.80 3.26
N CYS C 239 25.72 -19.78 2.40
CA CYS C 239 26.78 -20.76 2.64
C CYS C 239 27.72 -20.93 1.46
N TRP C 240 27.36 -20.49 0.26
CA TRP C 240 28.16 -20.68 -0.93
C TRP C 240 28.52 -19.33 -1.53
N GLU C 241 29.73 -19.25 -2.08
CA GLU C 241 30.20 -18.09 -2.82
C GLU C 241 30.50 -18.52 -4.26
N GLN C 242 30.02 -17.74 -5.22
CA GLN C 242 30.19 -18.03 -6.63
C GLN C 242 31.08 -16.96 -7.25
N MET C 243 32.22 -17.37 -7.80
CA MET C 243 33.12 -16.43 -8.45
C MET C 243 32.57 -16.07 -9.83
N TYR C 244 32.55 -14.78 -10.13
CA TYR C 244 31.98 -14.30 -11.37
C TYR C 244 32.69 -13.03 -11.80
N THR C 245 32.83 -12.85 -13.12
CA THR C 245 33.46 -11.67 -13.70
C THR C 245 32.59 -11.18 -14.84
N PRO C 246 31.79 -10.14 -14.64
CA PRO C 246 30.92 -9.67 -15.73
C PRO C 246 31.73 -9.25 -16.95
N GLY C 247 31.13 -9.48 -18.12
CA GLY C 247 31.82 -9.19 -19.36
C GLY C 247 32.18 -7.73 -19.53
N GLY C 248 31.54 -6.84 -18.79
CA GLY C 248 31.84 -5.43 -18.91
C GLY C 248 33.22 -5.08 -18.39
N GLU C 249 33.69 -3.91 -18.79
CA GLU C 249 35.00 -3.43 -18.38
C GLU C 249 34.94 -2.72 -17.04
N SER F 7 15.78 -40.43 -10.75
CA SER F 7 16.62 -41.49 -10.22
C SER F 7 16.32 -41.73 -8.74
N TYR F 8 16.10 -40.65 -7.99
CA TYR F 8 15.86 -40.74 -6.56
C TYR F 8 14.40 -41.14 -6.32
N SER F 9 14.20 -42.31 -5.73
CA SER F 9 12.88 -42.79 -5.37
C SER F 9 12.70 -42.65 -3.87
N PRO F 10 11.82 -41.77 -3.38
CA PRO F 10 11.68 -41.59 -1.94
C PRO F 10 11.27 -42.89 -1.25
N THR F 11 11.75 -43.07 -0.02
CA THR F 11 11.46 -44.26 0.76
C THR F 11 11.30 -43.89 2.23
N PRO F 13 11.21 -45.75 6.13
CA PRO F 13 11.26 -46.97 6.96
C PRO F 13 9.93 -47.30 7.62
N SER F 14 9.08 -46.30 7.81
CA SER F 14 7.77 -46.50 8.42
C SER F 14 6.75 -47.05 7.45
N TYR F 15 7.06 -47.15 6.16
CA TYR F 15 6.14 -47.69 5.18
C TYR F 15 6.15 -49.21 5.22
N SER F 21 -3.36 -51.92 3.35
CA SER F 21 -3.79 -52.78 2.26
C SER F 21 -4.78 -52.06 1.35
N TYR F 22 -4.69 -52.33 0.05
CA TYR F 22 -5.62 -51.89 -0.97
C TYR F 22 -5.78 -50.37 -1.03
N SER F 23 -4.95 -49.61 -0.31
CA SER F 23 -4.96 -48.15 -0.44
C SER F 23 -6.37 -47.60 -0.28
N PRO F 24 -6.91 -47.54 0.95
CA PRO F 24 -8.32 -47.15 1.10
C PRO F 24 -8.68 -45.81 0.48
N THR F 25 -7.70 -44.96 0.22
CA THR F 25 -7.97 -43.66 -0.41
C THR F 25 -8.05 -43.82 -1.92
N PRO F 27 -8.11 -47.08 -4.02
CA PRO F 27 -8.11 -48.53 -4.25
C PRO F 27 -8.29 -48.91 -5.72
N SER F 28 -8.16 -50.19 -6.01
CA SER F 28 -8.38 -50.73 -7.35
C SER F 28 -9.70 -51.47 -7.35
N TYR F 29 -10.55 -51.17 -8.34
CA TYR F 29 -11.88 -51.76 -8.41
C TYR F 29 -12.25 -52.25 -9.81
N SER F 30 -11.39 -52.07 -10.80
CA SER F 30 -11.74 -52.46 -12.17
C SER F 30 -11.93 -53.96 -12.24
N PRO F 31 -13.04 -54.45 -12.83
CA PRO F 31 -13.26 -55.90 -12.91
C PRO F 31 -12.50 -56.55 -14.06
#